data_4CY8
#
_entry.id   4CY8
#
_cell.length_a   80.000
_cell.length_b   96.180
_cell.length_c   102.160
_cell.angle_alpha   114.09
_cell.angle_beta   95.80
_cell.angle_gamma   109.31
#
_symmetry.space_group_name_H-M   'P 1'
#
loop_
_entity.id
_entity.type
_entity.pdbx_description
1 polymer '2-HYDROXYBIPHENYL 3-MONOOXYGENASE'
2 non-polymer 'DIHYDROFLAVINE-ADENINE DINUCLEOTIDE'
3 water water
#
_entity_poly.entity_id   1
_entity_poly.type   'polypeptide(L)'
_entity_poly.pdbx_seq_one_letter_code
;MSNSAETDVLIVGAGPAGAMSATLLASLGIRSLMINRWRSTSPGPRSHIINQRTMEILRDIGLEESAKSLAVPKEYMGEH
VYATSLAGEEFGRIPAWASHPQAHAEHELASPSRYCDLPQLYFEPMVVSEAALRGADVRFLTEYLGHVEDQDGVTARLLD
HVSGAEYEVRAKYIIGADGAHSLVAQNAGLPFEGQMGIGDSGSINIEFSADLSSLCEHRKGDMYWMFRAGSGINGVGVAA
LRMIRPWNKWICVWGYEKSKGTPEITKEEAKKIIHEIIGTDEIPVEVGPISTWTINQQYAVRNTSGRVFCMGDAVHRHTP
MGGLGLNTSVQDAYNLAWKLALVLKGQAAPTLLDSYDAERSPVAKQIVERAFKSLSTFPPVFEALSLPPAPTESEMAEAL
VRLKDASEEGAKRRAALRKAMDATIIGLGGGHGVELNQRYVSRAVFPDGTPDPGFVRDQEFFYQASTRPGAHLPHVWLTE
NQRRISTLDLCGKGRFTLLTGLSGAAWKHEAEQVSQSLGIELKVCVIGPGQEFVDTYGEYAKISEIGESGALLVRPDMFI
AFRAKDASREGLEQLNVAVKSILGRA
;
_entity_poly.pdbx_strand_id   A,B,C,D
#
# COMPACT_ATOMS: atom_id res chain seq x y z
N SER A 4 -28.14 34.46 33.56
CA SER A 4 -29.20 34.01 32.58
C SER A 4 -28.74 33.93 31.09
N ALA A 5 -28.96 32.78 30.48
CA ALA A 5 -28.68 32.55 29.06
C ALA A 5 -29.95 32.07 28.39
N GLU A 6 -30.04 32.19 27.07
CA GLU A 6 -31.21 31.76 26.30
C GLU A 6 -30.72 30.96 25.09
N THR A 7 -31.41 29.87 24.75
CA THR A 7 -31.05 29.09 23.57
C THR A 7 -32.31 28.42 23.06
N ASP A 8 -32.29 27.84 21.88
CA ASP A 8 -33.43 27.04 21.40
C ASP A 8 -33.47 25.70 22.11
N VAL A 9 -32.34 25.00 22.12
CA VAL A 9 -32.25 23.68 22.74
C VAL A 9 -31.08 23.55 23.71
N LEU A 10 -31.35 23.07 24.92
CA LEU A 10 -30.32 22.75 25.86
C LEU A 10 -30.10 21.26 25.83
N ILE A 11 -28.83 20.87 25.69
CA ILE A 11 -28.47 19.47 25.53
C ILE A 11 -27.66 19.10 26.73
N VAL A 12 -28.21 18.23 27.57
CA VAL A 12 -27.50 17.84 28.74
C VAL A 12 -26.75 16.59 28.48
N GLY A 13 -25.43 16.74 28.33
CA GLY A 13 -24.53 15.60 28.09
C GLY A 13 -23.83 15.75 26.76
N ALA A 14 -22.56 15.36 26.72
CA ALA A 14 -21.73 15.50 25.53
C ALA A 14 -21.03 14.19 25.16
N GLY A 15 -21.65 13.07 25.49
CA GLY A 15 -21.31 11.79 24.85
C GLY A 15 -21.82 11.75 23.45
N PRO A 16 -21.76 10.57 22.83
CA PRO A 16 -22.17 10.39 21.44
C PRO A 16 -23.55 10.92 21.13
N ALA A 17 -24.54 10.68 22.00
CA ALA A 17 -25.92 11.18 21.72
C ALA A 17 -25.96 12.71 21.73
N GLY A 18 -25.40 13.32 22.78
CA GLY A 18 -25.52 14.77 22.90
C GLY A 18 -24.71 15.48 21.86
N ALA A 19 -23.50 14.98 21.60
CA ALA A 19 -22.62 15.66 20.70
C ALA A 19 -23.15 15.56 19.27
N MET A 20 -23.70 14.40 18.91
CA MET A 20 -24.33 14.28 17.60
C MET A 20 -25.57 15.20 17.47
N SER A 21 -26.36 15.28 18.54
CA SER A 21 -27.52 16.24 18.50
C SER A 21 -27.01 17.65 18.27
N ALA A 22 -25.98 18.06 19.01
CA ALA A 22 -25.48 19.43 18.84
C ALA A 22 -24.97 19.72 17.42
N THR A 23 -24.23 18.77 16.88
CA THR A 23 -23.68 18.91 15.56
C THR A 23 -24.80 19.03 14.53
N LEU A 24 -25.81 18.16 14.63
CA LEU A 24 -26.91 18.17 13.64
C LEU A 24 -27.74 19.43 13.79
N LEU A 25 -28.09 19.79 15.03
CA LEU A 25 -28.85 21.03 15.21
C LEU A 25 -28.11 22.25 14.66
N ALA A 26 -26.82 22.35 14.95
CA ALA A 26 -26.03 23.47 14.43
C ALA A 26 -25.97 23.48 12.90
N SER A 27 -25.82 22.30 12.29
CA SER A 27 -25.89 22.19 10.83
C SER A 27 -27.25 22.64 10.27
N LEU A 28 -28.32 22.49 11.03
CA LEU A 28 -29.65 22.86 10.60
C LEU A 28 -30.01 24.32 10.90
N GLY A 29 -29.07 25.08 11.44
CA GLY A 29 -29.31 26.47 11.82
C GLY A 29 -29.99 26.68 13.18
N ILE A 30 -29.91 25.73 14.10
CA ILE A 30 -30.61 25.85 15.37
C ILE A 30 -29.58 26.10 16.47
N ARG A 31 -29.91 27.01 17.38
CA ARG A 31 -29.02 27.43 18.46
C ARG A 31 -29.11 26.44 19.57
N SER A 32 -27.97 25.96 20.05
CA SER A 32 -28.00 25.01 21.11
C SER A 32 -26.88 25.28 22.05
N LEU A 33 -27.09 24.85 23.30
CA LEU A 33 -26.04 24.85 24.32
C LEU A 33 -25.87 23.43 24.81
N MET A 34 -24.68 22.89 24.63
CA MET A 34 -24.45 21.53 25.07
C MET A 34 -23.56 21.61 26.27
N ILE A 35 -23.95 20.95 27.36
CA ILE A 35 -23.12 20.94 28.55
C ILE A 35 -22.67 19.56 28.91
N ASN A 36 -21.56 19.52 29.64
CA ASN A 36 -21.04 18.30 30.24
C ASN A 36 -20.47 18.60 31.64
N ARG A 37 -20.81 17.78 32.64
CA ARG A 37 -20.36 17.91 34.05
C ARG A 37 -18.84 17.83 34.19
N TRP A 38 -18.19 16.98 33.40
CA TRP A 38 -16.77 16.71 33.57
C TRP A 38 -15.89 17.66 32.75
N ARG A 39 -14.61 17.54 32.96
CA ARG A 39 -13.56 18.41 32.39
C ARG A 39 -13.30 18.09 30.91
N SER A 40 -13.40 16.79 30.56
CA SER A 40 -12.98 16.27 29.25
C SER A 40 -14.04 15.34 28.62
N THR A 41 -13.75 14.91 27.39
CA THR A 41 -14.47 13.78 26.79
C THR A 41 -14.09 12.51 27.55
N SER A 42 -14.81 11.44 27.26
CA SER A 42 -14.63 10.17 27.94
C SER A 42 -13.25 9.58 27.73
N PRO A 43 -12.55 9.22 28.80
CA PRO A 43 -11.15 8.79 28.61
C PRO A 43 -10.99 7.29 28.40
N GLY A 44 -11.97 6.51 28.79
CA GLY A 44 -11.71 5.10 29.03
C GLY A 44 -11.70 4.30 27.75
N PRO A 45 -11.20 3.05 27.83
CA PRO A 45 -11.68 2.10 26.84
C PRO A 45 -13.18 1.88 27.16
N ARG A 46 -14.03 2.16 26.17
CA ARG A 46 -15.44 1.88 26.27
C ARG A 46 -15.78 1.34 24.89
N SER A 47 -16.66 2.02 24.17
CA SER A 47 -17.02 1.54 22.87
C SER A 47 -15.85 1.53 21.83
N HIS A 48 -15.96 0.63 20.88
CA HIS A 48 -15.08 0.68 19.79
C HIS A 48 -15.69 0.13 18.47
N ILE A 49 -16.84 -0.57 18.49
CA ILE A 49 -17.44 -1.09 17.26
C ILE A 49 -18.42 -0.05 16.75
N ILE A 50 -18.14 0.50 15.55
CA ILE A 50 -19.00 1.48 14.89
C ILE A 50 -19.67 0.78 13.76
N ASN A 51 -21.02 0.81 13.73
CA ASN A 51 -21.73 0.06 12.71
C ASN A 51 -22.10 0.95 11.49
N GLN A 52 -22.69 0.32 10.48
CA GLN A 52 -22.94 1.00 9.19
C GLN A 52 -23.89 2.20 9.31
N ARG A 53 -24.89 2.14 10.19
CA ARG A 53 -25.83 3.25 10.33
C ARG A 53 -25.12 4.43 10.90
N THR A 54 -24.25 4.23 11.88
CA THR A 54 -23.45 5.37 12.41
C THR A 54 -22.54 5.93 11.34
N MET A 55 -21.87 5.05 10.58
CA MET A 55 -20.97 5.52 9.57
C MET A 55 -21.72 6.27 8.45
N GLU A 56 -22.94 5.82 8.13
CA GLU A 56 -23.81 6.55 7.19
C GLU A 56 -24.17 7.97 7.68
N ILE A 57 -24.42 8.13 8.96
CA ILE A 57 -24.67 9.44 9.55
C ILE A 57 -23.46 10.36 9.45
N LEU A 58 -22.30 9.84 9.82
CA LEU A 58 -21.07 10.57 9.59
C LEU A 58 -20.85 10.91 8.13
N ARG A 59 -21.19 10.00 7.22
CA ARG A 59 -21.06 10.27 5.82
C ARG A 59 -21.97 11.43 5.40
N ASP A 60 -23.21 11.42 5.87
CA ASP A 60 -24.15 12.48 5.54
C ASP A 60 -23.65 13.86 5.97
N ILE A 61 -23.05 13.95 7.15
CA ILE A 61 -22.57 15.21 7.62
C ILE A 61 -21.11 15.50 7.26
N GLY A 62 -20.42 14.64 6.54
CA GLY A 62 -19.05 14.97 6.11
C GLY A 62 -17.90 14.60 7.06
N LEU A 63 -18.15 13.71 8.01
CA LEU A 63 -17.15 13.24 8.91
C LEU A 63 -16.71 11.76 8.69
N GLU A 64 -17.21 11.07 7.68
CA GLU A 64 -16.89 9.67 7.51
C GLU A 64 -15.38 9.47 7.20
N GLU A 65 -14.81 10.28 6.33
CA GLU A 65 -13.43 10.14 5.98
C GLU A 65 -12.51 10.42 7.18
N SER A 66 -12.85 11.38 8.03
CA SER A 66 -12.05 11.63 9.25
C SER A 66 -12.18 10.49 10.21
N ALA A 67 -13.40 9.93 10.34
CA ALA A 67 -13.58 8.72 11.17
C ALA A 67 -12.69 7.54 10.69
N LYS A 68 -12.68 7.31 9.37
CA LYS A 68 -11.88 6.24 8.81
C LYS A 68 -10.39 6.42 9.06
N SER A 69 -9.87 7.64 8.94
CA SER A 69 -8.45 7.89 9.22
C SER A 69 -8.04 7.62 10.66
N LEU A 70 -8.95 7.80 11.62
CA LEU A 70 -8.70 7.40 13.03
C LEU A 70 -8.95 5.93 13.36
N ALA A 71 -9.65 5.19 12.49
CA ALA A 71 -10.15 3.86 12.82
C ALA A 71 -9.30 2.76 12.22
N VAL A 72 -9.57 1.53 12.67
CA VAL A 72 -9.05 0.29 12.07
C VAL A 72 -10.15 -0.31 11.14
N PRO A 73 -9.82 -0.51 9.88
CA PRO A 73 -10.88 -1.05 9.02
C PRO A 73 -11.29 -2.47 9.35
N LYS A 74 -12.43 -2.84 8.77
CA LYS A 74 -13.06 -4.15 8.97
C LYS A 74 -12.19 -5.42 8.70
N GLU A 75 -11.34 -5.38 7.69
CA GLU A 75 -10.34 -6.46 7.41
C GLU A 75 -9.46 -6.84 8.65
N TYR A 76 -9.36 -5.98 9.66
CA TYR A 76 -8.55 -6.32 10.86
C TYR A 76 -9.40 -6.63 12.12
N MET A 77 -10.68 -6.90 11.93
CA MET A 77 -11.61 -7.11 13.07
C MET A 77 -12.15 -8.56 13.15
N GLY A 78 -11.92 -9.35 12.12
CA GLY A 78 -12.53 -10.70 12.02
C GLY A 78 -12.09 -11.85 12.91
N GLU A 79 -10.82 -11.84 13.39
CA GLU A 79 -10.29 -13.03 14.04
C GLU A 79 -10.63 -13.11 15.55
N HIS A 80 -11.79 -13.70 15.90
CA HIS A 80 -12.08 -13.96 17.31
C HIS A 80 -11.61 -15.35 17.68
N VAL A 81 -10.86 -15.42 18.79
CA VAL A 81 -10.21 -16.65 19.24
C VAL A 81 -10.76 -17.12 20.59
N TYR A 82 -11.16 -18.40 20.70
CA TYR A 82 -11.71 -18.96 21.93
C TYR A 82 -10.65 -19.85 22.50
N ALA A 83 -10.25 -19.58 23.74
CA ALA A 83 -9.08 -20.27 24.34
C ALA A 83 -9.18 -20.36 25.87
N THR A 84 -8.25 -21.09 26.49
CA THR A 84 -8.14 -21.16 27.96
C THR A 84 -7.36 -19.95 28.45
N SER A 85 -6.38 -19.54 27.67
CA SER A 85 -5.59 -18.37 27.97
C SER A 85 -4.82 -18.09 26.70
N LEU A 86 -4.14 -16.95 26.67
CA LEU A 86 -3.37 -16.56 25.50
C LEU A 86 -2.28 -17.57 25.11
N ALA A 87 -1.63 -18.16 26.09
CA ALA A 87 -0.55 -19.13 25.83
C ALA A 87 -1.09 -20.55 25.76
N GLY A 88 -2.27 -20.81 26.32
CA GLY A 88 -2.82 -22.15 26.39
C GLY A 88 -3.32 -22.70 25.06
N GLU A 89 -4.21 -23.65 25.15
CA GLU A 89 -4.77 -24.31 24.00
C GLU A 89 -5.90 -23.45 23.41
N GLU A 90 -5.93 -23.35 22.10
CA GLU A 90 -7.01 -22.69 21.39
C GLU A 90 -8.15 -23.69 21.14
N PHE A 91 -9.35 -23.36 21.54
CA PHE A 91 -10.52 -24.16 21.18
C PHE A 91 -10.92 -24.00 19.69
N GLY A 92 -10.76 -22.80 19.15
CA GLY A 92 -11.13 -22.51 17.75
C GLY A 92 -11.37 -21.03 17.57
N ARG A 93 -11.72 -20.65 16.35
CA ARG A 93 -11.97 -19.29 15.99
C ARG A 93 -13.28 -19.19 15.25
N ILE A 94 -13.76 -17.96 15.19
CA ILE A 94 -15.06 -17.63 14.61
C ILE A 94 -14.82 -16.35 13.81
N PRO A 95 -15.56 -16.18 12.70
CA PRO A 95 -15.40 -14.99 11.86
C PRO A 95 -16.30 -13.90 12.36
N ALA A 96 -15.76 -13.03 13.18
CA ALA A 96 -16.52 -11.96 13.80
C ALA A 96 -16.62 -10.74 12.84
N TRP A 97 -17.55 -9.85 13.17
CA TRP A 97 -17.72 -8.61 12.41
C TRP A 97 -17.84 -8.82 10.88
N ALA A 98 -18.62 -9.82 10.53
CA ALA A 98 -19.00 -10.08 9.15
C ALA A 98 -17.82 -10.33 8.26
N SER A 99 -16.79 -11.03 8.79
CA SER A 99 -15.55 -11.30 8.04
C SER A 99 -15.70 -12.59 7.16
N HIS A 100 -16.64 -13.49 7.45
CA HIS A 100 -16.93 -14.63 6.55
C HIS A 100 -17.34 -14.09 5.18
N PRO A 101 -16.83 -14.68 4.07
CA PRO A 101 -17.16 -14.06 2.75
C PRO A 101 -18.65 -13.76 2.53
N GLN A 102 -19.55 -14.67 2.95
CA GLN A 102 -20.98 -14.49 2.71
C GLN A 102 -21.53 -13.33 3.52
N ALA A 103 -21.12 -13.28 4.77
CA ALA A 103 -21.46 -12.18 5.64
C ALA A 103 -20.92 -10.85 5.12
N HIS A 104 -19.74 -10.86 4.60
CA HIS A 104 -19.13 -9.67 4.07
C HIS A 104 -19.89 -9.15 2.82
N ALA A 105 -20.31 -10.05 1.94
CA ALA A 105 -21.13 -9.67 0.80
C ALA A 105 -22.47 -9.00 1.24
N GLU A 106 -23.13 -9.59 2.23
CA GLU A 106 -24.38 -9.09 2.77
C GLU A 106 -24.16 -7.72 3.37
N HIS A 107 -23.00 -7.54 3.95
CA HIS A 107 -22.59 -6.26 4.53
C HIS A 107 -22.39 -5.14 3.45
N GLU A 108 -21.60 -5.45 2.45
CA GLU A 108 -21.38 -4.55 1.33
C GLU A 108 -22.67 -4.18 0.57
N LEU A 109 -23.57 -5.12 0.36
CA LEU A 109 -24.78 -4.84 -0.34
C LEU A 109 -25.71 -3.89 0.43
N ALA A 110 -25.59 -3.84 1.77
CA ALA A 110 -26.53 -3.12 2.57
C ALA A 110 -26.33 -1.62 2.65
N SER A 111 -25.09 -1.14 2.44
CA SER A 111 -24.69 0.20 2.80
C SER A 111 -23.44 0.59 2.04
N PRO A 112 -23.25 1.89 1.72
CA PRO A 112 -21.94 2.31 1.27
C PRO A 112 -20.88 2.31 2.34
N SER A 113 -21.31 2.22 3.60
CA SER A 113 -20.39 2.27 4.74
C SER A 113 -20.12 0.89 5.28
N ARG A 114 -19.13 0.81 6.14
CA ARG A 114 -18.61 -0.46 6.68
C ARG A 114 -18.32 -0.35 8.18
N TYR A 115 -18.38 -1.48 8.88
CA TYR A 115 -17.89 -1.59 10.22
C TYR A 115 -16.51 -0.97 10.32
N CYS A 116 -16.24 -0.32 11.42
CA CYS A 116 -14.86 -0.04 11.75
C CYS A 116 -14.60 0.04 13.24
N ASP A 117 -13.32 -0.07 13.62
CA ASP A 117 -12.97 -0.11 15.04
C ASP A 117 -12.39 1.23 15.39
N LEU A 118 -13.12 2.02 16.14
CA LEU A 118 -12.78 3.42 16.40
C LEU A 118 -13.11 3.68 17.84
N PRO A 119 -12.10 3.70 18.69
CA PRO A 119 -12.37 3.86 20.09
C PRO A 119 -13.19 5.11 20.41
N GLN A 120 -14.08 4.99 21.38
CA GLN A 120 -14.91 6.13 21.80
C GLN A 120 -14.03 7.31 22.25
N LEU A 121 -12.88 7.00 22.81
CA LEU A 121 -11.84 7.97 23.11
C LEU A 121 -11.53 8.97 21.97
N TYR A 122 -11.57 8.54 20.70
CA TYR A 122 -11.40 9.43 19.55
C TYR A 122 -12.71 9.94 18.98
N PHE A 123 -13.75 9.10 19.01
CA PHE A 123 -15.00 9.43 18.37
C PHE A 123 -15.54 10.68 19.04
N GLU A 124 -15.52 10.72 20.38
CA GLU A 124 -16.15 11.88 21.08
C GLU A 124 -15.54 13.26 20.73
N PRO A 125 -14.23 13.42 20.81
CA PRO A 125 -13.69 14.75 20.50
C PRO A 125 -13.88 15.14 19.06
N MET A 126 -13.88 14.19 18.14
CA MET A 126 -14.15 14.50 16.76
C MET A 126 -15.53 15.13 16.62
N VAL A 127 -16.55 14.57 17.27
CA VAL A 127 -17.87 15.10 17.10
C VAL A 127 -18.07 16.38 17.93
N VAL A 128 -17.52 16.40 19.12
CA VAL A 128 -17.63 17.64 19.92
C VAL A 128 -16.97 18.83 19.23
N SER A 129 -15.78 18.69 18.63
CA SER A 129 -15.16 19.85 17.90
C SER A 129 -15.95 20.29 16.69
N GLU A 130 -16.53 19.32 15.97
CA GLU A 130 -17.45 19.65 14.90
C GLU A 130 -18.70 20.43 15.32
N ALA A 131 -19.33 20.03 16.42
CA ALA A 131 -20.49 20.75 16.95
C ALA A 131 -20.14 22.23 17.16
N ALA A 132 -19.00 22.50 17.81
CA ALA A 132 -18.56 23.91 18.07
C ALA A 132 -18.24 24.63 16.79
N LEU A 133 -17.52 23.99 15.89
CA LEU A 133 -17.25 24.64 14.63
C LEU A 133 -18.53 25.01 13.84
N ARG A 134 -19.55 24.19 13.94
CA ARG A 134 -20.74 24.43 13.12
C ARG A 134 -21.71 25.40 13.78
N GLY A 135 -21.49 25.71 15.03
CA GLY A 135 -22.27 26.75 15.68
C GLY A 135 -22.83 26.48 17.05
N ALA A 136 -22.72 25.24 17.55
CA ALA A 136 -23.22 24.93 18.88
C ALA A 136 -22.32 25.58 19.95
N ASP A 137 -22.90 26.12 21.02
CA ASP A 137 -22.12 26.54 22.20
C ASP A 137 -21.87 25.34 23.03
N VAL A 138 -20.64 25.13 23.44
CA VAL A 138 -20.29 23.95 24.15
C VAL A 138 -19.62 24.35 25.40
N ARG A 139 -20.05 23.79 26.53
CA ARG A 139 -19.56 24.23 27.82
C ARG A 139 -19.41 23.04 28.76
N PHE A 140 -18.17 22.70 29.05
CA PHE A 140 -17.84 21.63 29.95
C PHE A 140 -17.69 22.16 31.37
N LEU A 141 -17.45 21.26 32.33
CA LEU A 141 -17.44 21.58 33.77
C LEU A 141 -18.68 22.32 34.23
N THR A 142 -19.82 21.93 33.66
CA THR A 142 -21.14 22.58 33.87
C THR A 142 -22.21 21.49 34.04
N GLU A 143 -22.94 21.57 35.16
CA GLU A 143 -23.84 20.51 35.63
C GLU A 143 -25.28 20.96 35.66
N TYR A 144 -26.13 20.12 35.05
CA TYR A 144 -27.55 20.30 35.12
C TYR A 144 -28.03 19.86 36.48
N LEU A 145 -28.75 20.77 37.17
CA LEU A 145 -29.33 20.48 38.48
C LEU A 145 -30.84 20.19 38.45
N GLY A 146 -31.59 20.77 37.50
CA GLY A 146 -33.01 20.53 37.42
C GLY A 146 -33.56 21.54 36.47
N HIS A 147 -34.85 21.41 36.16
CA HIS A 147 -35.53 22.41 35.37
C HIS A 147 -37.01 22.52 35.79
N VAL A 148 -37.67 23.57 35.33
CA VAL A 148 -39.10 23.67 35.40
C VAL A 148 -39.60 23.98 34.00
N GLU A 149 -40.76 23.43 33.67
CA GLU A 149 -41.35 23.62 32.37
C GLU A 149 -42.63 24.40 32.46
N ASP A 150 -42.89 25.24 31.46
CA ASP A 150 -44.15 25.94 31.35
C ASP A 150 -44.65 25.81 29.91
N GLN A 151 -45.70 26.57 29.57
CA GLN A 151 -46.46 26.55 28.30
C GLN A 151 -45.58 26.97 27.06
N ASP A 152 -44.62 27.85 27.32
CA ASP A 152 -43.75 28.40 26.26
C ASP A 152 -42.27 27.91 26.23
N GLY A 153 -41.86 27.05 27.16
CA GLY A 153 -40.47 26.72 27.31
C GLY A 153 -40.07 26.06 28.61
N VAL A 154 -38.77 26.03 28.84
CA VAL A 154 -38.18 25.32 29.94
C VAL A 154 -37.10 26.21 30.50
N THR A 155 -36.92 26.17 31.80
CA THR A 155 -35.89 26.94 32.50
C THR A 155 -35.10 25.97 33.34
N ALA A 156 -33.81 25.83 33.07
CA ALA A 156 -32.96 24.90 33.79
C ALA A 156 -31.96 25.64 34.68
N ARG A 157 -31.59 25.02 35.78
CA ARG A 157 -30.53 25.54 36.66
C ARG A 157 -29.23 24.73 36.47
N LEU A 158 -28.13 25.44 36.24
CA LEU A 158 -26.82 24.85 36.00
C LEU A 158 -25.82 25.34 37.06
N LEU A 159 -24.90 24.46 37.43
CA LEU A 159 -23.83 24.76 38.35
C LEU A 159 -22.54 24.78 37.54
N ASP A 160 -21.83 25.91 37.59
CA ASP A 160 -20.52 26.02 36.95
C ASP A 160 -19.39 25.62 37.88
N HIS A 161 -18.69 24.54 37.57
CA HIS A 161 -17.66 24.04 38.44
C HIS A 161 -16.30 24.74 38.27
N VAL A 162 -16.17 25.71 37.36
CA VAL A 162 -14.97 26.53 37.34
C VAL A 162 -15.17 27.70 38.30
N SER A 163 -16.23 28.47 38.08
CA SER A 163 -16.51 29.67 38.86
C SER A 163 -17.25 29.39 40.18
N GLY A 164 -17.90 28.23 40.29
CA GLY A 164 -18.78 27.91 41.44
C GLY A 164 -20.16 28.59 41.40
N ALA A 165 -20.39 29.43 40.40
CA ALA A 165 -21.67 30.09 40.19
C ALA A 165 -22.77 29.17 39.64
N GLU A 166 -24.00 29.45 40.06
CA GLU A 166 -25.18 28.86 39.50
C GLU A 166 -25.82 29.89 38.61
N TYR A 167 -26.40 29.45 37.50
CA TYR A 167 -27.15 30.32 36.61
C TYR A 167 -28.26 29.52 35.93
N GLU A 168 -29.16 30.23 35.27
CA GLU A 168 -30.31 29.65 34.63
C GLU A 168 -30.13 29.76 33.15
N VAL A 169 -30.71 28.79 32.45
CA VAL A 169 -30.82 28.84 31.02
C VAL A 169 -32.25 28.64 30.59
N ARG A 170 -32.69 29.45 29.65
CA ARG A 170 -34.05 29.36 29.16
C ARG A 170 -33.99 28.72 27.76
N ALA A 171 -34.80 27.69 27.50
CA ALA A 171 -34.79 27.00 26.20
C ALA A 171 -36.21 26.65 25.75
N LYS A 172 -36.41 26.45 24.46
CA LYS A 172 -37.66 25.84 24.00
C LYS A 172 -37.76 24.33 24.33
N TYR A 173 -36.62 23.60 24.29
CA TYR A 173 -36.61 22.15 24.52
C TYR A 173 -35.34 21.74 25.22
N ILE A 174 -35.39 20.64 25.97
CA ILE A 174 -34.24 20.06 26.60
C ILE A 174 -34.08 18.64 26.07
N ILE A 175 -32.84 18.31 25.69
CA ILE A 175 -32.47 16.93 25.34
C ILE A 175 -31.74 16.34 26.53
N GLY A 176 -32.27 15.25 27.06
CA GLY A 176 -31.63 14.44 28.09
C GLY A 176 -30.72 13.41 27.46
N ALA A 177 -29.44 13.76 27.29
CA ALA A 177 -28.46 12.84 26.74
C ALA A 177 -27.43 12.56 27.81
N ASP A 178 -27.93 12.36 29.03
CA ASP A 178 -27.06 12.41 30.23
C ASP A 178 -26.73 11.08 30.82
N GLY A 179 -26.86 10.03 30.02
CA GLY A 179 -26.35 8.76 30.35
C GLY A 179 -27.21 7.87 31.20
N ALA A 180 -26.59 6.79 31.64
CA ALA A 180 -27.32 5.68 32.27
C ALA A 180 -27.99 6.00 33.64
N HIS A 181 -27.63 7.09 34.30
CA HIS A 181 -28.33 7.48 35.53
C HIS A 181 -29.00 8.84 35.33
N SER A 182 -29.59 9.04 34.16
CA SER A 182 -30.09 10.31 33.74
C SER A 182 -30.99 11.02 34.79
N LEU A 183 -30.54 12.16 35.29
CA LEU A 183 -31.39 13.01 36.14
C LEU A 183 -32.47 13.64 35.32
N VAL A 184 -32.20 13.94 34.04
CA VAL A 184 -33.23 14.48 33.18
C VAL A 184 -34.43 13.52 33.06
N ALA A 185 -34.17 12.25 32.82
CA ALA A 185 -35.22 11.26 32.67
C ALA A 185 -36.02 11.08 33.99
N GLN A 186 -35.29 11.10 35.10
CA GLN A 186 -35.92 11.03 36.42
C GLN A 186 -36.85 12.24 36.60
N ASN A 187 -36.38 13.45 36.30
CA ASN A 187 -37.24 14.64 36.38
C ASN A 187 -38.40 14.69 35.41
N ALA A 188 -38.27 14.09 34.24
CA ALA A 188 -39.36 14.05 33.29
C ALA A 188 -40.34 12.92 33.65
N GLY A 189 -39.99 12.10 34.67
CA GLY A 189 -40.81 11.02 35.11
C GLY A 189 -40.98 9.86 34.12
N LEU A 190 -39.99 9.57 33.29
CA LEU A 190 -40.14 8.50 32.31
C LEU A 190 -40.22 7.14 32.96
N PRO A 191 -41.14 6.30 32.50
CA PRO A 191 -41.28 4.93 33.02
C PRO A 191 -40.29 3.96 32.35
N PHE A 192 -39.70 3.11 33.16
CA PHE A 192 -38.73 2.12 32.77
C PHE A 192 -39.22 0.74 33.06
N GLU A 193 -38.87 -0.20 32.19
CA GLU A 193 -39.14 -1.65 32.39
C GLU A 193 -37.88 -2.44 32.15
N GLY A 194 -37.92 -3.75 32.43
CA GLY A 194 -36.76 -4.65 32.36
C GLY A 194 -36.22 -4.94 33.76
N ILE A 204 -15.15 -5.43 35.43
CA ILE A 204 -13.87 -4.73 35.62
C ILE A 204 -12.98 -4.67 34.36
N ASN A 205 -12.76 -3.45 33.83
CA ASN A 205 -11.85 -3.24 32.70
C ASN A 205 -10.43 -2.91 33.18
N ILE A 206 -9.43 -3.72 32.81
CA ILE A 206 -8.05 -3.52 33.27
C ILE A 206 -7.08 -3.24 32.12
N GLU A 207 -6.61 -2.00 32.01
CA GLU A 207 -5.54 -1.67 31.07
C GLU A 207 -4.20 -2.15 31.65
N PHE A 208 -3.28 -2.51 30.76
CA PHE A 208 -1.91 -2.91 31.13
C PHE A 208 -1.01 -2.88 29.91
N SER A 209 0.30 -2.88 30.16
CA SER A 209 1.28 -2.91 29.08
C SER A 209 2.17 -4.13 29.28
N ALA A 210 2.59 -4.71 28.16
CA ALA A 210 3.38 -5.95 28.15
C ALA A 210 3.78 -6.29 26.71
N ASP A 211 4.91 -7.00 26.55
CA ASP A 211 5.34 -7.55 25.26
C ASP A 211 4.86 -8.96 25.28
N LEU A 212 3.85 -9.26 24.47
CA LEU A 212 3.28 -10.61 24.42
C LEU A 212 3.87 -11.39 23.22
N SER A 213 5.07 -11.00 22.77
CA SER A 213 5.80 -11.68 21.68
C SER A 213 5.52 -13.17 21.56
N SER A 214 5.49 -13.89 22.68
CA SER A 214 5.10 -15.32 22.70
C SER A 214 4.28 -15.72 23.93
N GLY A 221 -4.56 -13.07 16.73
CA GLY A 221 -5.92 -12.63 16.32
C GLY A 221 -6.36 -11.34 17.00
N ASP A 222 -7.57 -10.87 16.69
CA ASP A 222 -7.97 -9.50 17.12
C ASP A 222 -8.65 -9.46 18.45
N MET A 223 -9.32 -10.53 18.86
CA MET A 223 -10.01 -10.55 20.14
C MET A 223 -10.00 -11.97 20.72
N TYR A 224 -9.69 -12.09 21.99
CA TYR A 224 -9.59 -13.38 22.70
C TYR A 224 -10.67 -13.51 23.75
N TRP A 225 -11.41 -14.61 23.69
CA TRP A 225 -12.40 -14.99 24.70
C TRP A 225 -11.77 -16.13 25.49
N MET A 226 -11.57 -15.88 26.78
CA MET A 226 -10.87 -16.84 27.64
C MET A 226 -11.87 -17.50 28.54
N PHE A 227 -11.91 -18.82 28.47
CA PHE A 227 -12.80 -19.60 29.29
C PHE A 227 -12.01 -20.11 30.50
N ARG A 228 -12.10 -19.41 31.64
CA ARG A 228 -11.07 -19.63 32.70
C ARG A 228 -11.46 -20.64 33.80
N GLY A 237 -17.26 -16.33 34.42
CA GLY A 237 -16.57 -17.41 33.70
C GLY A 237 -15.68 -16.99 32.51
N VAL A 238 -16.18 -16.08 31.68
CA VAL A 238 -15.49 -15.68 30.46
C VAL A 238 -14.77 -14.35 30.66
N ALA A 239 -13.53 -14.25 30.17
CA ALA A 239 -12.81 -12.99 30.14
C ALA A 239 -12.49 -12.65 28.70
N ALA A 240 -12.31 -11.36 28.41
CA ALA A 240 -11.96 -10.91 27.08
C ALA A 240 -10.65 -10.19 27.11
N LEU A 241 -9.90 -10.30 26.03
CA LEU A 241 -8.60 -9.65 25.96
C LEU A 241 -8.45 -9.11 24.58
N ARG A 242 -7.98 -7.87 24.45
CA ARG A 242 -7.59 -7.35 23.14
C ARG A 242 -6.56 -6.24 23.15
N MET A 243 -5.95 -6.05 21.99
CA MET A 243 -5.15 -4.85 21.61
C MET A 243 -3.65 -5.03 21.86
N ASN A 248 2.10 -3.12 22.48
CA ASN A 248 2.40 -2.62 23.81
C ASN A 248 1.16 -2.52 24.78
N LYS A 249 0.11 -1.77 24.40
CA LYS A 249 -1.04 -1.47 25.28
C LYS A 249 -2.17 -2.53 25.12
N TRP A 250 -2.71 -3.05 26.24
CA TRP A 250 -3.73 -4.13 26.25
C TRP A 250 -4.86 -3.80 27.20
N ILE A 251 -6.03 -4.38 26.94
CA ILE A 251 -7.18 -4.33 27.85
C ILE A 251 -7.69 -5.73 28.05
N CYS A 252 -8.04 -6.08 29.28
CA CYS A 252 -8.87 -7.24 29.50
C CYS A 252 -10.08 -6.88 30.33
N VAL A 253 -11.17 -7.63 30.10
CA VAL A 253 -12.45 -7.41 30.75
C VAL A 253 -12.86 -8.64 31.55
N GLU A 268 -5.01 -3.58 43.34
CA GLU A 268 -4.20 -3.21 42.17
C GLU A 268 -2.97 -4.12 41.97
N GLU A 269 -2.57 -4.85 43.02
CA GLU A 269 -1.61 -5.94 42.89
C GLU A 269 -2.38 -7.24 42.68
N LYS A 271 -4.46 -7.39 40.40
CA LYS A 271 -4.26 -7.49 38.94
C LYS A 271 -3.01 -8.35 38.56
N LYS A 272 -2.94 -9.57 39.11
CA LYS A 272 -2.40 -10.73 38.43
C LYS A 272 -3.61 -11.63 38.00
N ILE A 273 -4.78 -10.99 37.81
CA ILE A 273 -5.82 -11.52 36.91
C ILE A 273 -5.20 -11.56 35.51
N ILE A 274 -4.37 -10.57 35.20
CA ILE A 274 -3.66 -10.49 33.93
C ILE A 274 -2.81 -11.74 33.67
N HIS A 275 -2.04 -12.15 34.67
CA HIS A 275 -1.51 -13.51 34.67
C HIS A 275 -2.75 -14.41 34.77
N GLU A 276 -2.70 -15.62 34.25
CA GLU A 276 -3.97 -16.41 34.22
C GLU A 276 -4.64 -16.22 32.84
N ILE A 277 -4.98 -14.99 32.51
CA ILE A 277 -5.51 -14.63 31.19
C ILE A 277 -4.43 -14.73 30.12
N ILE A 278 -3.23 -14.27 30.41
CA ILE A 278 -2.13 -14.30 29.47
C ILE A 278 -1.59 -15.72 29.10
N GLY A 279 -1.72 -16.77 29.89
CA GLY A 279 -1.59 -16.77 31.30
C GLY A 279 -0.22 -17.44 31.50
N THR A 280 0.76 -16.63 31.89
CA THR A 280 1.98 -17.12 32.55
C THR A 280 2.33 -16.00 33.52
N ASP A 281 3.46 -16.14 34.20
CA ASP A 281 4.03 -15.01 34.93
C ASP A 281 5.48 -14.76 34.52
N GLU A 282 5.96 -15.48 33.50
CA GLU A 282 7.30 -15.24 32.97
C GLU A 282 7.41 -13.93 32.14
N ILE A 283 6.32 -13.15 32.04
CA ILE A 283 6.34 -11.79 31.44
C ILE A 283 5.71 -10.81 32.45
N PRO A 284 6.14 -9.54 32.49
CA PRO A 284 5.56 -8.57 33.46
C PRO A 284 4.77 -7.47 32.74
N GLU A 286 3.23 -3.51 33.30
CA GLU A 286 2.41 -2.48 33.94
C GLU A 286 1.42 -3.16 34.87
N VAL A 287 0.18 -2.66 34.96
CA VAL A 287 -0.91 -3.30 35.76
C VAL A 287 -2.10 -2.42 36.16
N GLY A 288 -2.22 -1.21 35.57
CA GLY A 288 -3.44 -0.35 35.68
C GLY A 288 -3.39 0.64 34.51
N PRO A 289 -4.41 1.51 34.32
CA PRO A 289 -5.66 1.86 35.06
C PRO A 289 -6.80 0.85 35.04
N ILE A 290 -7.55 0.84 36.13
CA ILE A 290 -8.65 -0.09 36.36
C ILE A 290 -9.96 0.70 36.43
N SER A 291 -11.04 0.17 35.86
CA SER A 291 -12.34 0.84 35.91
C SER A 291 -13.48 -0.16 35.93
N THR A 292 -14.61 0.26 36.50
CA THR A 292 -15.77 -0.60 36.64
C THR A 292 -17.02 0.00 35.99
N TRP A 293 -17.90 -0.90 35.52
CA TRP A 293 -19.19 -0.54 34.97
C TRP A 293 -20.22 -1.42 35.64
N THR A 294 -21.09 -0.80 36.45
CA THR A 294 -22.27 -1.47 36.97
C THR A 294 -23.33 -1.11 35.98
N ILE A 295 -24.08 -2.10 35.52
CA ILE A 295 -25.15 -1.81 34.57
C ILE A 295 -26.43 -2.49 34.99
N ASN A 296 -27.49 -1.74 35.12
CA ASN A 296 -28.73 -2.38 35.39
C ASN A 296 -29.71 -2.16 34.22
N GLN A 297 -29.87 -3.28 33.52
CA GLN A 297 -30.66 -3.49 32.30
C GLN A 297 -32.07 -2.95 32.37
N GLN A 298 -32.34 -1.93 31.58
CA GLN A 298 -33.62 -1.26 31.66
C GLN A 298 -33.77 -0.40 30.42
N TYR A 299 -35.00 -0.27 29.97
CA TYR A 299 -35.35 0.59 28.88
C TYR A 299 -36.50 1.46 29.26
N ALA A 300 -36.46 2.70 28.80
CA ALA A 300 -37.60 3.58 28.88
C ALA A 300 -38.72 3.15 27.91
N VAL A 301 -39.92 3.11 28.45
CA VAL A 301 -41.07 2.70 27.72
C VAL A 301 -41.54 3.89 26.92
N ARG A 302 -41.27 5.07 27.42
CA ARG A 302 -41.57 6.32 26.69
C ARG A 302 -40.32 7.21 26.85
N ASN A 303 -39.95 7.96 25.81
CA ASN A 303 -38.73 8.75 25.85
C ASN A 303 -38.90 10.26 25.88
N THR A 304 -40.16 10.70 25.95
CA THR A 304 -40.52 12.10 25.83
C THR A 304 -41.52 12.45 26.92
N SER A 305 -41.38 13.65 27.47
CA SER A 305 -42.42 14.23 28.34
C SER A 305 -42.48 15.72 28.13
N GLY A 306 -43.57 16.19 27.54
CA GLY A 306 -43.68 17.61 27.16
C GLY A 306 -42.54 18.11 26.27
N ARG A 307 -41.78 19.07 26.78
CA ARG A 307 -40.66 19.67 26.02
C ARG A 307 -39.30 18.98 26.27
N VAL A 308 -39.31 17.84 26.96
CA VAL A 308 -38.12 17.09 27.30
C VAL A 308 -38.04 15.78 26.48
N PHE A 309 -36.89 15.56 25.83
CA PHE A 309 -36.62 14.38 25.00
C PHE A 309 -35.35 13.69 25.45
N CYS A 310 -35.44 12.44 25.87
CA CYS A 310 -34.31 11.74 26.32
C CYS A 310 -33.84 10.79 25.24
N MET A 311 -32.56 10.47 25.28
CA MET A 311 -31.94 9.65 24.23
C MET A 311 -30.71 8.96 24.75
N GLY A 312 -30.27 7.96 24.02
CA GLY A 312 -29.02 7.30 24.38
C GLY A 312 -29.15 6.40 25.58
N ASP A 313 -28.07 6.23 26.32
CA ASP A 313 -28.10 5.43 27.53
C ASP A 313 -29.18 5.88 28.54
N ALA A 314 -29.56 7.14 28.49
CA ALA A 314 -30.67 7.62 29.33
C ALA A 314 -31.97 6.86 29.12
N VAL A 315 -32.18 6.28 27.92
CA VAL A 315 -33.41 5.52 27.62
C VAL A 315 -33.13 4.04 27.29
N HIS A 316 -31.88 3.66 27.14
CA HIS A 316 -31.58 2.21 27.02
C HIS A 316 -30.28 1.87 27.68
N ARG A 317 -30.36 1.09 28.74
CA ARG A 317 -29.20 0.67 29.53
C ARG A 317 -29.09 -0.82 29.41
N HIS A 318 -27.94 -1.30 28.98
CA HIS A 318 -27.80 -2.76 28.71
C HIS A 318 -26.32 -3.18 28.73
N THR A 319 -26.07 -4.50 28.72
CA THR A 319 -24.70 -5.01 28.61
C THR A 319 -24.11 -4.75 27.24
N PRO A 320 -22.79 -4.69 27.15
CA PRO A 320 -22.11 -4.32 25.89
C PRO A 320 -22.08 -5.30 24.71
N MET A 321 -22.77 -6.40 24.82
CA MET A 321 -22.73 -7.47 23.79
C MET A 321 -23.42 -7.09 22.47
N GLY A 322 -22.65 -7.00 21.39
CA GLY A 322 -23.19 -6.64 20.08
C GLY A 322 -22.79 -5.25 19.58
N GLY A 323 -22.20 -4.39 20.44
CA GLY A 323 -21.79 -3.05 19.99
C GLY A 323 -22.96 -2.21 19.53
N LEU A 324 -24.06 -2.32 20.25
CA LEU A 324 -25.25 -1.62 19.86
C LEU A 324 -25.49 -0.24 20.51
N GLY A 325 -24.84 0.02 21.67
CA GLY A 325 -25.14 1.19 22.48
C GLY A 325 -24.83 2.54 21.83
N LEU A 326 -23.57 2.81 21.56
CA LEU A 326 -23.16 4.07 20.96
C LEU A 326 -23.91 4.24 19.63
N ASN A 327 -23.99 3.16 18.87
CA ASN A 327 -24.61 3.21 17.55
C ASN A 327 -26.10 3.57 17.59
N THR A 328 -26.84 2.91 18.48
CA THR A 328 -28.23 3.26 18.70
C THR A 328 -28.43 4.69 19.24
N SER A 329 -27.54 5.12 20.13
CA SER A 329 -27.58 6.45 20.72
C SER A 329 -27.39 7.54 19.66
N VAL A 330 -26.43 7.33 18.76
CA VAL A 330 -26.25 8.30 17.65
C VAL A 330 -27.45 8.31 16.72
N GLN A 331 -28.04 7.14 16.48
CA GLN A 331 -29.21 7.08 15.66
C GLN A 331 -30.48 7.77 16.32
N ASP A 332 -30.59 7.72 17.64
CA ASP A 332 -31.64 8.47 18.34
C ASP A 332 -31.54 9.93 18.01
N ALA A 333 -30.33 10.49 18.08
CA ALA A 333 -30.07 11.91 17.77
C ALA A 333 -30.46 12.30 16.34
N TYR A 334 -30.05 11.47 15.40
CA TYR A 334 -30.38 11.67 14.01
C TYR A 334 -31.89 11.61 13.71
N ASN A 335 -32.63 10.83 14.48
CA ASN A 335 -34.10 10.79 14.36
C ASN A 335 -34.73 12.10 14.79
N LEU A 336 -34.23 12.65 15.88
CA LEU A 336 -34.85 13.83 16.52
C LEU A 336 -34.49 15.18 15.91
N ALA A 337 -33.23 15.38 15.55
CA ALA A 337 -32.76 16.72 15.24
C ALA A 337 -33.52 17.40 14.14
N TRP A 338 -33.68 16.73 13.02
CA TRP A 338 -34.41 17.36 11.89
C TRP A 338 -35.85 17.75 12.26
N LYS A 339 -36.47 16.96 13.11
CA LYS A 339 -37.83 17.18 13.54
C LYS A 339 -37.86 18.43 14.39
N LEU A 340 -36.96 18.52 15.37
CA LEU A 340 -36.83 19.75 16.15
C LEU A 340 -36.63 20.97 15.29
N ALA A 341 -35.78 20.86 14.28
CA ALA A 341 -35.49 22.01 13.46
C ALA A 341 -36.72 22.51 12.69
N LEU A 342 -37.51 21.60 12.11
CA LEU A 342 -38.69 21.97 11.40
C LEU A 342 -39.72 22.63 12.37
N VAL A 343 -39.90 22.07 13.56
CA VAL A 343 -40.85 22.60 14.51
C VAL A 343 -40.47 24.02 14.93
N LEU A 344 -39.20 24.20 15.26
CA LEU A 344 -38.68 25.51 15.63
C LEU A 344 -38.73 26.53 14.51
N LYS A 345 -38.59 26.10 13.27
CA LYS A 345 -38.69 27.02 12.15
C LYS A 345 -40.13 27.25 11.69
N GLY A 346 -41.11 26.62 12.34
CA GLY A 346 -42.51 26.81 11.97
C GLY A 346 -42.91 26.11 10.68
N GLN A 347 -42.11 25.15 10.20
CA GLN A 347 -42.48 24.40 8.99
C GLN A 347 -43.22 23.11 9.30
N ALA A 348 -43.23 22.69 10.56
CA ALA A 348 -43.99 21.55 11.00
C ALA A 348 -44.70 21.90 12.29
N ALA A 349 -45.84 21.29 12.53
CA ALA A 349 -46.50 21.38 13.83
C ALA A 349 -45.75 20.58 14.90
N PRO A 350 -45.90 20.96 16.16
CA PRO A 350 -45.31 20.24 17.28
C PRO A 350 -45.62 18.76 17.35
N THR A 351 -46.73 18.31 16.80
CA THR A 351 -47.04 16.86 16.79
C THR A 351 -46.03 15.97 15.99
N LEU A 352 -45.30 16.56 15.04
CA LEU A 352 -44.17 15.86 14.41
C LEU A 352 -43.21 15.27 15.48
N LEU A 353 -43.06 15.95 16.60
CA LEU A 353 -42.20 15.44 17.67
C LEU A 353 -42.68 14.18 18.36
N ASP A 354 -43.99 13.87 18.27
CA ASP A 354 -44.55 12.61 18.86
C ASP A 354 -43.91 11.39 18.19
N SER A 355 -43.52 11.54 16.90
CA SER A 355 -42.93 10.42 16.19
C SER A 355 -41.60 9.91 16.77
N TYR A 356 -40.91 10.76 17.55
CA TYR A 356 -39.68 10.35 18.18
C TYR A 356 -39.92 9.16 19.11
N ASP A 357 -40.91 9.28 19.98
CA ASP A 357 -41.23 8.17 20.86
C ASP A 357 -41.74 6.96 20.07
N ALA A 358 -42.60 7.21 19.08
CA ALA A 358 -43.24 6.09 18.36
C ALA A 358 -42.19 5.27 17.55
N GLU A 359 -41.16 5.94 17.04
CA GLU A 359 -40.10 5.33 16.22
C GLU A 359 -38.90 4.80 17.03
N ARG A 360 -38.47 5.54 18.07
CA ARG A 360 -37.24 5.15 18.80
C ARG A 360 -37.46 4.31 20.05
N SER A 361 -38.63 4.39 20.67
CA SER A 361 -38.87 3.51 21.86
C SER A 361 -38.85 2.01 21.57
N PRO A 362 -39.46 1.56 20.44
CA PRO A 362 -39.37 0.14 20.15
C PRO A 362 -37.89 -0.32 20.01
N VAL A 363 -37.02 0.54 19.51
CA VAL A 363 -35.62 0.15 19.29
C VAL A 363 -34.92 0.08 20.64
N ALA A 364 -35.24 0.99 21.57
CA ALA A 364 -34.69 0.92 22.94
C ALA A 364 -34.92 -0.42 23.61
N LYS A 365 -36.16 -0.91 23.54
CA LYS A 365 -36.50 -2.19 24.14
C LYS A 365 -35.78 -3.36 23.39
N GLN A 366 -35.78 -3.26 22.07
CA GLN A 366 -35.21 -4.31 21.24
C GLN A 366 -33.71 -4.51 21.59
N ILE A 367 -32.92 -3.42 21.69
CA ILE A 367 -31.47 -3.60 21.90
C ILE A 367 -31.15 -4.06 23.29
N VAL A 368 -31.92 -3.61 24.28
CA VAL A 368 -31.72 -4.10 25.64
C VAL A 368 -31.90 -5.60 25.74
N GLU A 369 -33.00 -6.12 25.17
CA GLU A 369 -33.34 -7.54 25.24
C GLU A 369 -32.37 -8.37 24.46
N ARG A 370 -31.93 -7.83 23.33
CA ARG A 370 -31.01 -8.51 22.46
C ARG A 370 -29.63 -8.60 23.14
N ALA A 371 -29.11 -7.49 23.66
CA ALA A 371 -27.80 -7.55 24.33
C ALA A 371 -27.77 -8.62 25.48
N PHE A 372 -28.85 -8.64 26.28
CA PHE A 372 -29.03 -9.60 27.35
C PHE A 372 -29.05 -11.04 26.83
N LYS A 373 -29.87 -11.29 25.82
CA LYS A 373 -29.97 -12.63 25.27
C LYS A 373 -28.63 -13.14 24.78
N SER A 374 -27.83 -12.29 24.09
CA SER A 374 -26.50 -12.69 23.59
C SER A 374 -25.51 -13.16 24.69
N LEU A 375 -25.65 -12.66 25.91
CA LEU A 375 -24.88 -13.20 27.05
C LEU A 375 -25.11 -14.65 27.31
N SER A 376 -26.35 -15.09 27.16
CA SER A 376 -26.64 -16.48 27.41
C SER A 376 -25.96 -17.42 26.44
N THR A 377 -25.26 -16.90 25.40
CA THR A 377 -24.66 -17.85 24.42
C THR A 377 -23.26 -18.35 24.86
N PHE A 378 -22.68 -17.74 25.88
CA PHE A 378 -21.40 -18.19 26.36
C PHE A 378 -21.32 -19.45 27.27
N PRO A 379 -22.18 -19.58 28.25
CA PRO A 379 -22.21 -20.79 29.08
C PRO A 379 -22.29 -22.14 28.38
N PRO A 380 -23.04 -22.24 27.26
CA PRO A 380 -23.01 -23.49 26.52
C PRO A 380 -21.65 -23.97 26.01
N VAL A 381 -20.66 -23.06 25.91
CA VAL A 381 -19.33 -23.43 25.59
C VAL A 381 -18.74 -24.32 26.69
N PHE A 382 -18.88 -23.90 27.95
CA PHE A 382 -18.43 -24.72 29.11
C PHE A 382 -19.16 -26.06 29.09
N GLU A 383 -20.45 -26.04 28.89
CA GLU A 383 -21.25 -27.29 28.81
C GLU A 383 -20.85 -28.25 27.72
N ALA A 384 -20.44 -27.71 26.60
CA ALA A 384 -19.98 -28.58 25.53
C ALA A 384 -18.66 -29.32 25.90
N LEU A 385 -17.85 -28.65 26.68
CA LEU A 385 -16.63 -29.26 27.19
C LEU A 385 -16.85 -30.19 28.38
N SER A 386 -18.10 -30.33 28.82
CA SER A 386 -18.43 -31.04 30.01
C SER A 386 -17.83 -30.41 31.27
N LEU A 387 -17.85 -29.10 31.35
CA LEU A 387 -17.45 -28.34 32.47
C LEU A 387 -18.60 -27.59 33.08
N PRO A 388 -18.50 -27.29 34.37
CA PRO A 388 -19.50 -26.40 34.96
C PRO A 388 -19.10 -24.99 34.66
N PRO A 389 -20.02 -24.03 34.87
CA PRO A 389 -19.77 -22.61 34.54
C PRO A 389 -18.53 -21.99 35.19
N ALA A 390 -18.10 -22.52 36.34
CA ALA A 390 -16.83 -22.09 36.94
C ALA A 390 -15.96 -23.30 37.33
N PRO A 391 -15.23 -23.86 36.36
CA PRO A 391 -14.49 -25.08 36.64
C PRO A 391 -13.21 -24.88 37.45
N THR A 392 -12.76 -25.97 38.08
CA THR A 392 -11.42 -26.03 38.69
C THR A 392 -10.36 -26.25 37.68
N GLU A 393 -9.11 -25.98 38.07
CA GLU A 393 -7.97 -26.18 37.17
C GLU A 393 -7.91 -27.63 36.75
N SER A 394 -8.24 -28.53 37.67
CA SER A 394 -8.22 -29.97 37.40
C SER A 394 -9.32 -30.38 36.42
N GLU A 395 -10.51 -29.85 36.62
CA GLU A 395 -11.66 -30.03 35.69
C GLU A 395 -11.36 -29.56 34.26
N MET A 396 -10.79 -28.36 34.12
CA MET A 396 -10.41 -27.83 32.83
C MET A 396 -9.38 -28.74 32.19
N ALA A 397 -8.39 -29.18 32.98
CA ALA A 397 -7.30 -29.99 32.41
C ALA A 397 -7.85 -31.25 31.79
N GLU A 398 -8.78 -31.91 32.52
CA GLU A 398 -9.47 -33.12 32.04
C GLU A 398 -10.27 -32.86 30.77
N ALA A 399 -10.97 -31.72 30.70
CA ALA A 399 -11.74 -31.34 29.51
C ALA A 399 -10.88 -31.22 28.26
N LEU A 400 -9.71 -30.60 28.38
CA LEU A 400 -8.78 -30.47 27.26
C LEU A 400 -8.26 -31.79 26.74
N VAL A 401 -7.97 -32.75 27.63
CA VAL A 401 -7.53 -34.08 27.21
C VAL A 401 -8.70 -34.80 26.57
N ARG A 402 -9.86 -34.72 27.16
CA ARG A 402 -11.04 -35.35 26.61
C ARG A 402 -11.42 -34.83 25.23
N LEU A 403 -11.23 -33.56 24.99
CA LEU A 403 -11.57 -32.92 23.72
C LEU A 403 -10.74 -33.51 22.59
N LYS A 404 -9.56 -34.06 22.89
CA LYS A 404 -8.67 -34.64 21.87
C LYS A 404 -8.76 -36.17 21.74
N ASP A 405 -9.69 -36.75 22.44
CA ASP A 405 -9.89 -38.18 22.50
C ASP A 405 -10.27 -38.72 21.11
N ALA A 406 -9.67 -39.83 20.70
CA ALA A 406 -9.95 -40.45 19.43
C ALA A 406 -11.19 -41.35 19.49
N SER A 407 -12.11 -41.14 20.41
CA SER A 407 -13.35 -41.92 20.53
C SER A 407 -14.53 -41.21 19.89
N GLU A 408 -15.68 -41.88 19.84
CA GLU A 408 -16.94 -41.27 19.46
C GLU A 408 -17.34 -40.23 20.48
N GLU A 409 -17.00 -40.43 21.75
CA GLU A 409 -17.31 -39.42 22.75
C GLU A 409 -16.53 -38.13 22.44
N GLY A 410 -15.24 -38.26 22.10
CA GLY A 410 -14.44 -37.11 21.73
C GLY A 410 -15.02 -36.36 20.52
N ALA A 411 -15.43 -37.10 19.51
CA ALA A 411 -16.04 -36.48 18.35
C ALA A 411 -17.30 -35.70 18.71
N LYS A 412 -18.09 -36.24 19.63
CA LYS A 412 -19.30 -35.58 20.03
C LYS A 412 -18.98 -34.28 20.71
N ARG A 413 -17.93 -34.28 21.52
CA ARG A 413 -17.56 -33.03 22.16
C ARG A 413 -17.00 -32.02 21.23
N ARG A 414 -16.18 -32.47 20.28
CA ARG A 414 -15.66 -31.49 19.29
C ARG A 414 -16.78 -30.85 18.49
N ALA A 415 -17.78 -31.65 18.09
CA ALA A 415 -18.94 -31.10 17.36
C ALA A 415 -19.79 -30.19 18.24
N ALA A 416 -19.97 -30.54 19.49
CA ALA A 416 -20.77 -29.67 20.36
C ALA A 416 -20.09 -28.39 20.65
N LEU A 417 -18.77 -28.44 20.78
CA LEU A 417 -17.99 -27.22 21.02
C LEU A 417 -18.11 -26.25 19.88
N ARG A 418 -17.99 -26.77 18.67
CA ARG A 418 -18.12 -25.94 17.45
C ARG A 418 -19.52 -25.29 17.36
N LYS A 419 -20.55 -26.07 17.67
CA LYS A 419 -21.92 -25.54 17.68
C LYS A 419 -22.08 -24.44 18.68
N ALA A 420 -21.56 -24.64 19.85
CA ALA A 420 -21.66 -23.60 20.86
C ALA A 420 -20.90 -22.35 20.48
N MET A 421 -19.69 -22.50 20.00
CA MET A 421 -18.93 -21.33 19.55
C MET A 421 -19.66 -20.58 18.42
N ASP A 422 -20.17 -21.31 17.46
CA ASP A 422 -20.92 -20.69 16.33
C ASP A 422 -22.13 -19.89 16.80
N ALA A 423 -22.83 -20.37 17.84
CA ALA A 423 -23.97 -19.62 18.33
C ALA A 423 -23.64 -18.30 19.08
N THR A 424 -22.39 -18.05 19.41
CA THR A 424 -22.00 -16.75 19.97
C THR A 424 -21.97 -15.64 18.92
N ILE A 425 -21.95 -15.98 17.65
CA ILE A 425 -21.73 -14.96 16.61
C ILE A 425 -22.83 -13.87 16.56
N ILE A 426 -24.00 -14.18 17.09
CA ILE A 426 -25.09 -13.19 17.17
C ILE A 426 -24.68 -11.95 17.95
N GLY A 427 -23.77 -12.10 18.90
CA GLY A 427 -23.27 -10.98 19.70
C GLY A 427 -22.02 -10.32 19.19
N LEU A 428 -21.50 -10.82 18.07
CA LEU A 428 -20.15 -10.47 17.62
C LEU A 428 -20.12 -10.26 16.11
N GLY A 429 -21.21 -9.72 15.52
CA GLY A 429 -21.21 -9.42 14.13
C GLY A 429 -22.32 -10.09 13.35
N GLY A 430 -22.95 -11.13 13.90
CA GLY A 430 -23.95 -11.86 13.18
C GLY A 430 -25.29 -11.12 13.09
N GLY A 431 -25.53 -10.18 14.01
CA GLY A 431 -26.84 -9.51 14.12
C GLY A 431 -27.05 -8.33 13.19
N HIS A 432 -26.88 -8.58 11.90
CA HIS A 432 -26.96 -7.52 10.89
C HIS A 432 -28.36 -7.01 10.75
N GLY A 433 -29.32 -7.90 10.95
CA GLY A 433 -30.71 -7.55 10.92
C GLY A 433 -31.13 -6.68 12.06
N VAL A 434 -30.68 -7.03 13.25
CA VAL A 434 -30.90 -6.16 14.37
C VAL A 434 -30.36 -4.73 14.08
N GLU A 435 -29.18 -4.65 13.50
CA GLU A 435 -28.49 -3.37 13.28
C GLU A 435 -29.25 -2.49 12.26
N LEU A 436 -29.86 -3.12 11.26
CA LEU A 436 -30.38 -2.38 10.13
C LEU A 436 -31.88 -2.42 9.88
N ASN A 437 -32.62 -3.37 10.44
CA ASN A 437 -33.99 -3.59 10.04
C ASN A 437 -35.00 -2.70 10.80
N GLN A 438 -34.71 -1.43 10.91
CA GLN A 438 -35.66 -0.52 11.55
C GLN A 438 -36.97 -0.51 10.74
N ARG A 439 -38.10 -0.56 11.42
CA ARG A 439 -39.40 -0.51 10.77
C ARG A 439 -40.21 0.51 11.56
N TYR A 440 -40.34 1.71 11.03
CA TYR A 440 -41.05 2.78 11.74
C TYR A 440 -42.56 2.79 11.41
N VAL A 441 -43.38 3.01 12.44
CA VAL A 441 -44.82 3.21 12.32
C VAL A 441 -45.15 4.46 13.13
N SER A 442 -45.59 5.53 12.49
CA SER A 442 -45.81 6.79 13.21
C SER A 442 -46.52 7.73 12.26
N ARG A 443 -46.84 8.92 12.73
CA ARG A 443 -47.51 9.88 11.87
C ARG A 443 -46.51 10.59 11.00
N ALA A 444 -45.21 10.30 11.18
CA ALA A 444 -44.23 10.78 10.23
C ALA A 444 -43.85 9.80 9.10
N VAL A 445 -44.65 8.73 8.93
CA VAL A 445 -44.56 7.80 7.83
C VAL A 445 -45.98 7.60 7.28
N PHE A 446 -46.15 7.91 6.02
CA PHE A 446 -47.45 7.85 5.36
C PHE A 446 -47.57 6.52 4.61
N PRO A 447 -48.42 5.62 5.10
CA PRO A 447 -48.56 4.32 4.44
C PRO A 447 -49.08 4.40 3.01
N ASP A 448 -48.70 3.45 2.19
CA ASP A 448 -49.12 3.42 0.79
C ASP A 448 -50.21 2.39 0.52
N GLY A 449 -50.73 1.73 1.55
CA GLY A 449 -51.82 0.75 1.35
C GLY A 449 -51.36 -0.68 1.15
N THR A 450 -50.07 -0.87 1.10
CA THR A 450 -49.52 -2.17 0.83
C THR A 450 -49.41 -2.93 2.15
N PRO A 451 -49.64 -4.24 2.15
CA PRO A 451 -49.35 -5.00 3.40
C PRO A 451 -47.85 -5.07 3.81
N ASP A 452 -47.55 -5.25 5.10
CA ASP A 452 -46.17 -5.47 5.58
C ASP A 452 -45.70 -6.78 5.00
N PRO A 453 -44.62 -6.76 4.19
CA PRO A 453 -44.18 -8.03 3.58
C PRO A 453 -43.41 -8.96 4.54
N GLY A 454 -43.15 -8.52 5.77
CA GLY A 454 -42.36 -9.29 6.72
C GLY A 454 -40.97 -9.57 6.16
N PHE A 455 -40.39 -10.68 6.62
CA PHE A 455 -39.01 -10.97 6.38
C PHE A 455 -38.93 -12.38 5.84
N VAL A 456 -38.25 -12.57 4.73
CA VAL A 456 -38.03 -13.86 4.15
C VAL A 456 -37.11 -14.70 5.10
N ARG A 457 -35.99 -14.14 5.55
CA ARG A 457 -35.11 -14.85 6.49
C ARG A 457 -35.12 -14.18 7.84
N ASP A 458 -34.46 -14.80 8.81
CA ASP A 458 -34.50 -14.37 10.24
C ASP A 458 -34.15 -12.89 10.31
N GLN A 459 -35.03 -12.10 10.95
CA GLN A 459 -34.90 -10.65 10.90
C GLN A 459 -33.86 -10.07 11.88
N GLU A 460 -33.33 -10.90 12.73
CA GLU A 460 -32.20 -10.56 13.61
C GLU A 460 -30.84 -10.74 12.94
N PHE A 461 -30.69 -11.84 12.20
CA PHE A 461 -29.42 -12.17 11.50
C PHE A 461 -29.27 -11.46 10.18
N PHE A 462 -30.39 -11.28 9.46
CA PHE A 462 -30.31 -10.81 8.09
C PHE A 462 -31.07 -9.51 7.80
N TYR A 463 -30.37 -8.57 7.15
CA TYR A 463 -30.93 -7.32 6.71
C TYR A 463 -31.84 -7.63 5.52
N GLN A 464 -32.99 -6.98 5.45
CA GLN A 464 -33.84 -7.08 4.27
C GLN A 464 -34.18 -5.68 3.82
N ALA A 465 -33.75 -5.35 2.62
CA ALA A 465 -34.03 -4.05 2.06
C ALA A 465 -35.54 -3.94 1.76
N SER A 466 -36.09 -2.75 1.95
CA SER A 466 -37.48 -2.50 1.63
C SER A 466 -37.59 -1.02 1.27
N THR A 467 -38.51 -0.72 0.37
CA THR A 467 -38.77 0.63 -0.02
C THR A 467 -40.20 1.08 0.43
N ARG A 468 -40.84 0.25 1.23
CA ARG A 468 -42.14 0.55 1.77
C ARG A 468 -41.98 1.66 2.79
N PRO A 469 -42.97 2.56 2.89
CA PRO A 469 -42.76 3.59 3.90
C PRO A 469 -42.55 3.05 5.32
N GLY A 470 -41.59 3.64 6.04
CA GLY A 470 -41.15 3.19 7.35
C GLY A 470 -39.82 2.42 7.37
N ALA A 471 -39.34 2.02 6.19
CA ALA A 471 -38.03 1.38 6.06
C ALA A 471 -36.99 2.40 5.59
N HIS A 472 -35.73 2.11 5.92
CA HIS A 472 -34.59 2.93 5.48
C HIS A 472 -34.42 2.83 4.00
N LEU A 473 -34.16 3.95 3.34
CA LEU A 473 -33.85 3.92 1.93
C LEU A 473 -32.73 2.88 1.65
N PRO A 474 -32.92 1.97 0.67
CA PRO A 474 -31.87 1.03 0.33
C PRO A 474 -30.72 1.73 -0.38
N HIS A 475 -29.53 1.25 -0.08
CA HIS A 475 -28.31 1.60 -0.80
C HIS A 475 -28.16 0.77 -2.07
N VAL A 476 -27.88 1.45 -3.19
CA VAL A 476 -27.33 0.90 -4.41
C VAL A 476 -26.43 1.96 -5.03
N TRP A 477 -25.52 1.51 -5.90
CA TRP A 477 -24.59 2.42 -6.56
C TRP A 477 -25.24 2.96 -7.85
N LEU A 478 -25.14 4.27 -7.99
CA LEU A 478 -25.49 5.02 -9.23
C LEU A 478 -24.21 5.62 -9.66
N THR A 479 -24.22 6.37 -10.75
CA THR A 479 -23.07 7.23 -11.06
C THR A 479 -23.43 8.67 -11.24
N GLU A 480 -22.47 9.52 -10.98
CA GLU A 480 -22.54 10.96 -11.23
C GLU A 480 -21.20 11.25 -11.94
N ASN A 481 -21.26 11.68 -13.21
CA ASN A 481 -20.05 11.86 -14.02
C ASN A 481 -19.13 10.65 -14.05
N GLN A 482 -19.74 9.50 -14.21
CA GLN A 482 -19.06 8.21 -14.20
C GLN A 482 -18.40 7.80 -12.86
N ARG A 483 -18.46 8.64 -11.81
CA ARG A 483 -18.00 8.25 -10.46
C ARG A 483 -19.18 7.59 -9.72
N ARG A 484 -18.93 6.46 -9.08
CA ARG A 484 -19.94 5.82 -8.22
C ARG A 484 -20.45 6.74 -7.10
N ILE A 485 -21.75 6.73 -6.85
CA ILE A 485 -22.37 7.51 -5.76
C ILE A 485 -23.53 6.69 -5.26
N SER A 486 -23.75 6.67 -3.94
CA SER A 486 -24.84 5.88 -3.39
C SER A 486 -26.16 6.65 -3.49
N THR A 487 -27.25 5.91 -3.56
CA THR A 487 -28.59 6.48 -3.34
C THR A 487 -28.66 7.33 -2.09
N LEU A 488 -27.97 6.92 -1.04
CA LEU A 488 -27.97 7.72 0.19
C LEU A 488 -27.30 9.11 0.07
N ASP A 489 -26.31 9.21 -0.82
CA ASP A 489 -25.61 10.44 -1.09
C ASP A 489 -26.48 11.49 -1.84
N LEU A 490 -27.58 11.07 -2.41
CA LEU A 490 -28.56 11.98 -3.03
C LEU A 490 -29.50 12.67 -2.03
N CYS A 491 -29.58 12.12 -0.82
CA CYS A 491 -30.61 12.43 0.12
C CYS A 491 -29.94 12.95 1.43
N GLY A 492 -30.72 13.13 2.49
CA GLY A 492 -30.16 13.68 3.74
C GLY A 492 -29.92 15.18 3.69
N LYS A 493 -28.80 15.64 4.24
CA LYS A 493 -28.45 17.06 4.31
C LYS A 493 -29.56 17.90 4.91
N GLY A 494 -30.25 17.36 5.89
CA GLY A 494 -31.27 18.09 6.58
C GLY A 494 -32.54 18.39 5.79
N ARG A 495 -32.78 17.73 4.67
CA ARG A 495 -33.97 18.03 3.88
C ARG A 495 -34.62 16.77 3.28
N PHE A 496 -35.84 16.90 2.79
CA PHE A 496 -36.53 15.82 2.11
C PHE A 496 -36.08 15.71 0.70
N THR A 497 -36.11 14.50 0.15
CA THR A 497 -35.66 14.26 -1.20
C THR A 497 -36.66 13.33 -1.83
N LEU A 498 -36.96 13.57 -3.10
CA LEU A 498 -37.87 12.71 -3.86
C LEU A 498 -37.08 12.12 -5.02
N LEU A 499 -37.09 10.81 -5.10
CA LEU A 499 -36.34 10.10 -6.15
C LEU A 499 -37.30 9.47 -7.16
N THR A 500 -36.98 9.62 -8.44
CA THR A 500 -37.76 9.01 -9.54
C THR A 500 -36.89 8.76 -10.75
N GLY A 501 -37.49 8.26 -11.85
CA GLY A 501 -36.81 8.10 -13.11
C GLY A 501 -37.44 8.97 -14.20
N LEU A 502 -36.96 8.76 -15.44
CA LEU A 502 -37.19 9.72 -16.52
C LEU A 502 -38.66 9.86 -16.86
N SER A 503 -39.41 8.75 -16.82
CA SER A 503 -40.85 8.78 -17.09
C SER A 503 -41.64 9.37 -15.92
N GLY A 504 -40.96 9.68 -14.81
CA GLY A 504 -41.56 10.38 -13.69
C GLY A 504 -41.23 11.86 -13.66
N ALA A 505 -40.90 12.46 -14.80
CA ALA A 505 -40.58 13.89 -14.83
C ALA A 505 -41.68 14.79 -14.16
N ALA A 506 -42.93 14.37 -14.15
CA ALA A 506 -44.00 15.23 -13.58
C ALA A 506 -43.81 15.45 -12.09
N TRP A 507 -43.02 14.59 -11.45
CA TRP A 507 -42.79 14.79 -10.03
C TRP A 507 -42.09 16.08 -9.75
N LYS A 508 -41.26 16.56 -10.67
CA LYS A 508 -40.51 17.76 -10.42
C LYS A 508 -41.44 18.91 -10.16
N HIS A 509 -42.39 19.09 -11.04
CA HIS A 509 -43.35 20.20 -10.88
C HIS A 509 -44.27 20.00 -9.65
N GLU A 510 -44.73 18.77 -9.44
CA GLU A 510 -45.55 18.51 -8.27
C GLU A 510 -44.79 18.85 -6.98
N ALA A 511 -43.53 18.44 -6.91
CA ALA A 511 -42.76 18.74 -5.71
C ALA A 511 -42.53 20.24 -5.52
N GLU A 512 -42.26 20.96 -6.61
CA GLU A 512 -42.12 22.45 -6.56
C GLU A 512 -43.38 23.12 -5.96
N GLN A 513 -44.57 22.68 -6.36
CA GLN A 513 -45.83 23.21 -5.83
C GLN A 513 -45.97 22.96 -4.34
N VAL A 514 -45.69 21.73 -3.90
CA VAL A 514 -45.87 21.36 -2.51
C VAL A 514 -44.83 22.13 -1.67
N SER A 515 -43.62 22.21 -2.19
CA SER A 515 -42.54 22.97 -1.56
C SER A 515 -42.90 24.48 -1.33
N GLN A 516 -43.39 25.10 -2.40
CA GLN A 516 -43.81 26.50 -2.44
C GLN A 516 -44.98 26.72 -1.48
N SER A 517 -45.98 25.88 -1.60
CA SER A 517 -47.14 25.97 -0.74
C SER A 517 -46.86 25.77 0.75
N LEU A 518 -45.97 24.85 1.13
CA LEU A 518 -45.75 24.55 2.55
C LEU A 518 -44.53 25.27 3.11
N GLY A 519 -43.74 25.88 2.25
CA GLY A 519 -42.55 26.57 2.71
C GLY A 519 -41.48 25.63 3.19
N ILE A 520 -41.26 24.53 2.46
CA ILE A 520 -40.27 23.53 2.86
C ILE A 520 -39.49 23.04 1.65
N GLU A 521 -38.20 22.78 1.81
CA GLU A 521 -37.38 22.28 0.69
C GLU A 521 -37.68 20.84 0.36
N LEU A 522 -37.88 20.57 -0.93
CA LEU A 522 -38.04 19.24 -1.46
C LEU A 522 -37.13 19.08 -2.67
N LYS A 523 -35.99 18.38 -2.50
CA LYS A 523 -35.05 18.19 -3.61
C LYS A 523 -35.54 17.01 -4.41
N VAL A 524 -35.60 17.15 -5.71
CA VAL A 524 -36.07 16.09 -6.59
C VAL A 524 -34.90 15.62 -7.41
N CYS A 525 -34.70 14.30 -7.49
CA CYS A 525 -33.64 13.69 -8.33
C CYS A 525 -34.29 12.76 -9.34
N VAL A 526 -34.11 13.06 -10.61
CA VAL A 526 -34.62 12.30 -11.74
C VAL A 526 -33.43 11.47 -12.29
N ILE A 527 -33.47 10.19 -11.95
CA ILE A 527 -32.35 9.26 -12.17
C ILE A 527 -32.53 8.59 -13.50
N GLY A 528 -31.50 8.70 -14.35
CA GLY A 528 -31.58 8.07 -15.67
C GLY A 528 -30.48 8.43 -16.64
N PRO A 529 -30.48 7.78 -17.80
CA PRO A 529 -29.48 8.11 -18.78
C PRO A 529 -29.51 9.59 -19.22
N GLY A 530 -28.34 10.21 -19.30
CA GLY A 530 -28.17 11.60 -19.66
C GLY A 530 -28.42 12.57 -18.52
N GLN A 531 -28.81 12.10 -17.32
CA GLN A 531 -29.15 12.97 -16.20
C GLN A 531 -27.94 13.21 -15.34
N GLU A 532 -28.09 14.02 -14.33
CA GLU A 532 -27.05 14.23 -13.30
C GLU A 532 -26.65 12.91 -12.61
N PHE A 533 -27.65 12.07 -12.29
CA PHE A 533 -27.45 10.78 -11.65
C PHE A 533 -28.01 9.70 -12.54
N VAL A 534 -27.18 8.67 -12.79
CA VAL A 534 -27.43 7.66 -13.79
C VAL A 534 -27.46 6.26 -13.14
N ASP A 535 -28.45 5.43 -13.54
CA ASP A 535 -28.62 4.05 -13.09
C ASP A 535 -27.69 3.10 -13.88
N THR A 536 -26.41 3.37 -13.79
CA THR A 536 -25.39 2.79 -14.64
C THR A 536 -25.30 1.28 -14.57
N TYR A 537 -25.62 0.72 -13.39
CA TYR A 537 -25.56 -0.71 -13.16
C TYR A 537 -26.93 -1.36 -13.22
N GLY A 538 -28.00 -0.57 -13.40
CA GLY A 538 -29.35 -1.09 -13.29
C GLY A 538 -29.82 -1.45 -11.88
N GLU A 539 -29.05 -1.11 -10.86
CA GLU A 539 -29.31 -1.53 -9.49
C GLU A 539 -30.50 -0.76 -8.90
N TYR A 540 -30.72 0.50 -9.31
CA TYR A 540 -31.90 1.25 -8.82
C TYR A 540 -33.23 0.60 -9.27
N ALA A 541 -33.35 0.33 -10.56
CA ALA A 541 -34.59 -0.30 -11.08
C ALA A 541 -34.78 -1.60 -10.38
N LYS A 542 -33.71 -2.29 -10.07
CA LYS A 542 -33.85 -3.61 -9.43
C LYS A 542 -34.32 -3.51 -7.99
N ILE A 543 -33.91 -2.48 -7.26
CA ILE A 543 -34.19 -2.38 -5.78
C ILE A 543 -35.46 -1.55 -5.46
N SER A 544 -35.96 -0.74 -6.43
CA SER A 544 -36.93 0.31 -6.05
C SER A 544 -38.29 -0.27 -5.70
N GLU A 545 -38.62 -1.44 -6.25
CA GLU A 545 -39.92 -2.16 -6.09
C GLU A 545 -41.10 -1.44 -6.82
N ILE A 546 -40.82 -0.40 -7.59
CA ILE A 546 -41.85 0.35 -8.33
C ILE A 546 -41.41 0.62 -9.75
N GLY A 547 -42.35 1.03 -10.61
CA GLY A 547 -42.04 1.35 -11.98
C GLY A 547 -41.21 2.60 -12.04
N GLU A 548 -40.70 2.86 -13.23
CA GLU A 548 -39.76 3.92 -13.42
C GLU A 548 -40.41 5.26 -13.04
N SER A 549 -41.71 5.41 -13.24
CA SER A 549 -42.34 6.72 -13.03
C SER A 549 -42.76 6.89 -11.58
N GLY A 550 -42.56 5.87 -10.75
CA GLY A 550 -42.91 5.98 -9.32
C GLY A 550 -41.90 6.85 -8.60
N ALA A 551 -42.21 7.15 -7.33
CA ALA A 551 -41.38 8.01 -6.53
C ALA A 551 -41.27 7.53 -5.12
N LEU A 552 -40.11 7.83 -4.52
CA LEU A 552 -39.86 7.67 -3.10
C LEU A 552 -39.50 8.97 -2.48
N LEU A 553 -40.20 9.30 -1.41
CA LEU A 553 -39.95 10.48 -0.65
C LEU A 553 -39.17 10.06 0.54
N VAL A 554 -38.01 10.67 0.70
CA VAL A 554 -37.02 10.30 1.70
C VAL A 554 -36.81 11.42 2.71
N ARG A 555 -37.02 11.11 3.96
CA ARG A 555 -36.84 12.07 5.09
C ARG A 555 -35.39 12.42 5.31
N PRO A 556 -35.10 13.55 6.01
CA PRO A 556 -33.70 13.89 6.31
C PRO A 556 -32.90 12.80 7.01
N ASP A 557 -33.58 11.87 7.71
CA ASP A 557 -32.88 10.81 8.41
C ASP A 557 -32.79 9.56 7.55
N MET A 558 -33.17 9.68 6.29
CA MET A 558 -33.00 8.64 5.32
C MET A 558 -34.11 7.58 5.31
N PHE A 559 -35.17 7.76 6.10
CA PHE A 559 -36.30 6.82 6.08
C PHE A 559 -37.30 7.21 5.03
N ILE A 560 -37.87 6.22 4.36
CA ILE A 560 -38.88 6.47 3.35
C ILE A 560 -40.21 6.84 4.08
N ALA A 561 -40.78 7.97 3.69
CA ALA A 561 -42.06 8.45 4.27
C ALA A 561 -43.27 8.31 3.35
N PHE A 562 -43.01 8.06 2.07
CA PHE A 562 -44.11 8.04 1.08
C PHE A 562 -43.57 7.31 -0.14
N ARG A 563 -44.41 6.46 -0.70
CA ARG A 563 -44.09 5.78 -1.91
C ARG A 563 -45.30 5.84 -2.86
N ALA A 564 -45.04 6.16 -4.12
CA ALA A 564 -46.07 6.20 -5.17
C ALA A 564 -45.65 5.24 -6.27
N LYS A 565 -46.58 4.42 -6.73
CA LYS A 565 -46.37 3.42 -7.82
C LYS A 565 -46.09 4.05 -9.20
N ASP A 566 -46.63 5.23 -9.48
CA ASP A 566 -46.48 5.80 -10.84
C ASP A 566 -46.68 7.29 -10.77
N ALA A 567 -46.65 7.97 -11.91
CA ALA A 567 -46.87 9.38 -11.97
C ALA A 567 -48.24 9.76 -12.60
N SER A 568 -49.25 8.94 -12.43
CA SER A 568 -50.61 9.28 -12.82
C SER A 568 -51.10 10.47 -12.02
N ARG A 569 -52.11 11.16 -12.53
CA ARG A 569 -52.70 12.28 -11.80
C ARG A 569 -53.12 11.89 -10.35
N GLU A 570 -53.72 10.72 -10.17
CA GLU A 570 -54.13 10.29 -8.81
C GLU A 570 -52.88 10.14 -7.93
N GLY A 571 -51.82 9.53 -8.48
CA GLY A 571 -50.56 9.36 -7.74
C GLY A 571 -49.96 10.69 -7.33
N LEU A 572 -49.85 11.62 -8.29
CA LEU A 572 -49.25 12.92 -8.05
C LEU A 572 -50.00 13.70 -6.98
N GLU A 573 -51.33 13.67 -7.01
CA GLU A 573 -52.15 14.40 -6.01
C GLU A 573 -51.87 13.91 -4.58
N GLN A 574 -51.40 12.66 -4.41
CA GLN A 574 -51.17 12.21 -3.03
C GLN A 574 -49.93 12.83 -2.33
N LEU A 575 -49.01 13.40 -3.12
CA LEU A 575 -47.80 13.91 -2.53
C LEU A 575 -48.14 14.99 -1.51
N ASN A 576 -49.00 15.91 -1.91
CA ASN A 576 -49.33 17.03 -1.05
C ASN A 576 -50.06 16.56 0.23
N VAL A 577 -50.93 15.56 0.11
CA VAL A 577 -51.60 15.04 1.30
C VAL A 577 -50.64 14.27 2.21
N ALA A 578 -49.72 13.49 1.66
CA ALA A 578 -48.71 12.83 2.52
C ALA A 578 -47.84 13.83 3.26
N VAL A 579 -47.32 14.81 2.55
CA VAL A 579 -46.38 15.76 3.18
C VAL A 579 -47.05 16.58 4.27
N LYS A 580 -48.28 17.04 4.00
CA LYS A 580 -49.04 17.75 5.05
C LYS A 580 -49.26 16.89 6.27
N SER A 581 -49.64 15.64 6.05
CA SER A 581 -49.83 14.69 7.15
C SER A 581 -48.53 14.42 7.97
N ILE A 582 -47.42 14.23 7.27
CA ILE A 582 -46.09 14.05 7.94
C ILE A 582 -45.71 15.26 8.78
N LEU A 583 -45.97 16.46 8.28
CA LEU A 583 -45.68 17.68 8.98
C LEU A 583 -46.75 18.15 9.96
N GLY A 584 -47.82 17.36 10.13
CA GLY A 584 -48.89 17.65 11.09
C GLY A 584 -49.70 18.90 10.72
N ARG A 585 -49.81 19.20 9.41
CA ARG A 585 -50.42 20.45 8.88
C ARG A 585 -51.66 20.24 7.98
N SER B 4 24.13 -27.64 -42.04
CA SER B 4 24.66 -26.24 -42.24
C SER B 4 23.63 -25.11 -42.02
N ALA B 5 23.97 -24.16 -41.15
CA ALA B 5 23.12 -22.99 -40.90
C ALA B 5 23.99 -21.75 -41.13
N GLU B 6 23.35 -20.61 -41.38
CA GLU B 6 24.03 -19.33 -41.60
C GLU B 6 23.39 -18.25 -40.73
N THR B 7 24.18 -17.37 -40.12
CA THR B 7 23.64 -16.24 -39.37
C THR B 7 24.67 -15.07 -39.46
N ASP B 8 24.30 -13.87 -39.03
CA ASP B 8 25.25 -12.77 -38.89
C ASP B 8 26.15 -12.97 -37.70
N VAL B 9 25.57 -13.25 -36.51
CA VAL B 9 26.35 -13.43 -35.29
C VAL B 9 25.99 -14.71 -34.53
N LEU B 10 26.98 -15.49 -34.18
CA LEU B 10 26.79 -16.70 -33.40
C LEU B 10 27.19 -16.33 -31.99
N ILE B 11 26.28 -16.58 -31.04
CA ILE B 11 26.48 -16.21 -29.65
C ILE B 11 26.61 -17.48 -28.84
N VAL B 12 27.78 -17.73 -28.29
CA VAL B 12 27.98 -18.94 -27.60
C VAL B 12 27.78 -18.63 -26.16
N GLY B 13 26.63 -19.09 -25.63
CA GLY B 13 26.30 -18.94 -24.22
C GLY B 13 25.03 -18.12 -24.10
N ALA B 14 24.17 -18.50 -23.14
CA ALA B 14 22.92 -17.83 -22.88
C ALA B 14 22.74 -17.38 -21.42
N GLY B 15 23.83 -17.08 -20.75
CA GLY B 15 23.74 -16.32 -19.50
C GLY B 15 23.45 -14.90 -19.78
N PRO B 16 23.65 -14.04 -18.78
CA PRO B 16 23.33 -12.63 -18.91
C PRO B 16 24.01 -11.94 -20.09
N ALA B 17 25.27 -12.22 -20.33
CA ALA B 17 26.01 -11.57 -21.45
C ALA B 17 25.46 -12.02 -22.81
N GLY B 18 25.31 -13.33 -23.00
CA GLY B 18 24.82 -13.82 -24.27
C GLY B 18 23.41 -13.46 -24.55
N ALA B 19 22.53 -13.61 -23.55
CA ALA B 19 21.14 -13.33 -23.77
C ALA B 19 20.89 -11.87 -24.01
N MET B 20 21.59 -10.99 -23.30
CA MET B 20 21.49 -9.54 -23.57
C MET B 20 22.01 -9.19 -24.99
N SER B 21 23.10 -9.82 -25.43
CA SER B 21 23.59 -9.58 -26.80
C SER B 21 22.54 -10.01 -27.78
N ALA B 22 21.93 -11.17 -27.58
CA ALA B 22 20.91 -11.64 -28.52
C ALA B 22 19.70 -10.74 -28.59
N THR B 23 19.29 -10.26 -27.43
CA THR B 23 18.14 -9.33 -27.37
C THR B 23 18.44 -8.03 -28.07
N LEU B 24 19.61 -7.44 -27.79
CA LEU B 24 19.98 -6.19 -28.42
C LEU B 24 20.15 -6.31 -29.95
N LEU B 25 20.85 -7.34 -30.38
CA LEU B 25 21.07 -7.57 -31.80
C LEU B 25 19.77 -7.78 -32.55
N ALA B 26 18.87 -8.59 -31.98
CA ALA B 26 17.54 -8.77 -32.56
C ALA B 26 16.76 -7.45 -32.61
N SER B 27 16.81 -6.67 -31.56
CA SER B 27 16.17 -5.36 -31.60
C SER B 27 16.79 -4.43 -32.70
N LEU B 28 18.07 -4.60 -33.04
CA LEU B 28 18.73 -3.73 -34.04
C LEU B 28 18.58 -4.28 -35.46
N GLY B 29 17.84 -5.39 -35.63
CA GLY B 29 17.62 -5.99 -36.96
C GLY B 29 18.71 -6.98 -37.38
N ILE B 30 19.51 -7.49 -36.47
CA ILE B 30 20.62 -8.34 -36.82
C ILE B 30 20.25 -9.78 -36.47
N ARG B 31 20.57 -10.71 -37.37
CA ARG B 31 20.25 -12.12 -37.23
C ARG B 31 21.26 -12.78 -36.35
N SER B 32 20.80 -13.52 -35.37
CA SER B 32 21.73 -14.17 -34.48
C SER B 32 21.22 -15.56 -34.13
N LEU B 33 22.16 -16.43 -33.79
CA LEU B 33 21.86 -17.72 -33.21
C LEU B 33 22.56 -17.78 -31.88
N MET B 34 21.78 -17.96 -30.80
CA MET B 34 22.36 -18.06 -29.49
C MET B 34 22.24 -19.51 -29.05
N ILE B 35 23.33 -20.09 -28.59
CA ILE B 35 23.28 -21.48 -28.10
C ILE B 35 23.67 -21.57 -26.67
N ASN B 36 23.25 -22.68 -26.05
CA ASN B 36 23.64 -23.04 -24.68
C ASN B 36 23.76 -24.56 -24.59
N ARG B 37 24.84 -25.04 -23.97
CA ARG B 37 25.15 -26.48 -23.80
C ARG B 37 24.07 -27.21 -22.97
N TRP B 38 23.54 -26.55 -21.96
CA TRP B 38 22.65 -27.17 -21.00
C TRP B 38 21.19 -27.10 -21.44
N ARG B 39 20.35 -27.80 -20.68
CA ARG B 39 18.92 -27.94 -20.95
C ARG B 39 18.13 -26.68 -20.61
N SER B 40 18.54 -25.97 -19.57
CA SER B 40 17.78 -24.82 -19.02
C SER B 40 18.65 -23.60 -18.80
N THR B 41 18.01 -22.54 -18.34
CA THR B 41 18.72 -21.44 -17.72
C THR B 41 19.32 -21.85 -16.37
N SER B 42 20.14 -20.97 -15.83
CA SER B 42 20.88 -21.28 -14.61
C SER B 42 19.91 -21.50 -13.43
N PRO B 43 20.04 -22.64 -12.72
CA PRO B 43 19.09 -22.91 -11.63
C PRO B 43 19.50 -22.32 -10.30
N GLY B 44 20.76 -22.03 -10.12
CA GLY B 44 21.27 -21.88 -8.79
C GLY B 44 20.91 -20.51 -8.26
N PRO B 45 20.96 -20.38 -6.91
CA PRO B 45 21.16 -19.06 -6.42
C PRO B 45 22.60 -18.71 -6.87
N ARG B 46 22.69 -17.61 -7.58
CA ARG B 46 23.96 -17.04 -7.95
C ARG B 46 23.72 -15.57 -7.70
N SER B 47 23.82 -14.76 -8.75
CA SER B 47 23.64 -13.36 -8.59
C SER B 47 22.23 -12.97 -8.05
N HIS B 48 22.19 -11.84 -7.38
CA HIS B 48 20.93 -11.24 -7.09
C HIS B 48 20.97 -9.70 -7.01
N ILE B 49 22.14 -9.06 -6.97
CA ILE B 49 22.20 -7.59 -6.88
C ILE B 49 22.28 -7.01 -8.30
N ILE B 50 21.25 -6.29 -8.71
CA ILE B 50 21.18 -5.67 -10.03
C ILE B 50 21.40 -4.22 -9.80
N ASN B 51 22.43 -3.67 -10.43
CA ASN B 51 22.77 -2.23 -10.22
C ASN B 51 22.10 -1.28 -11.26
N GLN B 52 22.32 0.03 -11.08
CA GLN B 52 21.59 1.04 -11.84
C GLN B 52 21.91 1.03 -13.35
N ARG B 53 23.14 0.67 -13.72
CA ARG B 53 23.48 0.57 -15.13
C ARG B 53 22.75 -0.57 -15.81
N THR B 54 22.63 -1.72 -15.15
CA THR B 54 21.83 -2.81 -15.69
C THR B 54 20.38 -2.38 -15.83
N MET B 55 19.83 -1.78 -14.76
CA MET B 55 18.43 -1.38 -14.83
C MET B 55 18.17 -0.33 -15.90
N GLU B 56 19.13 0.59 -16.12
CA GLU B 56 19.04 1.55 -17.20
C GLU B 56 19.00 0.87 -18.56
N ILE B 57 19.77 -0.18 -18.74
CA ILE B 57 19.70 -0.94 -19.96
C ILE B 57 18.35 -1.57 -20.20
N LEU B 58 17.85 -2.25 -19.16
CA LEU B 58 16.50 -2.81 -19.22
C LEU B 58 15.48 -1.74 -19.48
N ARG B 59 15.67 -0.55 -18.89
CA ARG B 59 14.76 0.56 -19.16
C ARG B 59 14.79 0.99 -20.65
N ASP B 60 15.99 1.06 -21.23
CA ASP B 60 16.14 1.44 -22.65
C ASP B 60 15.45 0.46 -23.60
N ILE B 61 15.52 -0.82 -23.32
CA ILE B 61 14.88 -1.81 -24.12
C ILE B 61 13.47 -2.23 -23.64
N GLY B 62 12.91 -1.64 -22.59
CA GLY B 62 11.49 -1.88 -22.29
C GLY B 62 11.24 -3.06 -21.35
N LEU B 63 12.27 -3.53 -20.62
CA LEU B 63 12.11 -4.60 -19.65
C LEU B 63 12.24 -4.16 -18.18
N GLU B 64 12.38 -2.88 -17.90
CA GLU B 64 12.62 -2.46 -16.53
C GLU B 64 11.38 -2.79 -15.65
N GLU B 65 10.18 -2.51 -16.13
CA GLU B 65 8.98 -2.73 -15.31
C GLU B 65 8.75 -4.21 -15.06
N SER B 66 9.04 -5.09 -16.02
CA SER B 66 9.01 -6.55 -15.78
C SER B 66 10.03 -6.98 -14.75
N ALA B 67 11.24 -6.43 -14.84
CA ALA B 67 12.26 -6.75 -13.84
C ALA B 67 11.80 -6.35 -12.43
N LYS B 68 11.26 -5.16 -12.31
CA LYS B 68 10.80 -4.69 -11.00
C LYS B 68 9.70 -5.55 -10.42
N SER B 69 8.77 -6.05 -11.24
CA SER B 69 7.69 -6.93 -10.73
C SER B 69 8.19 -8.25 -10.20
N LEU B 70 9.31 -8.76 -10.73
CA LEU B 70 9.98 -9.97 -10.20
C LEU B 70 10.92 -9.73 -9.02
N ALA B 71 11.34 -8.49 -8.80
CA ALA B 71 12.41 -8.18 -7.85
C ALA B 71 11.90 -7.68 -6.50
N VAL B 72 12.81 -7.63 -5.54
CA VAL B 72 12.58 -6.96 -4.24
C VAL B 72 13.20 -5.54 -4.31
N PRO B 73 12.38 -4.52 -4.01
CA PRO B 73 12.99 -3.17 -4.13
C PRO B 73 14.05 -2.87 -3.05
N LYS B 74 14.79 -1.81 -3.34
CA LYS B 74 15.92 -1.38 -2.52
C LYS B 74 15.62 -1.13 -1.00
N GLU B 75 14.44 -0.63 -0.68
CA GLU B 75 13.97 -0.48 0.74
C GLU B 75 14.11 -1.77 1.59
N TYR B 76 14.15 -2.93 0.95
CA TYR B 76 14.26 -4.21 1.70
C TYR B 76 15.66 -4.87 1.62
N MET B 77 16.66 -4.12 1.21
CA MET B 77 18.02 -4.67 1.05
C MET B 77 19.05 -4.10 2.07
N GLY B 78 18.68 -3.06 2.82
CA GLY B 78 19.66 -2.35 3.66
C GLY B 78 20.25 -2.94 4.93
N GLU B 79 19.49 -3.81 5.60
CA GLU B 79 19.91 -4.25 6.95
C GLU B 79 20.94 -5.40 6.89
N HIS B 80 22.25 -5.10 6.84
CA HIS B 80 23.25 -6.16 6.99
C HIS B 80 23.67 -6.29 8.45
N VAL B 81 23.62 -7.52 8.94
CA VAL B 81 23.83 -7.86 10.35
C VAL B 81 25.08 -8.71 10.51
N TYR B 82 25.99 -8.29 11.38
CA TYR B 82 27.21 -9.02 11.69
C TYR B 82 26.97 -9.74 13.03
N ALA B 83 27.17 -11.04 13.05
CA ALA B 83 26.86 -11.84 14.24
C ALA B 83 27.69 -13.12 14.31
N THR B 84 27.56 -13.84 15.42
CA THR B 84 28.24 -15.13 15.59
C THR B 84 27.38 -16.21 14.96
N SER B 85 26.06 -16.05 15.08
CA SER B 85 25.11 -16.93 14.45
C SER B 85 23.79 -16.22 14.53
N LEU B 86 22.77 -16.74 13.86
CA LEU B 86 21.44 -16.10 13.86
C LEU B 86 20.81 -15.93 15.24
N ALA B 87 21.01 -16.92 16.12
CA ALA B 87 20.46 -16.88 17.45
C ALA B 87 21.42 -16.22 18.42
N GLY B 88 22.70 -16.17 18.08
CA GLY B 88 23.73 -15.59 18.97
C GLY B 88 23.69 -14.07 19.12
N GLU B 89 24.79 -13.51 19.61
CA GLU B 89 24.85 -12.08 19.87
C GLU B 89 25.22 -11.39 18.55
N GLU B 90 24.60 -10.23 18.37
CA GLU B 90 24.85 -9.35 17.24
C GLU B 90 25.97 -8.38 17.51
N PHE B 91 26.99 -8.38 16.67
CA PHE B 91 28.11 -7.41 16.80
C PHE B 91 27.68 -6.00 16.42
N GLY B 92 26.78 -5.91 15.44
CA GLY B 92 26.30 -4.61 14.93
C GLY B 92 25.76 -4.75 13.51
N ARG B 93 25.25 -3.66 13.01
CA ARG B 93 24.69 -3.61 11.64
C ARG B 93 25.29 -2.47 10.89
N ILE B 94 25.10 -2.55 9.59
CA ILE B 94 25.71 -1.64 8.63
C ILE B 94 24.63 -1.38 7.58
N PRO B 95 24.59 -0.16 6.99
CA PRO B 95 23.57 0.18 5.98
C PRO B 95 24.06 -0.20 4.62
N ALA B 96 23.68 -1.38 4.20
CA ALA B 96 24.13 -1.91 2.89
C ALA B 96 23.25 -1.41 1.74
N TRP B 97 23.78 -1.58 0.52
CA TRP B 97 23.02 -1.21 -0.71
C TRP B 97 22.42 0.22 -0.64
N ALA B 98 23.25 1.13 -0.18
CA ALA B 98 22.97 2.56 -0.22
C ALA B 98 21.70 2.93 0.53
N SER B 99 21.49 2.28 1.68
CA SER B 99 20.28 2.48 2.48
C SER B 99 20.43 3.67 3.48
N HIS B 100 21.64 4.07 3.82
CA HIS B 100 21.88 5.29 4.62
C HIS B 100 21.28 6.48 3.85
N PRO B 101 20.64 7.44 4.55
CA PRO B 101 19.97 8.49 3.79
C PRO B 101 20.86 9.25 2.81
N GLN B 102 22.11 9.52 3.17
CA GLN B 102 23.06 10.24 2.23
C GLN B 102 23.39 9.40 1.02
N ALA B 103 23.66 8.13 1.23
CA ALA B 103 23.95 7.20 0.15
C ALA B 103 22.74 7.05 -0.76
N HIS B 104 21.55 7.05 -0.17
CA HIS B 104 20.36 6.91 -0.94
C HIS B 104 20.14 8.15 -1.85
N ALA B 105 20.42 9.33 -1.33
CA ALA B 105 20.33 10.56 -2.13
C ALA B 105 21.28 10.51 -3.33
N GLU B 106 22.52 10.08 -3.10
CA GLU B 106 23.56 9.99 -4.11
C GLU B 106 23.11 8.99 -5.19
N HIS B 107 22.43 7.96 -4.76
CA HIS B 107 21.87 6.95 -5.62
C HIS B 107 20.75 7.47 -6.53
N GLU B 108 19.79 8.16 -5.93
CA GLU B 108 18.70 8.75 -6.65
C GLU B 108 19.17 9.79 -7.65
N LEU B 109 20.13 10.61 -7.26
CA LEU B 109 20.62 11.68 -8.18
C LEU B 109 21.33 11.14 -9.40
N ALA B 110 21.90 9.94 -9.30
CA ALA B 110 22.75 9.39 -10.34
C ALA B 110 22.00 8.79 -11.54
N SER B 111 20.76 8.35 -11.36
CA SER B 111 20.08 7.51 -12.35
C SER B 111 18.61 7.58 -12.13
N PRO B 112 17.79 7.40 -13.19
CA PRO B 112 16.39 7.13 -12.95
C PRO B 112 16.08 5.76 -12.33
N SER B 113 17.03 4.84 -12.39
CA SER B 113 16.90 3.49 -11.90
C SER B 113 17.48 3.31 -10.49
N ARG B 114 17.20 2.17 -9.88
CA ARG B 114 17.56 1.84 -8.51
C ARG B 114 18.04 0.38 -8.40
N TYR B 115 18.86 0.13 -7.39
CA TYR B 115 19.24 -1.21 -7.04
C TYR B 115 17.95 -2.02 -6.94
N CYS B 116 18.02 -3.29 -7.29
CA CYS B 116 17.05 -4.24 -6.81
C CYS B 116 17.56 -5.62 -6.65
N ASP B 117 16.81 -6.43 -5.93
CA ASP B 117 17.25 -7.74 -5.64
C ASP B 117 16.46 -8.66 -6.50
N LEU B 118 17.08 -9.25 -7.50
CA LEU B 118 16.38 -10.04 -8.51
C LEU B 118 17.27 -11.25 -8.81
N PRO B 119 16.90 -12.40 -8.30
CA PRO B 119 17.76 -13.57 -8.52
C PRO B 119 18.04 -13.84 -9.99
N GLN B 120 19.26 -14.27 -10.28
CA GLN B 120 19.64 -14.63 -11.63
C GLN B 120 18.70 -15.75 -12.20
N LEU B 121 18.23 -16.63 -11.33
CA LEU B 121 17.19 -17.60 -11.64
C LEU B 121 15.98 -17.03 -12.40
N TYR B 122 15.55 -15.82 -12.10
CA TYR B 122 14.48 -15.16 -12.87
C TYR B 122 15.01 -14.24 -13.96
N PHE B 123 16.17 -13.61 -13.72
CA PHE B 123 16.68 -12.66 -14.70
C PHE B 123 16.90 -13.36 -16.03
N GLU B 124 17.57 -14.51 -16.01
CA GLU B 124 17.92 -15.20 -17.26
C GLU B 124 16.74 -15.57 -18.15
N PRO B 125 15.73 -16.28 -17.62
CA PRO B 125 14.61 -16.56 -18.54
C PRO B 125 13.90 -15.35 -19.08
N MET B 126 13.77 -14.30 -18.28
CA MET B 126 13.13 -13.10 -18.76
C MET B 126 13.89 -12.58 -20.05
N VAL B 127 15.22 -12.55 -20.03
CA VAL B 127 15.96 -12.01 -21.12
C VAL B 127 16.03 -13.01 -22.29
N VAL B 128 16.18 -14.29 -21.98
CA VAL B 128 16.16 -15.31 -23.02
C VAL B 128 14.84 -15.34 -23.77
N SER B 129 13.66 -15.25 -23.10
CA SER B 129 12.38 -15.15 -23.85
C SER B 129 12.22 -13.93 -24.70
N GLU B 130 12.67 -12.78 -24.19
CA GLU B 130 12.71 -11.57 -24.98
C GLU B 130 13.58 -11.64 -26.26
N ALA B 131 14.76 -12.23 -26.17
CA ALA B 131 15.61 -12.44 -27.34
C ALA B 131 14.87 -13.21 -28.44
N ALA B 132 14.22 -14.32 -28.08
CA ALA B 132 13.45 -15.12 -29.04
C ALA B 132 12.26 -14.35 -29.60
N LEU B 133 11.54 -13.64 -28.75
CA LEU B 133 10.43 -12.87 -29.25
C LEU B 133 10.84 -11.77 -30.22
N ARG B 134 11.99 -11.17 -30.01
CA ARG B 134 12.40 -10.06 -30.85
C ARG B 134 13.06 -10.53 -32.13
N GLY B 135 13.42 -11.79 -32.21
CA GLY B 135 13.93 -12.31 -33.52
C GLY B 135 15.16 -13.15 -33.47
N ALA B 136 15.82 -13.28 -32.31
CA ALA B 136 16.98 -14.20 -32.19
C ALA B 136 16.58 -15.69 -32.24
N ASP B 137 17.34 -16.54 -32.93
CA ASP B 137 17.15 -17.97 -32.86
C ASP B 137 17.87 -18.46 -31.60
N VAL B 138 17.21 -19.26 -30.78
CA VAL B 138 17.75 -19.66 -29.50
C VAL B 138 17.68 -21.15 -29.45
N ARG B 139 18.79 -21.79 -29.14
CA ARG B 139 18.89 -23.24 -29.22
C ARG B 139 19.71 -23.74 -28.06
N PHE B 140 19.04 -24.44 -27.13
CA PHE B 140 19.68 -25.03 -25.98
C PHE B 140 20.08 -26.50 -26.30
N LEU B 141 20.71 -27.16 -25.35
CA LEU B 141 21.28 -28.53 -25.54
C LEU B 141 22.18 -28.63 -26.82
N THR B 142 22.94 -27.56 -27.07
CA THR B 142 23.78 -27.40 -28.23
C THR B 142 25.11 -26.78 -27.77
N GLU B 143 26.19 -27.47 -28.13
CA GLU B 143 27.52 -27.16 -27.66
C GLU B 143 28.47 -26.73 -28.77
N TYR B 144 29.20 -25.66 -28.50
CA TYR B 144 30.23 -25.17 -29.38
C TYR B 144 31.47 -26.01 -29.17
N LEU B 145 31.98 -26.61 -30.25
CA LEU B 145 33.21 -27.45 -30.20
C LEU B 145 34.47 -26.73 -30.73
N GLY B 146 34.30 -25.77 -31.63
CA GLY B 146 35.44 -25.03 -32.14
C GLY B 146 35.01 -24.30 -33.35
N HIS B 147 35.92 -23.51 -33.92
CA HIS B 147 35.63 -22.80 -35.16
C HIS B 147 36.95 -22.56 -35.92
N VAL B 148 36.81 -22.21 -37.18
CA VAL B 148 37.90 -21.69 -37.98
C VAL B 148 37.45 -20.36 -38.56
N GLU B 149 38.38 -19.45 -38.66
CA GLU B 149 38.13 -18.13 -39.16
C GLU B 149 38.86 -17.90 -40.48
N ASP B 150 38.23 -17.17 -41.38
CA ASP B 150 38.88 -16.73 -42.60
C ASP B 150 38.59 -15.25 -42.78
N GLN B 151 38.94 -14.68 -43.92
CA GLN B 151 38.90 -13.20 -44.05
C GLN B 151 37.45 -12.67 -44.23
N ASP B 152 36.50 -13.53 -44.61
CA ASP B 152 35.09 -13.12 -44.76
C ASP B 152 34.14 -13.55 -43.62
N GLY B 153 34.61 -14.35 -42.65
CA GLY B 153 33.72 -14.96 -41.69
C GLY B 153 34.31 -16.04 -40.84
N VAL B 154 33.43 -16.76 -40.17
CA VAL B 154 33.80 -17.79 -39.22
C VAL B 154 32.88 -18.98 -39.45
N THR B 155 33.42 -20.19 -39.28
CA THR B 155 32.67 -21.43 -39.42
C THR B 155 32.86 -22.22 -38.15
N ALA B 156 31.76 -22.46 -37.41
CA ALA B 156 31.85 -23.15 -36.13
C ALA B 156 31.20 -24.52 -36.18
N ARG B 157 31.71 -25.45 -35.37
CA ARG B 157 31.16 -26.80 -35.29
C ARG B 157 30.39 -26.91 -33.99
N LEU B 158 29.17 -27.40 -34.08
CA LEU B 158 28.27 -27.58 -32.93
C LEU B 158 27.87 -29.03 -32.79
N LEU B 159 27.71 -29.48 -31.54
CA LEU B 159 27.21 -30.77 -31.22
C LEU B 159 25.81 -30.61 -30.64
N ASP B 160 24.83 -31.25 -31.27
CA ASP B 160 23.46 -31.26 -30.77
C ASP B 160 23.25 -32.43 -29.80
N HIS B 161 23.02 -32.14 -28.53
CA HIS B 161 22.86 -33.17 -27.51
C HIS B 161 21.45 -33.81 -27.44
N VAL B 162 20.47 -33.37 -28.24
CA VAL B 162 19.21 -34.05 -28.37
C VAL B 162 19.35 -35.17 -29.44
N SER B 163 19.77 -34.78 -30.64
CA SER B 163 19.89 -35.70 -31.79
C SER B 163 21.23 -36.42 -31.85
N GLY B 164 22.25 -35.94 -31.15
CA GLY B 164 23.60 -36.47 -31.25
C GLY B 164 24.36 -36.02 -32.52
N ALA B 165 23.68 -35.31 -33.41
CA ALA B 165 24.27 -34.78 -34.65
C ALA B 165 25.21 -33.57 -34.46
N GLU B 166 26.24 -33.51 -35.30
CA GLU B 166 27.13 -32.38 -35.41
C GLU B 166 26.76 -31.67 -36.67
N TYR B 167 26.81 -30.35 -36.64
CA TYR B 167 26.58 -29.52 -37.81
C TYR B 167 27.42 -28.24 -37.70
N GLU B 168 27.50 -27.51 -38.81
CA GLU B 168 28.30 -26.32 -38.91
C GLU B 168 27.41 -25.15 -38.99
N VAL B 169 27.89 -24.03 -38.44
CA VAL B 169 27.24 -22.74 -38.61
C VAL B 169 28.23 -21.73 -39.16
N ARG B 170 27.79 -20.96 -40.14
CA ARG B 170 28.61 -19.94 -40.77
C ARG B 170 28.11 -18.60 -40.23
N ALA B 171 29.01 -17.77 -39.73
CA ALA B 171 28.63 -16.42 -39.25
C ALA B 171 29.67 -15.35 -39.71
N LYS B 172 29.27 -14.08 -39.68
CA LYS B 172 30.27 -12.99 -39.77
C LYS B 172 31.10 -12.79 -38.49
N TYR B 173 30.48 -12.94 -37.31
CA TYR B 173 31.18 -12.76 -36.03
C TYR B 173 30.73 -13.81 -35.01
N ILE B 174 31.59 -14.13 -34.06
CA ILE B 174 31.24 -14.97 -32.94
C ILE B 174 31.43 -14.17 -31.67
N ILE B 175 30.41 -14.23 -30.82
CA ILE B 175 30.50 -13.69 -29.44
C ILE B 175 30.75 -14.82 -28.46
N GLY B 176 31.87 -14.75 -27.74
CA GLY B 176 32.21 -15.68 -26.71
C GLY B 176 31.63 -15.23 -25.36
N ALA B 177 30.43 -15.68 -25.07
CA ALA B 177 29.75 -15.36 -23.84
C ALA B 177 29.58 -16.65 -23.05
N ASP B 178 30.66 -17.44 -23.06
CA ASP B 178 30.59 -18.81 -22.60
C ASP B 178 31.19 -19.09 -21.26
N GLY B 179 31.36 -18.04 -20.45
CA GLY B 179 31.61 -18.22 -19.04
C GLY B 179 33.05 -18.34 -18.64
N ALA B 180 33.22 -18.66 -17.36
CA ALA B 180 34.53 -18.59 -16.73
C ALA B 180 35.57 -19.58 -17.25
N HIS B 181 35.19 -20.62 -17.97
CA HIS B 181 36.17 -21.53 -18.61
C HIS B 181 36.02 -21.48 -20.13
N SER B 182 35.79 -20.28 -20.66
CA SER B 182 35.46 -20.07 -22.06
C SER B 182 36.38 -20.80 -23.04
N LEU B 183 35.82 -21.75 -23.78
CA LEU B 183 36.53 -22.39 -24.88
C LEU B 183 36.73 -21.41 -26.03
N VAL B 184 35.78 -20.50 -26.24
CA VAL B 184 35.93 -19.48 -27.22
C VAL B 184 37.20 -18.59 -26.97
N ALA B 185 37.40 -18.14 -25.74
CA ALA B 185 38.54 -17.27 -25.40
C ALA B 185 39.86 -18.04 -25.53
N GLN B 186 39.85 -19.30 -25.10
CA GLN B 186 41.00 -20.18 -25.31
C GLN B 186 41.29 -20.29 -26.82
N ASN B 187 40.28 -20.56 -27.67
CA ASN B 187 40.54 -20.64 -29.11
C ASN B 187 40.96 -19.35 -29.79
N ALA B 188 40.52 -18.21 -29.28
CA ALA B 188 40.90 -16.94 -29.85
C ALA B 188 42.28 -16.54 -29.34
N GLY B 189 42.82 -17.30 -28.40
CA GLY B 189 44.14 -17.04 -27.85
C GLY B 189 44.26 -15.78 -27.02
N LEU B 190 43.19 -15.40 -26.28
CA LEU B 190 43.26 -14.18 -25.49
C LEU B 190 44.24 -14.35 -24.33
N PRO B 191 45.06 -13.32 -24.08
CA PRO B 191 45.95 -13.31 -22.91
C PRO B 191 45.24 -12.85 -21.63
N PHE B 192 45.54 -13.55 -20.53
CA PHE B 192 44.99 -13.32 -19.22
C PHE B 192 46.11 -12.94 -18.24
N GLU B 193 45.79 -12.07 -17.30
CA GLU B 193 46.67 -11.73 -16.17
C GLU B 193 45.85 -11.80 -14.89
N GLY B 194 46.54 -11.69 -13.76
CA GLY B 194 45.94 -11.90 -12.41
C GLY B 194 46.22 -13.29 -11.84
N SER B 203 33.79 -21.67 -2.02
CA SER B 203 32.37 -21.40 -1.74
C SER B 203 31.45 -22.61 -1.94
N ILE B 204 30.74 -23.02 -0.89
CA ILE B 204 29.61 -23.97 -0.96
C ILE B 204 28.30 -23.24 -0.69
N ASN B 205 27.39 -23.17 -1.68
CA ASN B 205 26.06 -22.59 -1.51
C ASN B 205 25.01 -23.66 -1.13
N ILE B 206 24.36 -23.51 0.02
CA ILE B 206 23.38 -24.49 0.51
C ILE B 206 21.97 -23.94 0.66
N GLU B 207 21.06 -24.36 -0.21
CA GLU B 207 19.63 -24.04 -0.03
C GLU B 207 19.03 -24.94 1.02
N PHE B 208 18.02 -24.42 1.73
CA PHE B 208 17.26 -25.18 2.74
C PHE B 208 15.96 -24.46 3.08
N SER B 209 15.05 -25.19 3.71
CA SER B 209 13.77 -24.63 4.18
C SER B 209 13.66 -24.83 5.70
N ALA B 210 13.05 -23.86 6.39
CA ALA B 210 12.96 -23.84 7.86
C ALA B 210 12.20 -22.61 8.37
N ASP B 211 11.64 -22.72 9.59
CA ASP B 211 11.20 -21.60 10.49
C ASP B 211 11.98 -20.28 10.34
N ASP B 222 18.01 -8.33 6.67
CA ASP B 222 18.01 -8.83 5.28
C ASP B 222 19.19 -9.70 4.92
N MET B 223 20.34 -9.48 5.52
CA MET B 223 21.52 -10.34 5.22
C MET B 223 22.38 -10.49 6.47
N TYR B 224 22.84 -11.71 6.76
CA TYR B 224 23.66 -12.02 7.94
C TYR B 224 25.04 -12.49 7.59
N TRP B 225 26.07 -11.88 8.17
CA TRP B 225 27.44 -12.26 8.03
C TRP B 225 27.83 -12.86 9.37
N MET B 226 28.19 -14.13 9.33
CA MET B 226 28.43 -14.90 10.55
C MET B 226 29.90 -15.08 10.64
N PHE B 227 30.46 -14.66 11.76
CA PHE B 227 31.89 -14.82 12.01
C PHE B 227 32.09 -16.05 12.90
N ARG B 228 32.41 -17.18 12.31
CA ARG B 228 32.19 -18.48 12.97
C ARG B 228 33.46 -19.06 13.64
N GLY B 237 36.77 -17.76 7.45
CA GLY B 237 35.79 -18.10 8.48
C GLY B 237 34.52 -17.29 8.51
N VAL B 238 34.15 -16.59 7.43
CA VAL B 238 32.89 -15.88 7.36
C VAL B 238 31.86 -16.68 6.57
N ALA B 239 30.63 -16.77 7.08
CA ALA B 239 29.51 -17.38 6.36
C ALA B 239 28.43 -16.35 6.19
N ALA B 240 27.60 -16.53 5.17
CA ALA B 240 26.50 -15.61 4.89
C ALA B 240 25.18 -16.36 4.90
N LEU B 241 24.12 -15.67 5.29
CA LEU B 241 22.83 -16.26 5.33
C LEU B 241 21.84 -15.24 4.86
N ARG B 242 20.92 -15.65 3.99
CA ARG B 242 19.77 -14.80 3.66
C ARG B 242 18.52 -15.51 3.21
N MET B 243 17.42 -14.78 3.28
CA MET B 243 16.15 -15.07 2.60
C MET B 243 15.19 -15.84 3.50
N LYS B 249 12.21 -20.84 2.99
CA LYS B 249 13.24 -20.81 1.92
C LYS B 249 14.51 -19.93 2.19
N TRP B 250 15.68 -20.55 2.33
CA TRP B 250 16.91 -19.87 2.76
C TRP B 250 18.09 -20.34 1.96
N ILE B 251 19.15 -19.51 1.91
CA ILE B 251 20.47 -19.87 1.40
C ILE B 251 21.53 -19.49 2.42
N CYS B 252 22.53 -20.35 2.62
CA CYS B 252 23.76 -19.93 3.25
C CYS B 252 24.95 -20.28 2.41
N VAL B 253 25.99 -19.46 2.54
CA VAL B 253 27.23 -19.58 1.77
C VAL B 253 28.40 -19.79 2.71
N GLU B 268 25.81 -34.52 2.54
CA GLU B 268 24.46 -33.94 2.59
C GLU B 268 23.76 -34.01 3.98
N GLU B 269 24.24 -34.90 4.86
CA GLU B 269 23.87 -34.87 6.28
C GLU B 269 24.92 -34.06 7.04
N ALA B 270 26.09 -33.86 6.42
CA ALA B 270 27.09 -32.90 6.90
C ALA B 270 26.53 -31.45 6.87
N LYS B 271 25.52 -31.19 6.03
CA LYS B 271 24.69 -29.97 6.13
C LYS B 271 23.88 -29.89 7.46
N LYS B 272 24.57 -30.07 8.58
CA LYS B 272 24.29 -29.37 9.82
C LYS B 272 25.39 -28.28 9.97
N ILE B 273 25.96 -27.85 8.84
CA ILE B 273 26.58 -26.51 8.72
C ILE B 273 25.47 -25.48 8.95
N ILE B 274 24.24 -25.77 8.48
CA ILE B 274 23.06 -24.93 8.72
C ILE B 274 22.82 -24.75 10.23
N HIS B 275 22.85 -25.82 11.01
CA HIS B 275 23.03 -25.72 12.45
C HIS B 275 24.45 -25.09 12.65
N GLU B 276 24.68 -24.33 13.70
CA GLU B 276 25.96 -23.59 13.80
C GLU B 276 25.76 -22.17 13.25
N ILE B 277 25.36 -22.07 11.98
CA ILE B 277 24.98 -20.79 11.35
C ILE B 277 23.65 -20.23 11.91
N ILE B 278 22.65 -21.09 12.09
CA ILE B 278 21.35 -20.67 12.61
C ILE B 278 21.36 -20.20 14.11
N GLY B 279 22.28 -20.59 14.99
CA GLY B 279 22.84 -21.90 15.14
C GLY B 279 22.14 -22.47 16.38
N THR B 280 21.23 -23.41 16.13
CA THR B 280 20.73 -24.36 17.14
C THR B 280 20.46 -25.63 16.35
N ASP B 281 19.89 -26.65 17.00
CA ASP B 281 19.29 -27.76 16.28
C ASP B 281 17.86 -28.03 16.75
N GLU B 282 17.32 -27.15 17.59
CA GLU B 282 15.92 -27.29 18.02
C GLU B 282 14.90 -26.93 16.91
N ILE B 283 15.37 -26.61 15.70
CA ILE B 283 14.50 -26.44 14.53
C ILE B 283 15.01 -27.37 13.43
N PRO B 284 14.10 -27.98 12.63
CA PRO B 284 14.57 -28.78 11.47
C PRO B 284 14.56 -28.05 10.13
N GLU B 286 14.58 -28.90 5.77
CA GLU B 286 15.03 -29.46 4.48
C GLU B 286 16.51 -29.80 4.64
N VAL B 287 17.33 -29.45 3.65
CA VAL B 287 18.80 -29.54 3.77
C VAL B 287 19.61 -29.65 2.47
N GLY B 288 18.96 -29.39 1.32
CA GLY B 288 19.63 -29.26 -0.02
C GLY B 288 18.64 -28.55 -0.92
N PRO B 289 19.01 -28.19 -2.19
CA PRO B 289 20.21 -28.42 -3.03
C PRO B 289 21.52 -27.68 -2.70
N ILE B 290 22.64 -28.34 -2.98
CA ILE B 290 23.98 -27.88 -2.63
C ILE B 290 24.75 -27.65 -3.92
N SER B 291 25.58 -26.60 -3.96
CA SER B 291 26.38 -26.31 -5.17
C SER B 291 27.68 -25.62 -4.82
N THR B 292 28.67 -25.75 -5.71
CA THR B 292 30.00 -25.18 -5.50
C THR B 292 30.42 -24.21 -6.62
N TRP B 293 31.24 -23.23 -6.24
CA TRP B 293 31.85 -22.30 -7.16
C TRP B 293 33.34 -22.27 -6.86
N THR B 294 34.15 -22.71 -7.83
CA THR B 294 35.59 -22.47 -7.85
C THR B 294 35.77 -21.24 -8.70
N ILE B 295 36.53 -20.26 -8.21
CA ILE B 295 36.86 -19.08 -9.02
C ILE B 295 38.35 -18.88 -9.00
N ASN B 296 38.96 -18.81 -10.17
CA ASN B 296 40.34 -18.36 -10.18
C ASN B 296 40.42 -17.00 -10.89
N GLN B 297 40.64 -15.99 -10.03
CA GLN B 297 40.73 -14.55 -10.32
C GLN B 297 41.64 -14.24 -11.52
N GLN B 298 41.04 -13.79 -12.61
CA GLN B 298 41.77 -13.52 -13.81
C GLN B 298 40.97 -12.60 -14.71
N TYR B 299 41.65 -11.75 -15.47
CA TYR B 299 41.04 -10.88 -16.43
C TYR B 299 41.79 -10.97 -17.74
N ALA B 300 41.03 -10.92 -18.83
CA ALA B 300 41.59 -10.82 -20.16
C ALA B 300 42.13 -9.41 -20.43
N VAL B 301 43.34 -9.40 -20.96
CA VAL B 301 44.06 -8.16 -21.18
C VAL B 301 43.57 -7.61 -22.47
N ARG B 302 43.09 -8.47 -23.34
CA ARG B 302 42.45 -8.05 -24.55
C ARG B 302 41.22 -8.96 -24.72
N ASN B 303 40.13 -8.42 -25.25
CA ASN B 303 38.88 -9.18 -25.33
C ASN B 303 38.41 -9.54 -26.74
N THR B 304 39.27 -9.29 -27.74
CA THR B 304 38.93 -9.42 -29.13
C THR B 304 40.10 -10.04 -29.91
N SER B 305 39.79 -10.94 -30.84
CA SER B 305 40.78 -11.46 -31.79
C SER B 305 40.09 -11.68 -33.11
N GLY B 306 40.45 -10.87 -34.10
CA GLY B 306 39.79 -10.89 -35.39
C GLY B 306 38.26 -10.72 -35.32
N ARG B 307 37.53 -11.75 -35.75
CA ARG B 307 36.10 -11.73 -35.77
C ARG B 307 35.44 -12.33 -34.48
N VAL B 308 36.22 -12.56 -33.44
CA VAL B 308 35.76 -13.16 -32.20
C VAL B 308 35.81 -12.12 -31.04
N PHE B 309 34.66 -11.92 -30.37
CA PHE B 309 34.53 -10.96 -29.27
C PHE B 309 34.10 -11.72 -28.02
N CYS B 310 34.89 -11.68 -26.98
CA CYS B 310 34.49 -12.31 -25.74
C CYS B 310 33.98 -11.28 -24.73
N MET B 311 33.12 -11.75 -23.84
CA MET B 311 32.44 -10.87 -22.87
C MET B 311 32.04 -11.64 -21.63
N GLY B 312 31.78 -10.89 -20.57
CA GLY B 312 31.23 -11.50 -19.38
C GLY B 312 32.31 -12.25 -18.64
N ASP B 313 31.91 -13.32 -17.97
CA ASP B 313 32.87 -14.11 -17.17
C ASP B 313 34.01 -14.66 -18.03
N ALA B 314 33.76 -14.83 -19.32
CA ALA B 314 34.84 -15.20 -20.24
C ALA B 314 36.06 -14.28 -20.20
N VAL B 315 35.87 -13.03 -19.85
CA VAL B 315 36.94 -12.02 -19.80
C VAL B 315 37.21 -11.44 -18.41
N HIS B 316 36.34 -11.72 -17.46
CA HIS B 316 36.59 -11.30 -16.10
C HIS B 316 36.04 -12.33 -15.15
N ARG B 317 36.94 -12.98 -14.44
CA ARG B 317 36.62 -14.00 -13.46
C ARG B 317 37.06 -13.51 -12.12
N HIS B 318 36.13 -13.42 -11.18
CA HIS B 318 36.45 -12.83 -9.85
C HIS B 318 35.50 -13.32 -8.75
N THR B 319 35.82 -13.03 -7.50
CA THR B 319 34.95 -13.40 -6.42
C THR B 319 33.70 -12.51 -6.42
N PRO B 320 32.58 -13.02 -5.86
CA PRO B 320 31.29 -12.33 -5.86
C PRO B 320 31.09 -11.05 -5.01
N MET B 321 32.14 -10.57 -4.37
CA MET B 321 32.05 -9.38 -3.54
C MET B 321 31.75 -8.10 -4.34
N GLY B 322 30.59 -7.48 -4.09
CA GLY B 322 30.24 -6.23 -4.72
C GLY B 322 29.13 -6.31 -5.78
N GLY B 323 28.72 -7.52 -6.15
CA GLY B 323 27.66 -7.67 -7.16
C GLY B 323 28.01 -7.02 -8.50
N LEU B 324 29.24 -7.19 -8.91
CA LEU B 324 29.70 -6.55 -10.12
C LEU B 324 29.66 -7.42 -11.38
N GLY B 325 29.62 -8.76 -11.22
CA GLY B 325 29.78 -9.68 -12.36
C GLY B 325 28.69 -9.66 -13.40
N LEU B 326 27.48 -9.99 -13.01
CA LEU B 326 26.36 -9.97 -13.95
C LEU B 326 26.22 -8.57 -14.52
N ASN B 327 26.34 -7.54 -13.67
CA ASN B 327 26.10 -6.17 -14.09
C ASN B 327 27.13 -5.70 -15.12
N THR B 328 28.40 -6.01 -14.87
CA THR B 328 29.47 -5.73 -15.83
C THR B 328 29.31 -6.52 -17.14
N SER B 329 28.84 -7.77 -17.04
CA SER B 329 28.63 -8.64 -18.17
C SER B 329 27.54 -8.13 -19.11
N VAL B 330 26.46 -7.63 -18.52
CA VAL B 330 25.39 -7.06 -19.33
C VAL B 330 25.87 -5.77 -20.02
N GLN B 331 26.65 -4.98 -19.30
CA GLN B 331 27.19 -3.76 -19.87
C GLN B 331 28.20 -4.02 -21.03
N ASP B 332 28.96 -5.11 -20.96
CA ASP B 332 29.82 -5.51 -22.08
C ASP B 332 28.95 -5.67 -23.31
N ALA B 333 27.85 -6.41 -23.21
CA ALA B 333 26.93 -6.65 -24.35
C ALA B 333 26.35 -5.38 -24.95
N TYR B 334 25.93 -4.45 -24.07
CA TYR B 334 25.37 -3.19 -24.48
C TYR B 334 26.41 -2.29 -25.19
N ASN B 335 27.67 -2.42 -24.83
CA ASN B 335 28.77 -1.71 -25.51
C ASN B 335 28.93 -2.20 -26.96
N LEU B 336 28.88 -3.50 -27.13
CA LEU B 336 29.19 -4.16 -28.42
C LEU B 336 28.10 -4.16 -29.45
N ALA B 337 26.86 -4.38 -29.03
CA ALA B 337 25.81 -4.71 -29.97
C ALA B 337 25.53 -3.66 -31.00
N TRP B 338 25.36 -2.41 -30.58
CA TRP B 338 25.16 -1.32 -31.51
C TRP B 338 26.33 -1.11 -32.53
N LYS B 339 27.52 -1.43 -32.11
CA LYS B 339 28.72 -1.32 -32.97
C LYS B 339 28.70 -2.43 -34.04
N LEU B 340 28.45 -3.68 -33.63
CA LEU B 340 28.25 -4.77 -34.57
C LEU B 340 27.17 -4.44 -35.55
N ALA B 341 26.09 -3.82 -35.09
CA ALA B 341 25.00 -3.57 -36.01
C ALA B 341 25.37 -2.55 -37.12
N LEU B 342 26.04 -1.47 -36.74
CA LEU B 342 26.47 -0.45 -37.69
C LEU B 342 27.49 -1.05 -38.69
N VAL B 343 28.42 -1.86 -38.22
CA VAL B 343 29.39 -2.47 -39.09
C VAL B 343 28.74 -3.42 -40.11
N LEU B 344 27.88 -4.33 -39.63
CA LEU B 344 27.14 -5.22 -40.50
C LEU B 344 26.22 -4.49 -41.48
N LYS B 345 25.65 -3.36 -41.09
CA LYS B 345 24.80 -2.61 -42.01
C LYS B 345 25.58 -1.68 -42.98
N GLY B 346 26.89 -1.65 -42.87
CA GLY B 346 27.71 -0.79 -43.75
C GLY B 346 27.72 0.67 -43.39
N GLN B 347 27.27 1.06 -42.19
CA GLN B 347 27.25 2.47 -41.80
C GLN B 347 28.49 2.90 -41.00
N ALA B 348 29.26 1.94 -40.51
CA ALA B 348 30.51 2.18 -39.87
C ALA B 348 31.55 1.23 -40.43
N ALA B 349 32.81 1.66 -40.43
CA ALA B 349 33.91 0.77 -40.79
C ALA B 349 34.19 -0.24 -39.68
N PRO B 350 34.82 -1.38 -40.04
CA PRO B 350 35.17 -2.40 -39.07
C PRO B 350 36.03 -1.92 -37.94
N THR B 351 36.78 -0.85 -38.13
CA THR B 351 37.61 -0.28 -37.00
C THR B 351 36.80 0.25 -35.79
N LEU B 352 35.53 0.57 -35.99
CA LEU B 352 34.64 0.87 -34.83
C LEU B 352 34.66 -0.26 -33.79
N LEU B 353 34.80 -1.49 -34.25
CA LEU B 353 34.83 -2.62 -33.32
C LEU B 353 36.06 -2.67 -32.41
N ASP B 354 37.13 -1.97 -32.77
CA ASP B 354 38.34 -1.91 -31.92
C ASP B 354 38.01 -1.22 -30.59
N SER B 355 37.03 -0.31 -30.61
CA SER B 355 36.67 0.42 -29.38
C SER B 355 36.12 -0.49 -28.25
N TYR B 356 35.66 -1.70 -28.61
CA TYR B 356 35.16 -2.65 -27.61
C TYR B 356 36.27 -3.03 -26.68
N ASP B 357 37.41 -3.44 -27.22
CA ASP B 357 38.59 -3.70 -26.37
C ASP B 357 39.08 -2.48 -25.61
N ALA B 358 39.16 -1.33 -26.28
CA ALA B 358 39.69 -0.14 -25.66
C ALA B 358 38.84 0.34 -24.50
N GLU B 359 37.54 0.08 -24.56
CA GLU B 359 36.58 0.61 -23.57
C GLU B 359 36.27 -0.41 -22.46
N ARG B 360 36.12 -1.66 -22.84
CA ARG B 360 35.67 -2.65 -21.90
C ARG B 360 36.81 -3.39 -21.20
N SER B 361 37.98 -3.47 -21.81
CA SER B 361 39.14 -4.18 -21.13
C SER B 361 39.61 -3.52 -19.83
N PRO B 362 39.64 -2.15 -19.76
CA PRO B 362 39.98 -1.54 -18.50
C PRO B 362 38.95 -1.87 -17.41
N VAL B 363 37.68 -2.03 -17.76
CA VAL B 363 36.65 -2.34 -16.77
C VAL B 363 36.83 -3.78 -16.26
N ALA B 364 37.13 -4.72 -17.16
CA ALA B 364 37.43 -6.12 -16.77
C ALA B 364 38.49 -6.18 -15.66
N LYS B 365 39.59 -5.48 -15.86
CA LYS B 365 40.69 -5.50 -14.88
C LYS B 365 40.25 -4.84 -13.57
N GLN B 366 39.54 -3.75 -13.71
CA GLN B 366 39.14 -2.97 -12.60
C GLN B 366 38.29 -3.84 -11.66
N ILE B 367 37.26 -4.50 -12.19
CA ILE B 367 36.33 -5.23 -11.31
C ILE B 367 36.96 -6.43 -10.68
N VAL B 368 37.84 -7.12 -11.40
CA VAL B 368 38.55 -8.28 -10.83
C VAL B 368 39.42 -7.86 -9.64
N GLU B 369 40.17 -6.77 -9.77
CA GLU B 369 41.02 -6.24 -8.65
C GLU B 369 40.18 -5.71 -7.51
N ARG B 370 39.06 -5.08 -7.84
CA ARG B 370 38.16 -4.55 -6.82
C ARG B 370 37.48 -5.67 -6.01
N ALA B 371 36.93 -6.68 -6.69
CA ALA B 371 36.26 -7.76 -5.98
C ALA B 371 37.21 -8.51 -5.01
N PHE B 372 38.43 -8.72 -5.48
CA PHE B 372 39.50 -9.29 -4.68
C PHE B 372 39.85 -8.42 -3.46
N LYS B 373 40.07 -7.13 -3.70
CA LYS B 373 40.45 -6.23 -2.61
C LYS B 373 39.37 -6.21 -1.51
N SER B 374 38.09 -6.21 -1.88
CA SER B 374 36.98 -6.21 -0.89
C SER B 374 37.00 -7.43 0.07
N LEU B 375 37.53 -8.58 -0.38
CA LEU B 375 37.73 -9.75 0.52
C LEU B 375 38.65 -9.45 1.66
N SER B 376 39.64 -8.63 1.43
CA SER B 376 40.59 -8.30 2.49
C SER B 376 39.96 -7.44 3.59
N THR B 377 38.71 -7.01 3.46
CA THR B 377 38.10 -6.23 4.55
C THR B 377 37.46 -7.09 5.66
N PHE B 378 37.27 -8.40 5.46
CA PHE B 378 36.66 -9.25 6.47
C PHE B 378 37.58 -9.67 7.65
N PRO B 379 38.81 -10.08 7.39
CA PRO B 379 39.72 -10.47 8.46
C PRO B 379 39.94 -9.45 9.57
N PRO B 380 40.02 -8.14 9.26
CA PRO B 380 40.16 -7.15 10.32
C PRO B 380 39.05 -7.14 11.35
N VAL B 381 37.91 -7.74 11.02
CA VAL B 381 36.86 -7.94 12.01
C VAL B 381 37.32 -8.91 13.12
N PHE B 382 37.87 -10.07 12.73
CA PHE B 382 38.43 -11.04 13.68
C PHE B 382 39.56 -10.42 14.48
N GLU B 383 40.48 -9.73 13.81
CA GLU B 383 41.52 -8.99 14.49
C GLU B 383 41.06 -7.94 15.50
N ALA B 384 39.98 -7.22 15.21
CA ALA B 384 39.44 -6.24 16.17
C ALA B 384 38.91 -6.93 17.44
N LEU B 385 38.38 -8.14 17.27
CA LEU B 385 37.95 -8.93 18.40
C LEU B 385 39.10 -9.68 19.10
N SER B 386 40.34 -9.45 18.65
CA SER B 386 41.54 -10.13 19.15
C SER B 386 41.46 -11.64 18.99
N LEU B 387 40.85 -12.07 17.89
CA LEU B 387 40.70 -13.47 17.56
C LEU B 387 41.69 -13.79 16.46
N PRO B 388 42.10 -15.07 16.33
CA PRO B 388 42.79 -15.51 15.12
C PRO B 388 41.78 -15.74 13.99
N PRO B 389 42.26 -15.85 12.73
CA PRO B 389 41.38 -15.97 11.56
C PRO B 389 40.35 -17.12 11.61
N ALA B 390 40.66 -18.18 12.36
CA ALA B 390 39.70 -19.27 12.60
C ALA B 390 39.63 -19.63 14.09
N THR B 392 38.34 -20.92 17.88
CA THR B 392 37.55 -22.00 18.51
C THR B 392 36.30 -21.43 19.18
N GLU B 393 35.33 -22.28 19.51
CA GLU B 393 34.11 -21.81 20.19
C GLU B 393 34.44 -21.16 21.54
N SER B 394 35.48 -21.67 22.22
CA SER B 394 35.94 -21.09 23.48
C SER B 394 36.55 -19.69 23.30
N GLU B 395 37.43 -19.56 22.31
CA GLU B 395 38.05 -18.26 21.97
C GLU B 395 37.01 -17.19 21.59
N MET B 396 36.01 -17.56 20.80
CA MET B 396 34.93 -16.65 20.45
C MET B 396 34.13 -16.24 21.69
N ALA B 397 33.81 -17.20 22.55
CA ALA B 397 33.03 -16.90 23.76
C ALA B 397 33.72 -15.83 24.62
N GLU B 398 35.04 -15.96 24.77
CA GLU B 398 35.86 -14.98 25.49
C GLU B 398 35.81 -13.58 24.82
N ALA B 399 35.91 -13.56 23.49
CA ALA B 399 35.84 -12.30 22.71
C ALA B 399 34.54 -11.53 22.93
N LEU B 400 33.40 -12.24 22.97
CA LEU B 400 32.09 -11.60 23.26
C LEU B 400 31.97 -11.01 24.68
N VAL B 401 32.57 -11.67 25.67
CA VAL B 401 32.59 -11.11 27.03
C VAL B 401 33.51 -9.88 27.08
N ARG B 402 34.69 -9.97 26.47
CA ARG B 402 35.62 -8.84 26.43
C ARG B 402 35.05 -7.60 25.67
N LEU B 403 34.18 -7.87 24.71
CA LEU B 403 33.60 -6.80 23.93
C LEU B 403 32.58 -5.99 24.77
N LYS B 404 32.04 -6.57 25.86
CA LYS B 404 31.19 -5.85 26.84
C LYS B 404 31.90 -5.36 28.12
N ASP B 405 33.22 -5.45 28.13
CA ASP B 405 34.07 -5.03 29.25
C ASP B 405 33.90 -3.55 29.52
N ALA B 406 33.75 -3.17 30.78
CA ALA B 406 33.59 -1.76 31.15
C ALA B 406 34.88 -0.94 31.16
N SER B 407 36.00 -1.50 30.75
CA SER B 407 37.25 -0.82 30.81
C SER B 407 37.45 0.08 29.59
N GLU B 408 38.50 0.92 29.65
CA GLU B 408 38.97 1.70 28.53
C GLU B 408 39.46 0.74 27.42
N GLU B 409 39.94 -0.44 27.79
CA GLU B 409 40.34 -1.39 26.77
C GLU B 409 39.10 -1.92 25.99
N GLY B 410 38.03 -2.23 26.69
CA GLY B 410 36.74 -2.61 26.10
C GLY B 410 36.20 -1.53 25.16
N ALA B 411 36.24 -0.29 25.57
CA ALA B 411 35.86 0.85 24.66
C ALA B 411 36.72 0.91 23.37
N LYS B 412 38.02 0.62 23.51
CA LYS B 412 38.89 0.53 22.35
C LYS B 412 38.48 -0.60 21.43
N ARG B 413 38.07 -1.73 22.01
CA ARG B 413 37.68 -2.87 21.22
C ARG B 413 36.37 -2.60 20.50
N ARG B 414 35.44 -1.95 21.18
CA ARG B 414 34.14 -1.58 20.56
C ARG B 414 34.37 -0.63 19.38
N ALA B 415 35.27 0.33 19.54
CA ALA B 415 35.58 1.26 18.47
C ALA B 415 36.31 0.56 17.31
N ALA B 416 37.22 -0.34 17.61
CA ALA B 416 37.95 -1.03 16.54
C ALA B 416 37.03 -1.93 15.78
N LEU B 417 36.11 -2.59 16.47
CA LEU B 417 35.17 -3.46 15.81
C LEU B 417 34.27 -2.65 14.81
N ARG B 418 33.78 -1.51 15.26
CA ARG B 418 32.95 -0.63 14.43
C ARG B 418 33.71 -0.18 13.17
N LYS B 419 34.96 0.17 13.36
CA LYS B 419 35.78 0.62 12.26
C LYS B 419 35.95 -0.49 11.25
N ALA B 420 36.18 -1.70 11.74
CA ALA B 420 36.35 -2.84 10.84
C ALA B 420 35.06 -3.17 10.09
N MET B 421 33.93 -3.19 10.81
CA MET B 421 32.65 -3.42 10.17
C MET B 421 32.33 -2.36 9.10
N ASP B 422 32.61 -1.11 9.42
CA ASP B 422 32.38 0.01 8.46
C ASP B 422 33.18 -0.12 7.17
N ALA B 423 34.42 -0.60 7.26
CA ALA B 423 35.23 -0.77 6.07
C ALA B 423 34.77 -1.91 5.13
N THR B 424 33.86 -2.78 5.57
CA THR B 424 33.34 -3.82 4.67
C THR B 424 32.30 -3.25 3.69
N ILE B 425 31.78 -2.06 3.96
CA ILE B 425 30.74 -1.49 3.11
C ILE B 425 31.14 -1.32 1.60
N ILE B 426 32.42 -1.16 1.31
CA ILE B 426 32.92 -1.05 -0.07
C ILE B 426 32.49 -2.25 -0.91
N GLY B 427 32.32 -3.41 -0.28
CA GLY B 427 31.88 -4.63 -0.97
C GLY B 427 30.38 -4.88 -0.96
N LEU B 428 29.61 -3.99 -0.31
CA LEU B 428 28.22 -4.24 0.01
C LEU B 428 27.35 -3.01 -0.25
N GLY B 429 27.71 -2.17 -1.23
CA GLY B 429 26.87 -1.03 -1.61
C GLY B 429 27.57 0.30 -1.60
N GLY B 430 28.73 0.35 -0.96
CA GLY B 430 29.47 1.54 -0.88
C GLY B 430 30.20 1.94 -2.17
N GLY B 431 30.46 0.98 -3.05
CA GLY B 431 31.24 1.25 -4.27
C GLY B 431 30.46 1.83 -5.45
N HIS B 432 29.80 2.94 -5.22
CA HIS B 432 28.92 3.56 -6.25
C HIS B 432 29.74 4.12 -7.39
N GLY B 433 30.91 4.63 -7.08
CA GLY B 433 31.83 5.11 -8.06
C GLY B 433 32.36 4.03 -8.95
N VAL B 434 32.76 2.93 -8.34
CA VAL B 434 33.15 1.79 -9.18
C VAL B 434 32.03 1.44 -10.19
N GLU B 435 30.79 1.42 -9.71
CA GLU B 435 29.64 0.99 -10.52
C GLU B 435 29.42 1.92 -11.73
N LEU B 436 29.61 3.22 -11.54
CA LEU B 436 29.09 4.20 -12.48
C LEU B 436 30.12 5.05 -13.16
N ASN B 437 31.36 5.09 -12.67
CA ASN B 437 32.33 6.07 -13.16
C ASN B 437 33.15 5.57 -14.37
N GLN B 438 32.50 5.00 -15.36
CA GLN B 438 33.18 4.55 -16.54
C GLN B 438 33.79 5.80 -17.23
N ARG B 439 35.02 5.68 -17.74
CA ARG B 439 35.71 6.79 -18.44
C ARG B 439 36.32 6.19 -19.67
N TYR B 440 35.67 6.33 -20.81
CA TYR B 440 36.10 5.67 -22.06
C TYR B 440 37.08 6.56 -22.81
N VAL B 441 38.14 5.95 -23.33
CA VAL B 441 39.11 6.61 -24.20
C VAL B 441 39.29 5.68 -25.37
N SER B 442 38.89 6.11 -26.57
CA SER B 442 38.93 5.21 -27.71
C SER B 442 38.67 6.04 -28.98
N ARG B 443 38.67 5.38 -30.13
CA ARG B 443 38.35 6.08 -31.40
C ARG B 443 36.83 6.30 -31.57
N ALA B 444 36.06 5.74 -30.65
CA ALA B 444 34.64 5.97 -30.68
C ALA B 444 34.20 7.05 -29.72
N VAL B 445 35.15 7.84 -29.24
CA VAL B 445 34.91 9.01 -28.42
C VAL B 445 35.82 10.13 -28.97
N PHE B 446 35.20 11.25 -29.35
CA PHE B 446 35.89 12.36 -29.98
C PHE B 446 36.21 13.43 -28.97
N PRO B 447 37.49 13.55 -28.58
CA PRO B 447 37.82 14.52 -27.51
C PRO B 447 37.51 15.98 -27.87
N ASP B 448 37.14 16.75 -26.88
CA ASP B 448 36.78 18.13 -27.12
C ASP B 448 37.92 19.10 -26.71
N GLY B 449 39.11 18.60 -26.31
CA GLY B 449 40.23 19.48 -25.93
C GLY B 449 40.32 19.84 -24.47
N THR B 450 39.37 19.37 -23.70
CA THR B 450 39.29 19.68 -22.27
C THR B 450 40.01 18.58 -21.45
N PRO B 451 40.55 18.93 -20.26
CA PRO B 451 41.21 17.89 -19.45
C PRO B 451 40.17 16.99 -18.75
N ASP B 452 40.51 15.74 -18.47
CA ASP B 452 39.71 14.89 -17.59
C ASP B 452 39.72 15.61 -16.26
N PRO B 453 38.53 16.05 -15.76
CA PRO B 453 38.53 16.89 -14.55
C PRO B 453 38.81 16.10 -13.27
N GLY B 454 38.98 14.78 -13.39
CA GLY B 454 39.31 13.97 -12.22
C GLY B 454 38.10 13.94 -11.31
N PHE B 455 38.33 13.66 -10.05
CA PHE B 455 37.25 13.39 -9.10
C PHE B 455 37.45 14.17 -7.81
N VAL B 456 36.43 14.92 -7.40
CA VAL B 456 36.48 15.74 -6.19
C VAL B 456 36.59 14.84 -4.96
N ARG B 457 35.77 13.80 -4.91
CA ARG B 457 35.88 12.79 -3.85
C ARG B 457 36.30 11.45 -4.39
N ASP B 458 36.53 10.52 -3.47
CA ASP B 458 37.08 9.22 -3.83
C ASP B 458 36.26 8.56 -4.97
N GLN B 459 36.95 8.11 -6.01
CA GLN B 459 36.28 7.70 -7.25
C GLN B 459 35.68 6.28 -7.19
N GLU B 460 36.03 5.53 -6.15
CA GLU B 460 35.48 4.21 -5.94
C GLU B 460 34.18 4.29 -5.17
N PHE B 461 34.12 5.16 -4.19
CA PHE B 461 32.95 5.34 -3.33
C PHE B 461 31.90 6.24 -3.96
N PHE B 462 32.32 7.25 -4.69
CA PHE B 462 31.38 8.27 -5.12
C PHE B 462 31.33 8.42 -6.66
N TYR B 463 30.10 8.40 -7.17
CA TYR B 463 29.82 8.74 -8.57
C TYR B 463 30.06 10.23 -8.79
N GLN B 464 30.65 10.59 -9.93
CA GLN B 464 30.74 11.98 -10.31
C GLN B 464 30.28 12.15 -11.73
N ALA B 465 29.20 12.91 -11.89
CA ALA B 465 28.62 13.13 -13.19
C ALA B 465 29.55 13.98 -14.07
N SER B 466 29.58 13.68 -15.36
CA SER B 466 30.40 14.43 -16.29
C SER B 466 29.72 14.42 -17.65
N THR B 467 29.87 15.52 -18.40
CA THR B 467 29.41 15.56 -19.80
C THR B 467 30.56 15.55 -20.80
N ARG B 468 31.79 15.32 -20.31
CA ARG B 468 32.94 15.27 -21.18
C ARG B 468 32.86 14.00 -22.04
N PRO B 469 33.24 14.07 -23.31
CA PRO B 469 33.20 12.88 -24.05
C PRO B 469 33.97 11.70 -23.38
N GLY B 470 33.34 10.53 -23.39
CA GLY B 470 33.80 9.35 -22.71
C GLY B 470 33.09 9.01 -21.43
N ALA B 471 32.34 9.96 -20.88
CA ALA B 471 31.55 9.73 -19.68
C ALA B 471 30.12 9.40 -20.10
N HIS B 472 29.43 8.71 -19.22
CA HIS B 472 28.00 8.40 -19.39
C HIS B 472 27.17 9.68 -19.31
N LEU B 473 26.19 9.83 -20.18
CA LEU B 473 25.26 10.96 -20.09
C LEU B 473 24.66 11.04 -18.66
N PRO B 474 24.72 12.19 -18.01
CA PRO B 474 24.12 12.34 -16.69
C PRO B 474 22.60 12.32 -16.75
N HIS B 475 22.02 11.72 -15.71
CA HIS B 475 20.58 11.72 -15.49
C HIS B 475 20.15 12.99 -14.79
N VAL B 476 19.14 13.64 -15.35
CA VAL B 476 18.33 14.66 -14.66
C VAL B 476 16.92 14.54 -15.18
N TRP B 477 15.99 15.13 -14.43
CA TRP B 477 14.57 15.11 -14.82
C TRP B 477 14.23 16.31 -15.69
N LEU B 478 13.62 16.02 -16.81
CA LEU B 478 12.96 16.98 -17.68
C LEU B 478 11.48 16.67 -17.62
N THR B 479 10.65 17.42 -18.36
CA THR B 479 9.30 16.97 -18.56
C THR B 479 8.93 16.88 -20.05
N GLU B 480 7.97 16.01 -20.33
CA GLU B 480 7.33 15.86 -21.65
C GLU B 480 5.84 15.85 -21.31
N ASN B 481 5.11 16.86 -21.77
CA ASN B 481 3.68 17.01 -21.38
C ASN B 481 3.45 17.00 -19.86
N GLN B 482 4.31 17.74 -19.16
CA GLN B 482 4.24 17.82 -17.71
C GLN B 482 4.52 16.51 -16.96
N ARG B 483 4.76 15.38 -17.66
CA ARG B 483 5.22 14.11 -17.04
C ARG B 483 6.78 14.08 -16.97
N ARG B 484 7.36 13.76 -15.81
CA ARG B 484 8.81 13.66 -15.64
C ARG B 484 9.38 12.60 -16.60
N ILE B 485 10.50 12.93 -17.25
CA ILE B 485 11.19 12.00 -18.13
C ILE B 485 12.69 12.27 -17.90
N SER B 486 13.51 11.22 -17.92
CA SER B 486 14.94 11.38 -17.73
C SER B 486 15.58 11.78 -19.05
N THR B 487 16.69 12.48 -18.95
CA THR B 487 17.59 12.69 -20.11
C THR B 487 17.92 11.38 -20.80
N LEU B 488 18.06 10.28 -20.04
CA LEU B 488 18.37 9.01 -20.66
C LEU B 488 17.22 8.50 -21.58
N ASP B 489 15.99 8.84 -21.22
CA ASP B 489 14.80 8.41 -21.96
C ASP B 489 14.71 9.14 -23.36
N LEU B 490 15.44 10.22 -23.54
CA LEU B 490 15.58 10.91 -24.84
C LEU B 490 16.52 10.22 -25.80
N CYS B 491 17.37 9.32 -25.29
CA CYS B 491 18.50 8.80 -26.06
C CYS B 491 18.41 7.28 -26.16
N GLY B 492 19.46 6.59 -26.59
CA GLY B 492 19.40 5.15 -26.71
C GLY B 492 18.59 4.65 -27.92
N LYS B 493 17.83 3.57 -27.75
CA LYS B 493 17.01 2.97 -28.84
C LYS B 493 17.83 2.65 -30.07
N GLY B 494 19.05 2.21 -29.88
CA GLY B 494 19.88 1.86 -30.99
C GLY B 494 20.41 2.97 -31.90
N ARG B 495 20.30 4.24 -31.51
CA ARG B 495 20.70 5.34 -32.38
C ARG B 495 21.41 6.46 -31.62
N PHE B 496 22.07 7.35 -32.37
CA PHE B 496 22.70 8.53 -31.79
C PHE B 496 21.70 9.62 -31.54
N THR B 497 21.90 10.39 -30.47
CA THR B 497 21.02 11.51 -30.16
C THR B 497 21.85 12.71 -29.94
N LEU B 498 21.39 13.87 -30.36
CA LEU B 498 22.06 15.17 -30.11
C LEU B 498 21.15 16.01 -29.27
N LEU B 499 21.64 16.46 -28.11
CA LEU B 499 20.86 17.28 -27.18
C LEU B 499 21.37 18.67 -27.19
N THR B 500 20.43 19.65 -27.25
CA THR B 500 20.76 21.08 -27.15
C THR B 500 19.58 21.88 -26.57
N GLY B 501 19.73 23.20 -26.51
CA GLY B 501 18.70 24.10 -26.09
C GLY B 501 18.33 25.06 -27.18
N LEU B 502 17.43 26.00 -26.85
CA LEU B 502 16.72 26.76 -27.84
C LEU B 502 17.67 27.63 -28.65
N SER B 503 18.66 28.23 -28.02
CA SER B 503 19.66 29.01 -28.77
C SER B 503 20.61 28.12 -29.65
N GLY B 504 20.46 26.80 -29.53
CA GLY B 504 21.17 25.86 -30.38
C GLY B 504 20.34 25.33 -31.51
N ALA B 505 19.32 26.06 -31.94
CA ALA B 505 18.45 25.57 -33.05
C ALA B 505 19.20 25.21 -34.33
N ALA B 506 20.35 25.81 -34.59
CA ALA B 506 21.13 25.50 -35.79
C ALA B 506 21.63 24.07 -35.80
N TRP B 507 21.67 23.42 -34.65
CA TRP B 507 22.09 22.01 -34.61
C TRP B 507 21.15 21.13 -35.39
N LYS B 508 19.86 21.48 -35.48
CA LYS B 508 18.89 20.57 -36.14
C LYS B 508 19.24 20.43 -37.60
N HIS B 509 19.49 21.56 -38.25
CA HIS B 509 19.84 21.54 -39.68
C HIS B 509 21.24 20.91 -39.91
N GLU B 510 22.20 21.23 -39.06
CA GLU B 510 23.53 20.59 -39.15
C GLU B 510 23.45 19.08 -38.99
N ALA B 511 22.68 18.62 -38.01
CA ALA B 511 22.52 17.15 -37.85
C ALA B 511 21.85 16.49 -39.07
N GLU B 512 20.84 17.15 -39.62
CA GLU B 512 20.18 16.65 -40.87
C GLU B 512 21.15 16.42 -42.04
N GLN B 513 22.03 17.38 -42.27
CA GLN B 513 23.04 17.29 -43.28
C GLN B 513 24.02 16.13 -43.04
N VAL B 514 24.51 15.97 -41.80
CA VAL B 514 25.44 14.86 -41.48
C VAL B 514 24.74 13.54 -41.63
N SER B 515 23.49 13.50 -41.20
CA SER B 515 22.67 12.26 -41.26
C SER B 515 22.45 11.77 -42.70
N GLN B 516 22.05 12.72 -43.53
CA GLN B 516 21.85 12.54 -44.96
C GLN B 516 23.16 12.13 -45.64
N SER B 517 24.21 12.86 -45.36
CA SER B 517 25.52 12.58 -45.94
C SER B 517 26.11 11.20 -45.58
N LEU B 518 25.96 10.77 -44.32
CA LEU B 518 26.57 9.52 -43.89
C LEU B 518 25.61 8.34 -43.88
N GLY B 519 24.33 8.60 -44.10
CA GLY B 519 23.35 7.51 -44.12
C GLY B 519 23.16 6.91 -42.73
N ILE B 520 23.08 7.75 -41.72
CA ILE B 520 22.87 7.29 -40.35
C ILE B 520 21.84 8.19 -39.65
N GLU B 521 21.00 7.62 -38.81
CA GLU B 521 20.06 8.40 -37.99
C GLU B 521 20.76 9.21 -36.89
N LEU B 522 20.43 10.49 -36.82
CA LEU B 522 20.84 11.36 -35.73
C LEU B 522 19.56 12.04 -35.22
N LYS B 523 18.99 11.59 -34.08
CA LYS B 523 17.83 12.25 -33.48
C LYS B 523 18.31 13.51 -32.76
N VAL B 524 17.65 14.62 -32.95
CA VAL B 524 17.97 15.89 -32.32
C VAL B 524 16.86 16.25 -31.39
N CYS B 525 17.20 16.62 -30.15
CA CYS B 525 16.27 17.08 -29.17
C CYS B 525 16.66 18.47 -28.75
N VAL B 526 15.77 19.44 -28.98
CA VAL B 526 15.95 20.82 -28.55
C VAL B 526 15.08 21.04 -27.30
N ILE B 527 15.75 21.12 -26.16
CA ILE B 527 15.15 21.16 -24.84
C ILE B 527 14.92 22.57 -24.44
N GLY B 528 13.67 22.90 -24.13
CA GLY B 528 13.36 24.24 -23.69
C GLY B 528 11.87 24.57 -23.55
N PRO B 529 11.55 25.76 -23.06
CA PRO B 529 10.16 26.12 -22.91
C PRO B 529 9.41 26.12 -24.25
N GLY B 530 8.24 25.48 -24.25
CA GLY B 530 7.41 25.36 -25.44
C GLY B 530 7.79 24.22 -26.35
N GLN B 531 8.81 23.45 -26.01
CA GLN B 531 9.26 22.35 -26.84
C GLN B 531 8.70 21.02 -26.42
N GLU B 532 9.01 19.97 -27.16
CA GLU B 532 8.55 18.62 -26.79
C GLU B 532 9.10 18.22 -25.40
N PHE B 533 10.35 18.57 -25.17
CA PHE B 533 11.00 18.31 -23.86
C PHE B 533 11.38 19.62 -23.21
N VAL B 534 11.05 19.77 -21.92
CA VAL B 534 11.17 21.01 -21.22
C VAL B 534 12.07 20.86 -20.00
N ASP B 535 12.96 21.84 -19.77
CA ASP B 535 13.86 21.88 -18.61
C ASP B 535 13.14 22.50 -17.42
N THR B 536 12.07 21.83 -17.04
CA THR B 536 11.08 22.36 -16.06
C THR B 536 11.66 22.66 -14.68
N TYR B 537 12.68 21.92 -14.26
CA TYR B 537 13.32 22.10 -12.96
C TYR B 537 14.64 22.89 -13.08
N GLY B 538 15.07 23.25 -14.27
CA GLY B 538 16.37 23.85 -14.46
C GLY B 538 17.57 22.90 -14.31
N GLU B 539 17.34 21.59 -14.18
CA GLU B 539 18.38 20.64 -13.87
C GLU B 539 19.29 20.39 -15.07
N TYR B 540 18.75 20.45 -16.31
CA TYR B 540 19.61 20.28 -17.47
C TYR B 540 20.66 21.40 -17.62
N ALA B 541 20.23 22.64 -17.51
CA ALA B 541 21.19 23.79 -17.57
C ALA B 541 22.26 23.63 -16.48
N LYS B 542 21.87 23.10 -15.33
CA LYS B 542 22.78 22.99 -14.22
C LYS B 542 23.80 21.87 -14.45
N ILE B 543 23.41 20.79 -15.12
CA ILE B 543 24.29 19.59 -15.27
C ILE B 543 25.12 19.62 -16.53
N SER B 544 24.73 20.43 -17.53
CA SER B 544 25.26 20.20 -18.89
C SER B 544 26.72 20.64 -19.06
N GLU B 545 27.15 21.59 -18.24
CA GLU B 545 28.54 22.14 -18.22
C GLU B 545 28.83 23.01 -19.47
N ILE B 546 27.84 23.27 -20.30
CA ILE B 546 28.04 24.08 -21.50
C ILE B 546 26.89 25.10 -21.58
N GLY B 547 27.04 26.09 -22.44
CA GLY B 547 26.01 27.08 -22.62
C GLY B 547 24.85 26.42 -23.34
N GLU B 548 23.76 27.15 -23.35
CA GLU B 548 22.53 26.63 -23.86
C GLU B 548 22.67 26.23 -25.32
N SER B 549 23.53 26.92 -26.09
CA SER B 549 23.62 26.64 -27.52
C SER B 549 24.64 25.51 -27.84
N GLY B 550 25.31 25.00 -26.82
CA GLY B 550 26.12 23.83 -27.00
C GLY B 550 25.33 22.57 -27.28
N ALA B 551 26.04 21.47 -27.55
CA ALA B 551 25.41 20.20 -27.83
C ALA B 551 26.21 19.03 -27.31
N LEU B 552 25.49 17.98 -26.94
CA LEU B 552 26.05 16.70 -26.57
C LEU B 552 25.54 15.69 -27.55
N LEU B 553 26.47 14.93 -28.12
CA LEU B 553 26.14 13.81 -28.97
C LEU B 553 26.28 12.54 -28.15
N VAL B 554 25.20 11.79 -28.08
CA VAL B 554 25.07 10.62 -27.18
C VAL B 554 24.94 9.36 -27.99
N ARG B 555 25.85 8.41 -27.76
CA ARG B 555 25.88 7.11 -28.48
C ARG B 555 24.73 6.23 -28.07
N PRO B 556 24.46 5.16 -28.82
CA PRO B 556 23.36 4.26 -28.47
C PRO B 556 23.49 3.62 -27.09
N ASP B 557 24.73 3.50 -26.58
CA ASP B 557 24.94 2.94 -25.25
C ASP B 557 24.96 3.99 -24.17
N MET B 558 24.60 5.20 -24.55
CA MET B 558 24.38 6.27 -23.57
C MET B 558 25.68 6.99 -23.15
N PHE B 559 26.78 6.73 -23.81
CA PHE B 559 28.00 7.47 -23.58
C PHE B 559 28.12 8.70 -24.48
N ILE B 560 28.64 9.79 -23.93
CA ILE B 560 28.85 11.02 -24.71
C ILE B 560 30.05 10.83 -25.64
N ALA B 561 29.85 11.07 -26.93
CA ALA B 561 30.95 10.92 -27.93
C ALA B 561 31.51 12.27 -28.44
N PHE B 562 30.82 13.36 -28.15
CA PHE B 562 31.17 14.66 -28.74
C PHE B 562 30.44 15.70 -27.95
N ARG B 563 31.14 16.79 -27.65
CA ARG B 563 30.58 17.89 -26.96
C ARG B 563 31.05 19.17 -27.67
N ALA B 564 30.12 20.08 -27.91
CA ALA B 564 30.40 21.41 -28.49
C ALA B 564 29.93 22.47 -27.54
N LYS B 565 30.75 23.49 -27.33
CA LYS B 565 30.48 24.56 -26.42
C LYS B 565 29.39 25.53 -26.86
N ASP B 566 29.25 25.73 -28.15
CA ASP B 566 28.30 26.71 -28.63
C ASP B 566 27.87 26.34 -30.03
N ALA B 567 27.02 27.15 -30.65
CA ALA B 567 26.58 26.86 -31.99
C ALA B 567 27.15 27.88 -33.02
N SER B 568 28.36 28.38 -32.78
CA SER B 568 29.09 29.15 -33.78
C SER B 568 29.33 28.26 -35.00
N ARG B 569 29.63 28.90 -36.13
CA ARG B 569 29.97 28.15 -37.31
C ARG B 569 31.16 27.17 -37.11
N GLU B 570 32.20 27.59 -36.38
CA GLU B 570 33.33 26.68 -36.10
C GLU B 570 32.85 25.44 -35.28
N GLY B 571 32.01 25.68 -34.29
CA GLY B 571 31.43 24.59 -33.50
C GLY B 571 30.55 23.62 -34.32
N LEU B 572 29.63 24.17 -35.11
CA LEU B 572 28.78 23.36 -35.97
C LEU B 572 29.58 22.48 -36.93
N GLU B 573 30.62 23.03 -37.55
CA GLU B 573 31.43 22.30 -38.52
C GLU B 573 32.12 21.10 -37.91
N GLN B 574 32.37 21.10 -36.61
CA GLN B 574 32.99 19.94 -36.01
C GLN B 574 32.12 18.68 -35.93
N LEU B 575 30.80 18.84 -36.04
CA LEU B 575 29.91 17.66 -35.90
C LEU B 575 30.20 16.62 -36.94
N ASN B 576 30.34 17.07 -38.18
CA ASN B 576 30.58 16.14 -39.26
C ASN B 576 31.95 15.45 -39.12
N VAL B 577 32.95 16.17 -38.67
CA VAL B 577 34.24 15.53 -38.47
C VAL B 577 34.23 14.57 -37.26
N ALA B 578 33.60 14.93 -36.17
CA ALA B 578 33.46 13.95 -35.05
C ALA B 578 32.74 12.66 -35.46
N VAL B 579 31.63 12.80 -36.16
CA VAL B 579 30.82 11.58 -36.49
C VAL B 579 31.53 10.69 -37.50
N LYS B 580 32.22 11.28 -38.49
CA LYS B 580 33.03 10.47 -39.38
C LYS B 580 34.14 9.74 -38.66
N SER B 581 34.80 10.42 -37.73
CA SER B 581 35.85 9.83 -36.99
C SER B 581 35.34 8.66 -36.09
N ILE B 582 34.25 8.89 -35.40
CA ILE B 582 33.62 7.83 -34.55
C ILE B 582 33.23 6.58 -35.37
N LEU B 583 32.75 6.80 -36.59
CA LEU B 583 32.36 5.70 -37.47
C LEU B 583 33.52 5.09 -38.29
N GLY B 584 34.76 5.60 -38.08
CA GLY B 584 35.91 5.14 -38.84
C GLY B 584 35.83 5.45 -40.34
N ARG B 585 35.16 6.55 -40.73
CA ARG B 585 34.89 6.93 -42.14
C ARG B 585 35.46 8.31 -42.60
N SER C 4 18.86 -40.07 -34.20
CA SER C 4 17.93 -40.81 -33.24
C SER C 4 18.03 -40.38 -31.73
N ALA C 5 16.90 -40.02 -31.12
CA ALA C 5 16.80 -39.69 -29.72
C ALA C 5 15.75 -40.61 -29.13
N GLU C 6 15.79 -40.79 -27.81
CA GLU C 6 14.82 -41.61 -27.11
C GLU C 6 14.30 -40.82 -25.88
N THR C 7 13.02 -40.92 -25.58
CA THR C 7 12.46 -40.30 -24.36
C THR C 7 11.22 -41.12 -23.92
N ASP C 8 10.66 -40.84 -22.74
CA ASP C 8 9.45 -41.54 -22.26
C ASP C 8 8.25 -40.95 -22.97
N VAL C 9 8.16 -39.63 -22.98
CA VAL C 9 7.06 -38.96 -23.64
C VAL C 9 7.54 -37.87 -24.58
N LEU C 10 7.02 -37.88 -25.80
CA LEU C 10 7.24 -36.80 -26.72
C LEU C 10 6.03 -35.89 -26.66
N ILE C 11 6.27 -34.61 -26.46
CA ILE C 11 5.19 -33.63 -26.37
C ILE C 11 5.25 -32.72 -27.57
N VAL C 12 4.25 -32.78 -28.44
CA VAL C 12 4.27 -31.95 -29.61
C VAL C 12 3.48 -30.68 -29.33
N GLY C 13 4.18 -29.56 -29.17
CA GLY C 13 3.56 -28.29 -28.90
C GLY C 13 3.97 -27.76 -27.55
N ALA C 14 4.26 -26.44 -27.49
CA ALA C 14 4.71 -25.78 -26.25
C ALA C 14 3.82 -24.59 -25.89
N GLY C 15 2.56 -24.65 -26.25
CA GLY C 15 1.57 -23.76 -25.65
C GLY C 15 1.23 -24.21 -24.26
N PRO C 16 0.18 -23.65 -23.68
CA PRO C 16 -0.26 -23.98 -22.31
C PRO C 16 -0.40 -25.45 -22.04
N ALA C 17 -1.01 -26.22 -22.95
CA ALA C 17 -1.19 -27.66 -22.71
C ALA C 17 0.12 -28.40 -22.70
N GLY C 18 0.95 -28.16 -23.72
CA GLY C 18 2.19 -28.89 -23.79
C GLY C 18 3.16 -28.51 -22.69
N ALA C 19 3.28 -27.21 -22.43
CA ALA C 19 4.22 -26.72 -21.46
C ALA C 19 3.85 -27.16 -20.06
N MET C 20 2.56 -27.14 -19.75
CA MET C 20 2.08 -27.73 -18.47
C MET C 20 2.39 -29.25 -18.36
N SER C 21 2.12 -30.01 -19.41
CA SER C 21 2.44 -31.46 -19.40
C SER C 21 3.92 -31.69 -19.17
N ALA C 22 4.78 -30.91 -19.82
CA ALA C 22 6.23 -31.06 -19.58
C ALA C 22 6.64 -30.75 -18.15
N THR C 23 6.10 -29.67 -17.61
CA THR C 23 6.45 -29.28 -16.24
C THR C 23 6.02 -30.32 -15.25
N LEU C 24 4.81 -30.86 -15.43
CA LEU C 24 4.27 -31.89 -14.49
C LEU C 24 4.97 -33.21 -14.62
N LEU C 25 5.17 -33.66 -15.85
CA LEU C 25 5.98 -34.87 -16.05
C LEU C 25 7.40 -34.76 -15.44
N ALA C 26 8.09 -33.65 -15.70
CA ALA C 26 9.41 -33.46 -15.11
C ALA C 26 9.38 -33.43 -13.58
N SER C 27 8.38 -32.78 -13.00
CA SER C 27 8.22 -32.82 -11.54
C SER C 27 7.97 -34.22 -10.98
N LEU C 28 7.36 -35.10 -11.78
CA LEU C 28 7.11 -36.49 -11.38
C LEU C 28 8.26 -37.43 -11.71
N GLY C 29 9.36 -36.93 -12.27
CA GLY C 29 10.53 -37.77 -12.63
C GLY C 29 10.45 -38.42 -13.99
N ILE C 30 9.64 -37.90 -14.90
CA ILE C 30 9.48 -38.54 -16.19
C ILE C 30 10.22 -37.74 -17.22
N ARG C 31 10.92 -38.43 -18.13
CA ARG C 31 11.74 -37.82 -19.18
C ARG C 31 10.84 -37.44 -20.30
N SER C 32 10.89 -36.18 -20.71
CA SER C 32 10.10 -35.76 -21.83
C SER C 32 10.93 -34.89 -22.75
N LEU C 33 10.51 -34.87 -23.99
CA LEU C 33 11.00 -33.93 -24.98
C LEU C 33 9.83 -33.14 -25.47
N MET C 34 9.88 -31.81 -25.29
CA MET C 34 8.82 -30.98 -25.76
C MET C 34 9.36 -30.17 -26.93
N ILE C 35 8.62 -30.15 -28.03
CA ILE C 35 9.01 -29.42 -29.20
C ILE C 35 7.99 -28.40 -29.62
N ASN C 36 8.49 -27.40 -30.35
CA ASN C 36 7.67 -26.33 -30.92
C ASN C 36 8.25 -25.93 -32.26
N ARG C 37 7.40 -25.81 -33.28
CA ARG C 37 7.76 -25.45 -34.65
C ARG C 37 8.39 -24.04 -34.71
N TRP C 38 7.86 -23.09 -33.94
CA TRP C 38 8.28 -21.68 -34.05
C TRP C 38 9.50 -21.36 -33.17
N ARG C 39 10.01 -20.15 -33.37
CA ARG C 39 11.21 -19.66 -32.74
C ARG C 39 10.97 -19.30 -31.26
N SER C 40 9.79 -18.78 -30.94
CA SER C 40 9.48 -18.22 -29.62
C SER C 40 8.16 -18.76 -29.06
N THR C 41 7.87 -18.34 -27.84
CA THR C 41 6.53 -18.47 -27.29
C THR C 41 5.58 -17.52 -28.03
N SER C 42 4.30 -17.71 -27.80
CA SER C 42 3.28 -16.99 -28.56
C SER C 42 3.42 -15.49 -28.32
N PRO C 43 3.52 -14.69 -29.39
CA PRO C 43 3.71 -13.23 -29.21
C PRO C 43 2.43 -12.45 -29.03
N GLY C 44 1.32 -13.01 -29.47
CA GLY C 44 0.15 -12.18 -29.68
C GLY C 44 -0.58 -11.89 -28.39
N PRO C 45 -1.46 -10.87 -28.44
CA PRO C 45 -2.50 -10.89 -27.44
C PRO C 45 -3.42 -12.06 -27.86
N ARG C 46 -3.64 -12.97 -26.93
CA ARG C 46 -4.54 -14.06 -27.09
C ARG C 46 -5.20 -14.13 -25.73
N SER C 47 -5.07 -15.26 -25.04
CA SER C 47 -5.73 -15.39 -23.77
C SER C 47 -5.24 -14.41 -22.70
N HIS C 48 -6.15 -14.09 -21.80
CA HIS C 48 -5.74 -13.37 -20.66
C HIS C 48 -6.52 -13.71 -19.39
N ILE C 49 -7.68 -14.36 -19.45
CA ILE C 49 -8.46 -14.66 -18.25
C ILE C 49 -7.97 -15.99 -17.72
N ILE C 50 -7.39 -15.97 -16.52
CA ILE C 50 -6.96 -17.22 -15.86
C ILE C 50 -7.92 -17.54 -14.75
N ASN C 51 -8.53 -18.73 -14.78
CA ASN C 51 -9.55 -19.05 -13.78
C ASN C 51 -8.97 -19.76 -12.53
N GLN C 52 -9.82 -20.04 -11.56
CA GLN C 52 -9.37 -20.58 -10.28
C GLN C 52 -8.73 -22.01 -10.36
N ARG C 53 -9.21 -22.83 -11.27
CA ARG C 53 -8.64 -24.16 -11.44
C ARG C 53 -7.22 -24.05 -11.93
N THR C 54 -6.98 -23.17 -12.89
CA THR C 54 -5.63 -22.99 -13.38
C THR C 54 -4.72 -22.43 -12.27
N MET C 55 -5.22 -21.44 -11.55
CA MET C 55 -4.43 -20.88 -10.49
C MET C 55 -4.16 -21.90 -9.40
N GLU C 56 -5.11 -22.82 -9.15
CA GLU C 56 -4.86 -23.93 -8.17
C GLU C 56 -3.80 -24.88 -8.64
N ILE C 57 -3.73 -25.15 -9.93
CA ILE C 57 -2.63 -25.98 -10.49
C ILE C 57 -1.27 -25.30 -10.28
N LEU C 58 -1.19 -24.04 -10.65
CA LEU C 58 0.03 -23.26 -10.43
C LEU C 58 0.36 -23.25 -8.97
N ARG C 59 -0.64 -23.16 -8.10
CA ARG C 59 -0.38 -23.18 -6.64
C ARG C 59 0.23 -24.49 -6.21
N ASP C 60 -0.32 -25.60 -6.72
CA ASP C 60 0.20 -26.96 -6.38
C ASP C 60 1.67 -27.18 -6.79
N ILE C 61 2.04 -26.67 -7.93
CA ILE C 61 3.41 -26.75 -8.40
C ILE C 61 4.30 -25.55 -8.04
N GLY C 62 3.83 -24.56 -7.30
CA GLY C 62 4.74 -23.50 -6.75
C GLY C 62 4.95 -22.33 -7.67
N LEU C 63 4.06 -22.13 -8.65
CA LEU C 63 4.16 -20.98 -9.55
C LEU C 63 3.05 -19.95 -9.35
N GLU C 64 2.16 -20.13 -8.38
CA GLU C 64 1.03 -19.18 -8.24
C GLU C 64 1.58 -17.74 -7.92
N GLU C 65 2.53 -17.63 -7.00
CA GLU C 65 3.00 -16.30 -6.59
C GLU C 65 3.71 -15.62 -7.77
N SER C 66 4.45 -16.34 -8.61
CA SER C 66 5.05 -15.73 -9.80
C SER C 66 3.98 -15.27 -10.76
N ALA C 67 2.93 -16.09 -10.95
CA ALA C 67 1.84 -15.73 -11.81
C ALA C 67 1.16 -14.43 -11.33
N LYS C 68 0.90 -14.34 -10.03
CA LYS C 68 0.27 -13.17 -9.46
C LYS C 68 1.13 -11.91 -9.65
N SER C 69 2.44 -12.01 -9.49
CA SER C 69 3.33 -10.83 -9.72
C SER C 69 3.31 -10.31 -11.15
N LEU C 70 3.08 -11.18 -12.13
CA LEU C 70 2.90 -10.78 -13.54
C LEU C 70 1.49 -10.31 -13.90
N ALA C 71 0.50 -10.63 -13.10
CA ALA C 71 -0.92 -10.47 -13.47
C ALA C 71 -1.53 -9.21 -12.88
N VAL C 72 -2.72 -8.89 -13.37
CA VAL C 72 -3.59 -7.89 -12.78
C VAL C 72 -4.66 -8.61 -11.89
N PRO C 73 -4.76 -8.24 -10.60
CA PRO C 73 -5.71 -8.95 -9.76
C PRO C 73 -7.17 -8.64 -10.13
N LYS C 74 -8.03 -9.51 -9.63
CA LYS C 74 -9.45 -9.48 -9.89
C LYS C 74 -10.20 -8.17 -9.59
N GLU C 75 -9.81 -7.46 -8.53
CA GLU C 75 -10.35 -6.09 -8.27
C GLU C 75 -10.29 -5.11 -9.48
N TYR C 76 -9.41 -5.36 -10.46
CA TYR C 76 -9.30 -4.46 -11.63
C TYR C 76 -9.89 -5.03 -12.90
N MET C 77 -10.73 -6.07 -12.77
CA MET C 77 -11.31 -6.74 -13.93
C MET C 77 -12.84 -6.52 -14.09
N GLY C 78 -13.49 -5.96 -13.07
CA GLY C 78 -14.95 -5.95 -13.02
C GLY C 78 -15.76 -5.04 -13.93
N GLU C 79 -15.16 -3.91 -14.34
CA GLU C 79 -15.96 -2.85 -14.96
C GLU C 79 -16.12 -3.10 -16.48
N HIS C 80 -17.11 -3.86 -16.91
CA HIS C 80 -17.40 -3.99 -18.34
C HIS C 80 -18.41 -2.93 -18.73
N VAL C 81 -18.06 -2.19 -19.78
CA VAL C 81 -18.81 -1.04 -20.24
C VAL C 81 -19.38 -1.35 -21.62
N TYR C 82 -20.67 -1.14 -21.80
CA TYR C 82 -21.34 -1.30 -23.10
C TYR C 82 -21.57 0.09 -23.63
N ALA C 83 -21.12 0.34 -24.85
CA ALA C 83 -21.15 1.71 -25.43
C ALA C 83 -21.15 1.66 -26.96
N THR C 84 -21.31 2.83 -27.57
CA THR C 84 -21.28 2.95 -29.03
C THR C 84 -19.85 3.13 -29.48
N SER C 85 -19.08 3.84 -28.68
CA SER C 85 -17.67 3.99 -28.88
C SER C 85 -17.12 4.54 -27.57
N LEU C 86 -15.80 4.60 -27.44
CA LEU C 86 -15.16 5.08 -26.21
C LEU C 86 -15.54 6.51 -25.81
N ALA C 87 -15.70 7.38 -26.80
CA ALA C 87 -16.07 8.76 -26.55
C ALA C 87 -17.58 8.95 -26.54
N GLY C 88 -18.33 8.03 -27.15
CA GLY C 88 -19.78 8.15 -27.24
C GLY C 88 -20.53 7.92 -25.94
N GLU C 89 -21.82 7.62 -26.08
CA GLU C 89 -22.70 7.41 -24.93
C GLU C 89 -22.52 5.98 -24.44
N GLU C 90 -22.54 5.87 -23.13
CA GLU C 90 -22.52 4.60 -22.45
C GLU C 90 -23.95 4.04 -22.26
N PHE C 91 -24.20 2.83 -22.74
CA PHE C 91 -25.43 2.12 -22.43
C PHE C 91 -25.56 1.71 -20.96
N GLY C 92 -24.46 1.29 -20.37
CA GLY C 92 -24.48 0.79 -19.00
C GLY C 92 -23.31 -0.10 -18.77
N ARG C 93 -23.19 -0.59 -17.55
CA ARG C 93 -22.12 -1.46 -17.16
C ARG C 93 -22.65 -2.69 -16.56
N ILE C 94 -21.79 -3.73 -16.51
CA ILE C 94 -22.14 -5.01 -15.88
C ILE C 94 -20.97 -5.40 -15.03
N PRO C 95 -21.24 -6.15 -13.93
CA PRO C 95 -20.14 -6.56 -13.03
C PRO C 95 -19.54 -7.86 -13.55
N ALA C 96 -18.53 -7.72 -14.38
CA ALA C 96 -17.87 -8.90 -14.98
C ALA C 96 -16.84 -9.56 -14.01
N TRP C 97 -16.47 -10.78 -14.35
CA TRP C 97 -15.45 -11.53 -13.59
C TRP C 97 -15.75 -11.55 -12.06
N ALA C 98 -17.00 -11.86 -11.76
CA ALA C 98 -17.46 -12.09 -10.38
C ALA C 98 -17.17 -10.90 -9.45
N SER C 99 -17.35 -9.67 -9.96
CA SER C 99 -17.07 -8.43 -9.18
C SER C 99 -18.27 -7.96 -8.32
N HIS C 100 -19.48 -8.37 -8.62
CA HIS C 100 -20.61 -8.10 -7.78
C HIS C 100 -20.33 -8.76 -6.39
N PRO C 101 -20.65 -8.06 -5.26
CA PRO C 101 -20.29 -8.63 -3.96
C PRO C 101 -20.78 -10.08 -3.70
N GLN C 102 -21.97 -10.45 -4.15
CA GLN C 102 -22.44 -11.86 -4.00
C GLN C 102 -21.64 -12.85 -4.84
N ALA C 103 -21.43 -12.52 -6.10
CA ALA C 103 -20.59 -13.32 -6.97
C ALA C 103 -19.16 -13.46 -6.39
N HIS C 104 -18.66 -12.39 -5.84
CA HIS C 104 -17.33 -12.42 -5.30
C HIS C 104 -17.24 -13.36 -4.06
N ALA C 105 -18.24 -13.33 -3.23
CA ALA C 105 -18.30 -14.26 -2.09
C ALA C 105 -18.28 -15.70 -2.57
N GLU C 106 -19.10 -16.01 -3.58
CA GLU C 106 -19.21 -17.38 -4.13
C GLU C 106 -17.85 -17.80 -4.67
N HIS C 107 -17.14 -16.82 -5.21
CA HIS C 107 -15.83 -17.05 -5.76
C HIS C 107 -14.76 -17.39 -4.69
N GLU C 108 -14.77 -16.59 -3.63
CA GLU C 108 -13.86 -16.80 -2.50
C GLU C 108 -14.09 -18.12 -1.82
N LEU C 109 -15.36 -18.50 -1.69
CA LEU C 109 -15.67 -19.73 -0.98
C LEU C 109 -15.26 -20.97 -1.75
N ALA C 110 -15.14 -20.88 -3.06
CA ALA C 110 -14.91 -22.05 -3.88
C ALA C 110 -13.45 -22.54 -3.93
N SER C 111 -12.47 -21.65 -3.66
CA SER C 111 -11.08 -21.91 -3.95
C SER C 111 -10.20 -21.02 -3.12
N PRO C 112 -8.96 -21.45 -2.82
CA PRO C 112 -7.99 -20.45 -2.30
C PRO C 112 -7.48 -19.49 -3.35
N SER C 113 -7.75 -19.77 -4.63
CA SER C 113 -7.23 -18.93 -5.71
C SER C 113 -8.34 -18.02 -6.25
N ARG C 114 -7.96 -17.10 -7.14
CA ARG C 114 -8.80 -16.09 -7.67
C ARG C 114 -8.54 -15.85 -9.13
N TYR C 115 -9.58 -15.40 -9.87
CA TYR C 115 -9.39 -14.90 -11.21
C TYR C 115 -8.19 -13.97 -11.24
N CYS C 116 -7.44 -14.02 -12.32
CA CYS C 116 -6.55 -12.88 -12.62
C CYS C 116 -6.32 -12.67 -14.10
N ASP C 117 -5.77 -11.51 -14.43
CA ASP C 117 -5.66 -11.13 -15.84
C ASP C 117 -4.20 -11.22 -16.16
N LEU C 118 -3.82 -12.24 -16.90
CA LEU C 118 -2.41 -12.55 -17.13
C LEU C 118 -2.29 -12.91 -18.61
N PRO C 119 -1.77 -12.01 -19.43
CA PRO C 119 -1.64 -12.31 -20.86
C PRO C 119 -0.88 -13.61 -21.15
N GLN C 120 -1.33 -14.33 -22.16
CA GLN C 120 -0.69 -15.56 -22.55
C GLN C 120 0.77 -15.32 -22.93
N LEU C 121 1.05 -14.15 -23.50
CA LEU C 121 2.41 -13.63 -23.73
C LEU C 121 3.37 -13.80 -22.56
N TYR C 122 2.92 -13.61 -21.31
CA TYR C 122 3.75 -13.91 -20.11
C TYR C 122 3.57 -15.29 -19.52
N PHE C 123 2.38 -15.86 -19.66
CA PHE C 123 2.08 -17.16 -19.06
C PHE C 123 2.96 -18.19 -19.68
N GLU C 124 3.02 -18.20 -21.02
CA GLU C 124 3.82 -19.26 -21.71
C GLU C 124 5.30 -19.35 -21.32
N PRO C 125 6.06 -18.25 -21.39
CA PRO C 125 7.47 -18.40 -21.00
C PRO C 125 7.66 -18.78 -19.59
N MET C 126 6.80 -18.33 -18.70
CA MET C 126 6.91 -18.76 -17.30
C MET C 126 6.83 -20.29 -17.20
N VAL C 127 5.89 -20.92 -17.90
CA VAL C 127 5.74 -22.37 -17.74
C VAL C 127 6.82 -23.12 -18.52
N VAL C 128 7.15 -22.61 -19.71
CA VAL C 128 8.22 -23.24 -20.49
C VAL C 128 9.57 -23.22 -19.74
N SER C 129 9.98 -22.10 -19.11
CA SER C 129 11.23 -22.11 -18.34
C SER C 129 11.19 -23.05 -17.18
N GLU C 130 10.07 -23.11 -16.49
CA GLU C 130 9.91 -24.09 -15.39
C GLU C 130 10.05 -25.56 -15.85
N ALA C 131 9.46 -25.91 -16.96
CA ALA C 131 9.61 -27.27 -17.53
C ALA C 131 11.07 -27.63 -17.71
N ALA C 132 11.86 -26.74 -18.33
CA ALA C 132 13.30 -26.99 -18.52
C ALA C 132 14.02 -27.05 -17.19
N LEU C 133 13.74 -26.11 -16.28
CA LEU C 133 14.42 -26.16 -15.00
C LEU C 133 14.15 -27.45 -14.20
N ARG C 134 12.98 -28.03 -14.39
CA ARG C 134 12.63 -29.23 -13.60
C ARG C 134 13.02 -30.51 -14.30
N GLY C 135 13.43 -30.44 -15.56
CA GLY C 135 14.09 -31.61 -16.17
C GLY C 135 13.61 -31.99 -17.54
N ALA C 136 12.63 -31.30 -18.09
CA ALA C 136 12.21 -31.55 -19.45
C ALA C 136 13.21 -31.05 -20.48
N ASP C 137 13.47 -31.80 -21.55
CA ASP C 137 14.18 -31.27 -22.70
C ASP C 137 13.25 -30.46 -23.54
N VAL C 138 13.66 -29.27 -23.93
CA VAL C 138 12.78 -28.37 -24.67
C VAL C 138 13.49 -27.91 -25.89
N ARG C 139 12.83 -27.99 -27.04
CA ARG C 139 13.47 -27.77 -28.31
C ARG C 139 12.52 -27.08 -29.24
N PHE C 140 12.81 -25.81 -29.50
CA PHE C 140 12.03 -24.97 -30.42
C PHE C 140 12.65 -25.07 -31.84
N LEU C 141 12.01 -24.43 -32.79
CA LEU C 141 12.33 -24.54 -34.22
C LEU C 141 12.43 -26.00 -34.70
N THR C 142 11.56 -26.85 -34.16
CA THR C 142 11.54 -28.30 -34.43
C THR C 142 10.10 -28.72 -34.65
N GLU C 143 9.86 -29.35 -35.81
CA GLU C 143 8.53 -29.65 -36.30
C GLU C 143 8.27 -31.16 -36.36
N TYR C 144 7.11 -31.54 -35.86
CA TYR C 144 6.62 -32.89 -35.95
C TYR C 144 6.06 -33.06 -37.35
N LEU C 145 6.56 -34.09 -38.05
CA LEU C 145 6.07 -34.45 -39.41
C LEU C 145 5.12 -35.66 -39.42
N GLY C 146 5.25 -36.57 -38.47
CA GLY C 146 4.41 -37.77 -38.46
C GLY C 146 5.01 -38.77 -37.53
N HIS C 147 4.31 -39.89 -37.30
CA HIS C 147 4.83 -40.96 -36.46
C HIS C 147 4.24 -42.29 -36.91
N VAL C 148 4.87 -43.39 -36.48
CA VAL C 148 4.33 -44.72 -36.58
C VAL C 148 4.30 -45.31 -35.20
N GLU C 149 3.26 -46.05 -34.92
CA GLU C 149 3.08 -46.68 -33.64
C GLU C 149 3.18 -48.19 -33.77
N ASP C 150 3.78 -48.82 -32.78
CA ASP C 150 3.77 -50.27 -32.69
C ASP C 150 3.38 -50.63 -31.27
N GLN C 151 3.47 -51.89 -30.93
CA GLN C 151 2.95 -52.27 -29.63
C GLN C 151 3.77 -51.84 -28.41
N ASP C 152 5.05 -51.54 -28.63
CA ASP C 152 5.94 -51.16 -27.54
C ASP C 152 6.23 -49.65 -27.45
N GLY C 153 5.73 -48.87 -28.40
CA GLY C 153 6.09 -47.49 -28.50
C GLY C 153 5.68 -46.76 -29.74
N VAL C 154 6.27 -45.59 -29.92
CA VAL C 154 5.99 -44.76 -31.05
C VAL C 154 7.29 -44.18 -31.57
N THR C 155 7.39 -43.97 -32.87
CA THR C 155 8.59 -43.44 -33.52
C THR C 155 8.13 -42.26 -34.36
N ALA C 156 8.62 -41.06 -34.03
CA ALA C 156 8.18 -39.84 -34.72
C ALA C 156 9.30 -39.24 -35.56
N ARG C 157 8.95 -38.61 -36.66
CA ARG C 157 9.91 -37.91 -37.47
C ARG C 157 9.79 -36.42 -37.24
N LEU C 158 10.94 -35.79 -36.95
CA LEU C 158 11.04 -34.36 -36.72
C LEU C 158 11.94 -33.68 -37.76
N LEU C 159 11.59 -32.45 -38.12
CA LEU C 159 12.36 -31.59 -38.97
C LEU C 159 12.94 -30.46 -38.13
N ASP C 160 14.27 -30.34 -38.10
CA ASP C 160 14.95 -29.26 -37.40
C ASP C 160 15.14 -28.03 -38.28
N HIS C 161 14.43 -26.94 -37.97
CA HIS C 161 14.52 -25.73 -38.78
C HIS C 161 15.78 -24.86 -38.53
N VAL C 162 16.67 -25.21 -37.62
CA VAL C 162 17.96 -24.55 -37.51
C VAL C 162 18.97 -25.22 -38.44
N SER C 163 19.15 -26.54 -38.27
CA SER C 163 20.11 -27.32 -39.05
C SER C 163 19.55 -27.81 -40.39
N GLY C 164 18.23 -27.82 -40.58
CA GLY C 164 17.59 -28.42 -41.77
C GLY C 164 17.57 -29.95 -41.75
N ALA C 165 18.16 -30.57 -40.74
CA ALA C 165 18.13 -32.01 -40.58
C ALA C 165 16.79 -32.60 -40.12
N GLU C 166 16.50 -33.81 -40.60
CA GLU C 166 15.43 -34.62 -40.09
C GLU C 166 16.06 -35.66 -39.20
N TYR C 167 15.37 -36.02 -38.12
CA TYR C 167 15.76 -37.11 -37.24
C TYR C 167 14.52 -37.77 -36.62
N GLU C 168 14.73 -38.92 -36.00
CA GLU C 168 13.65 -39.68 -35.41
C GLU C 168 13.77 -39.62 -33.92
N VAL C 169 12.62 -39.69 -33.25
CA VAL C 169 12.57 -39.85 -31.81
C VAL C 169 11.70 -41.05 -31.47
N ARG C 170 12.17 -41.84 -30.54
CA ARG C 170 11.46 -43.02 -30.09
C ARG C 170 10.91 -42.72 -28.68
N ALA C 171 9.61 -42.94 -28.47
CA ALA C 171 8.99 -42.64 -27.18
C ALA C 171 8.02 -43.75 -26.79
N LYS C 172 7.71 -43.84 -25.51
CA LYS C 172 6.58 -44.68 -25.08
C LYS C 172 5.23 -44.07 -25.39
N TYR C 173 5.11 -42.75 -25.31
CA TYR C 173 3.81 -42.07 -25.57
C TYR C 173 4.05 -40.76 -26.26
N ILE C 174 3.07 -40.31 -27.01
CA ILE C 174 3.09 -39.00 -27.63
C ILE C 174 1.90 -38.24 -27.10
N ILE C 175 2.14 -36.99 -26.71
CA ILE C 175 1.08 -36.04 -26.41
C ILE C 175 0.93 -35.13 -27.57
N GLY C 176 -0.26 -35.12 -28.16
CA GLY C 176 -0.65 -34.15 -29.14
C GLY C 176 -1.17 -32.87 -28.49
N ALA C 177 -0.31 -31.92 -28.28
CA ALA C 177 -0.68 -30.61 -27.73
C ALA C 177 -0.38 -29.55 -28.76
N ASP C 178 -0.78 -29.86 -29.98
CA ASP C 178 -0.34 -29.11 -31.13
C ASP C 178 -1.37 -28.21 -31.74
N GLY C 179 -2.41 -27.89 -30.96
CA GLY C 179 -3.28 -26.78 -31.34
C GLY C 179 -4.45 -27.14 -32.25
N ALA C 180 -5.14 -26.09 -32.70
CA ALA C 180 -6.39 -26.20 -33.36
C ALA C 180 -6.36 -26.87 -34.74
N HIS C 181 -5.21 -27.01 -35.37
CA HIS C 181 -5.16 -27.82 -36.61
C HIS C 181 -4.28 -29.04 -36.43
N SER C 182 -4.37 -29.65 -35.24
CA SER C 182 -3.47 -30.70 -34.83
C SER C 182 -3.25 -31.78 -35.89
N LEU C 183 -2.01 -31.85 -36.36
CA LEU C 183 -1.56 -32.98 -37.20
C LEU C 183 -1.48 -34.28 -36.42
N VAL C 184 -1.14 -34.22 -35.13
CA VAL C 184 -1.16 -35.42 -34.25
C VAL C 184 -2.56 -36.09 -34.15
N ALA C 185 -3.60 -35.30 -33.94
CA ALA C 185 -4.93 -35.80 -33.88
C ALA C 185 -5.39 -36.42 -35.23
N GLN C 186 -5.07 -35.71 -36.32
CA GLN C 186 -5.39 -36.18 -37.68
C GLN C 186 -4.70 -37.54 -37.88
N ASN C 187 -3.41 -37.65 -37.59
CA ASN C 187 -2.72 -38.94 -37.68
C ASN C 187 -3.25 -40.05 -36.76
N ALA C 188 -3.78 -39.70 -35.59
CA ALA C 188 -4.30 -40.70 -34.68
C ALA C 188 -5.71 -41.11 -35.08
N GLY C 189 -6.25 -40.41 -36.08
CA GLY C 189 -7.61 -40.64 -36.54
C GLY C 189 -8.73 -40.29 -35.58
N LEU C 190 -8.55 -39.27 -34.72
CA LEU C 190 -9.62 -38.94 -33.79
C LEU C 190 -10.86 -38.42 -34.50
N PRO C 191 -12.06 -38.85 -34.07
CA PRO C 191 -13.32 -38.36 -34.59
C PRO C 191 -13.77 -37.08 -33.89
N PHE C 192 -14.26 -36.15 -34.71
CA PHE C 192 -14.73 -34.83 -34.29
C PHE C 192 -16.22 -34.69 -34.59
N GLU C 193 -16.93 -33.95 -33.76
CA GLU C 193 -18.32 -33.53 -34.01
C GLU C 193 -18.43 -32.03 -33.74
N GLY C 194 -19.60 -31.45 -34.10
CA GLY C 194 -19.85 -29.99 -34.03
C GLY C 194 -19.76 -29.35 -35.41
N ILE C 204 -10.28 -10.23 -36.21
CA ILE C 204 -9.06 -9.42 -36.30
C ILE C 204 -8.66 -8.74 -34.98
N ASN C 205 -7.52 -9.12 -34.39
CA ASN C 205 -6.94 -8.46 -33.21
C ASN C 205 -5.93 -7.36 -33.62
N ILE C 206 -6.20 -6.10 -33.23
CA ILE C 206 -5.37 -4.95 -33.63
C ILE C 206 -4.72 -4.22 -32.45
N GLU C 207 -3.42 -4.40 -32.28
CA GLU C 207 -2.68 -3.62 -31.29
C GLU C 207 -2.42 -2.23 -31.82
N PHE C 208 -2.33 -1.28 -30.90
CA PHE C 208 -2.04 0.12 -31.22
C PHE C 208 -1.62 0.87 -29.96
N SER C 209 -1.03 2.05 -30.14
CA SER C 209 -0.66 2.90 -29.01
C SER C 209 -1.35 4.25 -29.18
N ALA C 210 -1.71 4.85 -28.05
CA ALA C 210 -2.45 6.14 -28.02
C ALA C 210 -2.71 6.61 -26.58
N ASP C 211 -2.97 7.93 -26.43
CA ASP C 211 -3.71 8.57 -25.28
C ASP C 211 -4.79 7.69 -24.58
N ASP C 222 -12.51 -1.25 -17.49
CA ASP C 222 -11.51 -2.27 -17.83
C ASP C 222 -11.76 -2.94 -19.15
N MET C 223 -13.02 -3.07 -19.59
CA MET C 223 -13.28 -3.64 -20.89
C MET C 223 -14.48 -2.96 -21.53
N TYR C 224 -14.39 -2.62 -22.82
CA TYR C 224 -15.45 -1.95 -23.55
C TYR C 224 -15.99 -2.82 -24.65
N TRP C 225 -17.29 -3.00 -24.67
CA TRP C 225 -18.00 -3.68 -25.75
C TRP C 225 -18.69 -2.59 -26.55
N MET C 226 -18.32 -2.49 -27.82
CA MET C 226 -18.81 -1.43 -28.68
C MET C 226 -19.83 -2.03 -29.62
N PHE C 227 -21.02 -1.47 -29.61
CA PHE C 227 -22.07 -1.92 -30.49
C PHE C 227 -22.08 -0.97 -31.67
N ARG C 228 -21.47 -1.37 -32.79
CA ARG C 228 -21.07 -0.40 -33.82
C ARG C 228 -22.05 -0.34 -35.01
N GLY C 237 -21.02 -7.33 -35.63
CA GLY C 237 -21.70 -6.21 -34.94
C GLY C 237 -20.98 -5.63 -33.72
N VAL C 238 -20.39 -6.48 -32.89
CA VAL C 238 -19.78 -6.06 -31.63
C VAL C 238 -18.25 -6.03 -31.74
N ALA C 239 -17.63 -4.97 -31.20
CA ALA C 239 -16.18 -4.89 -31.09
C ALA C 239 -15.81 -4.75 -29.61
N ALA C 240 -14.58 -5.15 -29.27
CA ALA C 240 -14.09 -5.07 -27.92
C ALA C 240 -12.82 -4.23 -27.87
N LEU C 241 -12.63 -3.53 -26.77
CA LEU C 241 -11.46 -2.71 -26.60
C LEU C 241 -11.00 -2.87 -25.21
N ARG C 242 -9.69 -3.05 -25.04
CA ARG C 242 -9.12 -2.96 -23.69
C ARG C 242 -7.66 -2.58 -23.60
N MET C 243 -7.27 -2.18 -22.40
CA MET C 243 -5.88 -2.04 -21.94
C MET C 243 -5.38 -0.61 -22.12
N ILE C 251 -5.43 -2.90 -27.27
CA ILE C 251 -5.95 -3.85 -28.23
C ILE C 251 -7.43 -3.66 -28.51
N CYS C 252 -7.84 -3.81 -29.75
CA CYS C 252 -9.24 -4.01 -30.04
C CYS C 252 -9.45 -5.24 -30.90
N VAL C 253 -10.64 -5.84 -30.75
CA VAL C 253 -11.00 -7.07 -31.45
C VAL C 253 -12.25 -6.83 -32.31
N GLU C 268 -3.50 -2.00 -43.56
CA GLU C 268 -2.88 -1.46 -42.34
C GLU C 268 -3.16 0.04 -42.12
N GLU C 269 -3.55 0.75 -43.18
CA GLU C 269 -4.10 2.11 -43.03
C GLU C 269 -5.63 2.00 -42.93
N ALA C 270 -6.18 0.85 -43.35
CA ALA C 270 -7.57 0.52 -43.09
C ALA C 270 -7.86 0.40 -41.57
N LYS C 271 -6.82 0.16 -40.77
CA LYS C 271 -6.87 0.35 -39.31
C LYS C 271 -7.07 1.83 -38.88
N LYS C 272 -8.08 2.47 -39.47
CA LYS C 272 -8.87 3.49 -38.82
C LYS C 272 -10.23 2.84 -38.46
N ILE C 273 -10.22 1.50 -38.33
CA ILE C 273 -11.20 0.78 -37.54
C ILE C 273 -11.03 1.25 -36.08
N ILE C 274 -9.79 1.54 -35.69
CA ILE C 274 -9.48 2.13 -34.38
C ILE C 274 -10.20 3.46 -34.15
N HIS C 275 -10.15 4.36 -35.12
CA HIS C 275 -11.11 5.48 -35.18
C HIS C 275 -12.46 4.80 -35.38
N GLU C 276 -13.54 5.39 -34.90
CA GLU C 276 -14.82 4.66 -34.94
C GLU C 276 -15.03 3.93 -33.59
N ILE C 277 -14.11 3.04 -33.22
CA ILE C 277 -14.12 2.36 -31.90
C ILE C 277 -13.73 3.35 -30.77
N ILE C 278 -12.73 4.20 -30.99
CA ILE C 278 -12.30 5.20 -30.01
C ILE C 278 -13.36 6.31 -29.69
N GLY C 279 -14.30 6.68 -30.54
CA GLY C 279 -14.16 6.85 -31.96
C GLY C 279 -14.08 8.38 -32.14
N THR C 280 -12.89 8.87 -32.44
CA THR C 280 -12.67 10.18 -33.04
C THR C 280 -11.46 9.97 -33.95
N ASP C 281 -10.95 11.05 -34.55
CA ASP C 281 -9.61 11.03 -35.12
C ASP C 281 -8.76 12.19 -34.61
N GLU C 282 -9.26 12.94 -33.63
CA GLU C 282 -8.49 14.02 -33.00
C GLU C 282 -7.36 13.50 -32.09
N ILE C 283 -7.14 12.18 -32.03
CA ILE C 283 -5.98 11.59 -31.33
C ILE C 283 -5.26 10.65 -32.31
N PRO C 284 -3.92 10.59 -32.22
CA PRO C 284 -3.17 9.76 -33.16
C PRO C 284 -2.61 8.49 -32.51
N VAL C 285 -2.21 7.53 -33.35
CA VAL C 285 -1.08 6.62 -33.06
C VAL C 285 -1.30 5.19 -33.58
N VAL C 287 -0.62 1.92 -35.08
CA VAL C 287 -1.73 1.33 -35.83
C VAL C 287 -1.53 -0.14 -36.23
N GLY C 288 -0.55 -0.82 -35.61
CA GLY C 288 -0.32 -2.30 -35.77
C GLY C 288 0.54 -2.73 -34.60
N PRO C 289 0.84 -4.05 -34.42
CA PRO C 289 0.58 -5.30 -35.18
C PRO C 289 -0.85 -5.86 -35.23
N ILE C 290 -1.16 -6.51 -36.36
CA ILE C 290 -2.48 -7.03 -36.66
C ILE C 290 -2.40 -8.55 -36.77
N SER C 291 -3.43 -9.26 -36.30
CA SER C 291 -3.45 -10.72 -36.38
C SER C 291 -4.87 -11.26 -36.48
N THR C 292 -4.99 -12.43 -37.08
CA THR C 292 -6.29 -13.06 -37.30
C THR C 292 -6.39 -14.46 -36.68
N TRP C 293 -7.60 -14.82 -36.26
CA TRP C 293 -7.91 -16.14 -35.78
C TRP C 293 -9.17 -16.61 -36.54
N THR C 294 -9.01 -17.64 -37.37
CA THR C 294 -10.14 -18.35 -37.99
C THR C 294 -10.37 -19.50 -37.03
N ILE C 295 -11.63 -19.73 -36.64
CA ILE C 295 -11.93 -20.84 -35.74
C ILE C 295 -13.11 -21.64 -36.25
N ASN C 296 -12.93 -22.93 -36.43
CA ASN C 296 -14.09 -23.75 -36.72
C ASN C 296 -14.39 -24.71 -35.53
N GLN C 297 -15.49 -24.37 -34.85
CA GLN C 297 -16.08 -25.02 -33.69
C GLN C 297 -16.19 -26.52 -33.84
N GLN C 298 -15.44 -27.25 -33.02
CA GLN C 298 -15.39 -28.67 -33.10
C GLN C 298 -14.80 -29.22 -31.86
N TYR C 299 -15.27 -30.40 -31.44
CA TYR C 299 -14.70 -31.12 -30.36
C TYR C 299 -14.42 -32.56 -30.77
N ALA C 300 -13.32 -33.10 -30.26
CA ALA C 300 -13.03 -34.51 -30.35
C ALA C 300 -13.95 -35.33 -29.45
N VAL C 301 -14.54 -36.36 -30.05
CA VAL C 301 -15.42 -37.26 -29.36
C VAL C 301 -14.60 -38.22 -28.53
N ARG C 302 -13.38 -38.46 -28.96
CA ARG C 302 -12.46 -39.29 -28.20
C ARG C 302 -11.09 -38.61 -28.31
N ASN C 303 -10.28 -38.67 -27.23
CA ASN C 303 -9.03 -37.92 -27.20
C ASN C 303 -7.76 -38.76 -27.20
N THR C 304 -7.93 -40.07 -27.35
CA THR C 304 -6.86 -41.03 -27.21
C THR C 304 -6.96 -42.09 -28.30
N SER C 305 -5.83 -42.51 -28.82
CA SER C 305 -5.75 -43.65 -29.75
C SER C 305 -4.47 -44.34 -29.46
N GLY C 306 -4.58 -45.51 -28.88
CA GLY C 306 -3.40 -46.31 -28.46
C GLY C 306 -2.45 -45.55 -27.53
N ARG C 307 -1.27 -45.26 -28.02
CA ARG C 307 -0.25 -44.53 -27.21
C ARG C 307 -0.23 -43.00 -27.46
N VAL C 308 -1.23 -42.48 -28.19
CA VAL C 308 -1.29 -41.09 -28.52
C VAL C 308 -2.43 -40.46 -27.71
N PHE C 309 -2.11 -39.38 -26.99
CA PHE C 309 -3.08 -38.60 -26.21
C PHE C 309 -3.09 -37.18 -26.71
N CYS C 310 -4.26 -36.68 -27.13
CA CYS C 310 -4.38 -35.28 -27.55
C CYS C 310 -5.09 -34.44 -26.48
N MET C 311 -4.72 -33.16 -26.45
CA MET C 311 -5.17 -32.26 -25.39
C MET C 311 -5.19 -30.82 -25.86
N GLY C 312 -5.96 -30.01 -25.15
CA GLY C 312 -5.99 -28.61 -25.49
C GLY C 312 -6.79 -28.32 -26.73
N ASP C 313 -6.39 -27.28 -27.45
CA ASP C 313 -7.12 -26.89 -28.66
C ASP C 313 -7.18 -28.04 -29.69
N ALA C 314 -6.24 -28.97 -29.61
CA ALA C 314 -6.27 -30.12 -30.51
C ALA C 314 -7.56 -30.91 -30.38
N VAL C 315 -8.20 -30.89 -29.20
CA VAL C 315 -9.43 -31.68 -28.95
C VAL C 315 -10.65 -30.78 -28.66
N HIS C 316 -10.44 -29.50 -28.52
CA HIS C 316 -11.58 -28.56 -28.35
C HIS C 316 -11.27 -27.23 -28.97
N ARG C 317 -11.98 -26.92 -30.03
CA ARG C 317 -11.80 -25.68 -30.80
C ARG C 317 -13.11 -24.89 -30.75
N HIS C 318 -13.05 -23.66 -30.25
CA HIS C 318 -14.26 -22.91 -29.98
C HIS C 318 -13.98 -21.42 -29.94
N THR C 319 -15.04 -20.61 -29.91
CA THR C 319 -14.86 -19.16 -29.80
C THR C 319 -14.41 -18.75 -28.41
N PRO C 320 -13.74 -17.60 -28.29
CA PRO C 320 -13.16 -17.17 -27.01
C PRO C 320 -14.10 -16.72 -25.86
N MET C 321 -15.40 -16.83 -26.04
CA MET C 321 -16.34 -16.37 -25.05
C MET C 321 -16.30 -17.19 -23.74
N GLY C 322 -15.91 -16.56 -22.63
CA GLY C 322 -15.88 -17.21 -21.31
C GLY C 322 -14.49 -17.51 -20.74
N GLY C 323 -13.44 -17.35 -21.54
CA GLY C 323 -12.09 -17.61 -21.11
C GLY C 323 -11.86 -19.05 -20.73
N LEU C 324 -12.45 -19.97 -21.48
CA LEU C 324 -12.43 -21.36 -21.11
C LEU C 324 -11.28 -22.18 -21.76
N GLY C 325 -10.71 -21.69 -22.86
CA GLY C 325 -9.74 -22.45 -23.65
C GLY C 325 -8.41 -22.79 -22.99
N LEU C 326 -7.61 -21.79 -22.66
CA LEU C 326 -6.38 -22.01 -22.02
C LEU C 326 -6.63 -22.79 -20.73
N ASN C 327 -7.66 -22.40 -19.98
CA ASN C 327 -7.87 -22.96 -18.65
C ASN C 327 -8.22 -24.45 -18.73
N THR C 328 -9.07 -24.80 -19.67
CA THR C 328 -9.42 -26.19 -19.92
C THR C 328 -8.24 -27.01 -20.44
N SER C 329 -7.41 -26.40 -21.26
CA SER C 329 -6.23 -27.03 -21.81
C SER C 329 -5.21 -27.36 -20.73
N VAL C 330 -5.04 -26.46 -19.75
CA VAL C 330 -4.11 -26.72 -18.66
C VAL C 330 -4.66 -27.83 -17.76
N GLN C 331 -5.96 -27.84 -17.60
CA GLN C 331 -6.58 -28.91 -16.79
C GLN C 331 -6.51 -30.33 -17.46
N ASP C 332 -6.59 -30.39 -18.77
CA ASP C 332 -6.39 -31.64 -19.50
C ASP C 332 -4.99 -32.19 -19.12
N ALA C 333 -3.96 -31.34 -19.16
CA ALA C 333 -2.61 -31.76 -18.81
C ALA C 333 -2.49 -32.30 -17.42
N TYR C 334 -3.09 -31.61 -16.48
CA TYR C 334 -3.08 -32.00 -15.08
C TYR C 334 -3.80 -33.33 -14.82
N ASN C 335 -4.83 -33.64 -15.63
CA ASN C 335 -5.53 -34.91 -15.56
C ASN C 335 -4.60 -36.05 -15.98
N LEU C 336 -3.85 -35.84 -17.05
CA LEU C 336 -3.04 -36.92 -17.67
C LEU C 336 -1.74 -37.21 -17.00
N ALA C 337 -1.03 -36.17 -16.58
CA ALA C 337 0.39 -36.37 -16.27
C ALA C 337 0.65 -37.38 -15.16
N TRP C 338 0.00 -37.24 -14.02
CA TRP C 338 0.15 -38.19 -12.94
C TRP C 338 -0.16 -39.62 -13.35
N LYS C 339 -1.10 -39.79 -14.26
CA LYS C 339 -1.50 -41.12 -14.75
C LYS C 339 -0.42 -41.75 -15.64
N LEU C 340 0.13 -40.95 -16.56
CA LEU C 340 1.32 -41.36 -17.30
C LEU C 340 2.43 -41.75 -16.38
N ALA C 341 2.68 -40.96 -15.35
CA ALA C 341 3.85 -41.23 -14.52
C ALA C 341 3.71 -42.60 -13.76
N LEU C 342 2.53 -42.89 -13.22
CA LEU C 342 2.29 -44.16 -12.55
C LEU C 342 2.42 -45.33 -13.51
N VAL C 343 1.90 -45.19 -14.73
CA VAL C 343 1.99 -46.27 -15.69
C VAL C 343 3.43 -46.55 -16.06
N LEU C 344 4.19 -45.51 -16.37
CA LEU C 344 5.60 -45.61 -16.74
C LEU C 344 6.46 -46.15 -15.62
N LYS C 345 6.11 -45.83 -14.40
CA LYS C 345 6.82 -46.40 -13.27
C LYS C 345 6.37 -47.82 -12.84
N GLY C 346 5.40 -48.41 -13.53
CA GLY C 346 4.93 -49.74 -13.17
C GLY C 346 4.09 -49.79 -11.89
N GLN C 347 3.54 -48.66 -11.42
CA GLN C 347 2.68 -48.67 -10.24
C GLN C 347 1.16 -48.72 -10.56
N ALA C 348 0.81 -48.45 -11.82
CA ALA C 348 -0.52 -48.61 -12.31
C ALA C 348 -0.46 -49.39 -13.61
N ALA C 349 -1.52 -50.16 -13.89
CA ALA C 349 -1.69 -50.76 -15.20
C ALA C 349 -2.07 -49.73 -16.28
N PRO C 350 -1.77 -50.03 -17.53
CA PRO C 350 -2.07 -49.13 -18.64
C PRO C 350 -3.51 -48.74 -18.77
N THR C 351 -4.43 -49.53 -18.23
CA THR C 351 -5.83 -49.16 -18.28
C THR C 351 -6.15 -47.88 -17.52
N LEU C 352 -5.32 -47.49 -16.55
CA LEU C 352 -5.52 -46.17 -15.89
C LEU C 352 -5.61 -45.05 -16.92
N LEU C 353 -4.91 -45.19 -18.03
CA LEU C 353 -4.93 -44.17 -19.07
C LEU C 353 -6.23 -44.04 -19.82
N ASP C 354 -7.11 -45.08 -19.74
CA ASP C 354 -8.47 -45.01 -20.33
C ASP C 354 -9.30 -43.91 -19.65
N SER C 355 -9.01 -43.62 -18.39
CA SER C 355 -9.77 -42.60 -17.68
C SER C 355 -9.58 -41.15 -18.23
N TYR C 356 -8.51 -40.88 -18.97
CA TYR C 356 -8.27 -39.58 -19.57
C TYR C 356 -9.39 -39.25 -20.57
N ASP C 357 -9.69 -40.18 -21.47
CA ASP C 357 -10.87 -39.97 -22.35
C ASP C 357 -12.21 -39.89 -21.59
N ALA C 358 -12.41 -40.78 -20.62
CA ALA C 358 -13.67 -40.84 -19.94
C ALA C 358 -13.96 -39.54 -19.14
N GLU C 359 -12.90 -38.94 -18.61
CA GLU C 359 -13.03 -37.74 -17.77
C GLU C 359 -12.94 -36.43 -18.57
N ARG C 360 -12.05 -36.37 -19.54
CA ARG C 360 -11.77 -35.12 -20.24
C ARG C 360 -12.61 -34.91 -21.51
N SER C 361 -13.06 -35.96 -22.16
CA SER C 361 -13.90 -35.75 -23.38
C SER C 361 -15.25 -35.04 -23.14
N PRO C 362 -15.95 -35.37 -22.02
CA PRO C 362 -17.18 -34.68 -21.75
C PRO C 362 -16.95 -33.18 -21.54
N VAL C 363 -15.80 -32.80 -21.01
CA VAL C 363 -15.48 -31.38 -20.80
C VAL C 363 -15.20 -30.71 -22.10
N ALA C 364 -14.46 -31.38 -23.01
CA ALA C 364 -14.27 -30.85 -24.36
C ALA C 364 -15.58 -30.42 -25.05
N LYS C 365 -16.57 -31.30 -25.05
CA LYS C 365 -17.83 -31.03 -25.69
C LYS C 365 -18.59 -29.90 -24.96
N GLN C 366 -18.48 -29.93 -23.66
CA GLN C 366 -19.17 -28.97 -22.83
C GLN C 366 -18.71 -27.58 -23.11
N ILE C 367 -17.38 -27.35 -23.15
CA ILE C 367 -16.90 -25.97 -23.33
C ILE C 367 -17.12 -25.45 -24.74
N VAL C 368 -17.03 -26.34 -25.73
CA VAL C 368 -17.31 -25.93 -27.11
C VAL C 368 -18.76 -25.43 -27.24
N GLU C 369 -19.74 -26.19 -26.74
CA GLU C 369 -21.13 -25.82 -26.83
C GLU C 369 -21.44 -24.55 -26.00
N ARG C 370 -20.78 -24.41 -24.84
CA ARG C 370 -21.01 -23.26 -23.98
C ARG C 370 -20.47 -22.00 -24.61
N ALA C 371 -19.24 -22.02 -25.09
CA ALA C 371 -18.63 -20.82 -25.70
C ALA C 371 -19.49 -20.31 -26.93
N PHE C 372 -19.97 -21.26 -27.72
CA PHE C 372 -20.87 -20.97 -28.82
C PHE C 372 -22.21 -20.36 -28.36
N LYS C 373 -22.86 -21.00 -27.39
CA LYS C 373 -24.12 -20.47 -26.89
C LYS C 373 -24.01 -19.02 -26.36
N SER C 374 -22.92 -18.69 -25.68
CA SER C 374 -22.72 -17.32 -25.15
C SER C 374 -22.66 -16.22 -26.23
N LEU C 375 -22.24 -16.57 -27.45
CA LEU C 375 -22.33 -15.64 -28.58
C LEU C 375 -23.75 -15.22 -28.90
N SER C 376 -24.71 -16.10 -28.73
CA SER C 376 -26.07 -15.74 -28.95
C SER C 376 -26.63 -14.73 -27.93
N THR C 377 -25.88 -14.34 -26.90
CA THR C 377 -26.38 -13.33 -25.97
C THR C 377 -26.15 -11.86 -26.42
N PHE C 378 -25.35 -11.61 -27.44
CA PHE C 378 -25.09 -10.23 -27.90
C PHE C 378 -26.15 -9.57 -28.79
N PRO C 379 -26.68 -10.29 -29.79
CA PRO C 379 -27.73 -9.74 -30.65
C PRO C 379 -28.98 -9.17 -29.96
N PRO C 380 -29.49 -9.82 -28.89
CA PRO C 380 -30.59 -9.22 -28.12
C PRO C 380 -30.35 -7.81 -27.59
N VAL C 381 -29.10 -7.38 -27.50
CA VAL C 381 -28.79 -5.99 -27.15
C VAL C 381 -29.26 -5.04 -28.28
N PHE C 382 -28.90 -5.35 -29.52
CA PHE C 382 -29.36 -4.57 -30.69
C PHE C 382 -30.88 -4.59 -30.72
N GLU C 383 -31.49 -5.77 -30.57
CA GLU C 383 -32.97 -5.85 -30.55
C GLU C 383 -33.62 -4.98 -29.48
N ALA C 384 -33.02 -4.89 -28.30
CA ALA C 384 -33.61 -4.10 -27.22
C ALA C 384 -33.58 -2.61 -27.56
N LEU C 385 -32.58 -2.20 -28.31
CA LEU C 385 -32.50 -0.85 -28.82
C LEU C 385 -33.37 -0.59 -30.09
N SER C 386 -34.10 -1.62 -30.53
CA SER C 386 -34.89 -1.60 -31.77
C SER C 386 -34.03 -1.31 -33.00
N LEU C 387 -32.81 -1.83 -33.00
CA LEU C 387 -31.87 -1.68 -34.12
C LEU C 387 -31.74 -3.05 -34.82
N PRO C 391 -27.11 -2.26 -38.45
CA PRO C 391 -27.50 -0.92 -38.06
C PRO C 391 -26.65 0.17 -38.77
N THR C 392 -27.29 1.19 -39.33
CA THR C 392 -26.61 2.37 -39.90
C THR C 392 -26.13 3.33 -38.79
N GLU C 393 -25.16 4.22 -39.08
CA GLU C 393 -24.75 5.24 -38.09
C GLU C 393 -25.93 6.14 -37.70
N SER C 394 -26.81 6.42 -38.69
CA SER C 394 -28.03 7.21 -38.45
C SER C 394 -29.02 6.47 -37.55
N GLU C 395 -29.25 5.19 -37.85
CA GLU C 395 -30.11 4.34 -37.04
C GLU C 395 -29.64 4.22 -35.55
N MET C 396 -28.33 4.05 -35.33
CA MET C 396 -27.77 4.03 -33.96
C MET C 396 -27.95 5.38 -33.25
N ALA C 397 -27.70 6.48 -33.96
CA ALA C 397 -27.87 7.80 -33.36
C ALA C 397 -29.31 8.03 -32.86
N GLU C 398 -30.29 7.61 -33.65
CA GLU C 398 -31.70 7.66 -33.25
C GLU C 398 -32.00 6.78 -32.01
N ALA C 399 -31.45 5.56 -31.98
CA ALA C 399 -31.62 4.63 -30.83
C ALA C 399 -31.15 5.23 -29.51
N LEU C 400 -30.02 5.94 -29.52
CA LEU C 400 -29.53 6.68 -28.32
C LEU C 400 -30.42 7.81 -27.81
N VAL C 401 -30.99 8.58 -28.73
CA VAL C 401 -31.94 9.61 -28.33
C VAL C 401 -33.20 8.94 -27.79
N ARG C 402 -33.68 7.90 -28.45
CA ARG C 402 -34.88 7.18 -27.98
C ARG C 402 -34.68 6.48 -26.61
N LEU C 403 -33.45 6.09 -26.32
CA LEU C 403 -33.17 5.45 -25.06
C LEU C 403 -33.23 6.42 -23.87
N LYS C 404 -33.07 7.74 -24.12
CA LYS C 404 -33.33 8.78 -23.11
C LYS C 404 -34.71 9.41 -23.08
N ASP C 405 -35.61 8.88 -23.87
CA ASP C 405 -36.98 9.38 -24.03
C ASP C 405 -37.74 9.28 -22.72
N ALA C 406 -38.51 10.33 -22.40
CA ALA C 406 -39.33 10.27 -21.19
C ALA C 406 -40.60 9.44 -21.29
N SER C 407 -40.81 8.73 -22.39
CA SER C 407 -42.10 8.06 -22.60
C SER C 407 -42.09 6.69 -21.91
N GLU C 408 -43.27 6.07 -21.84
CA GLU C 408 -43.39 4.70 -21.41
C GLU C 408 -42.60 3.81 -22.40
N GLU C 409 -42.54 4.19 -23.68
CA GLU C 409 -41.80 3.40 -24.65
C GLU C 409 -40.31 3.42 -24.25
N GLY C 410 -39.78 4.59 -23.93
CA GLY C 410 -38.41 4.75 -23.45
C GLY C 410 -38.12 3.90 -22.20
N ALA C 411 -39.02 3.91 -21.25
CA ALA C 411 -38.87 3.08 -20.05
C ALA C 411 -38.80 1.59 -20.40
N LYS C 412 -39.63 1.14 -21.37
CA LYS C 412 -39.64 -0.28 -21.76
C LYS C 412 -38.31 -0.58 -22.41
N ARG C 413 -37.75 0.38 -23.16
CA ARG C 413 -36.49 0.14 -23.80
C ARG C 413 -35.36 0.07 -22.78
N ARG C 414 -35.37 0.95 -21.80
CA ARG C 414 -34.32 0.98 -20.81
C ARG C 414 -34.32 -0.36 -20.04
N ALA C 415 -35.50 -0.87 -19.71
CA ALA C 415 -35.60 -2.14 -19.00
C ALA C 415 -35.17 -3.31 -19.88
N ALA C 416 -35.52 -3.27 -21.16
CA ALA C 416 -35.15 -4.36 -22.06
C ALA C 416 -33.68 -4.39 -22.32
N LEU C 417 -33.09 -3.21 -22.43
CA LEU C 417 -31.67 -3.10 -22.62
C LEU C 417 -30.90 -3.73 -21.41
N ARG C 418 -31.35 -3.41 -20.20
CA ARG C 418 -30.71 -3.89 -18.97
C ARG C 418 -30.80 -5.40 -18.89
N LYS C 419 -31.94 -5.92 -19.28
CA LYS C 419 -32.11 -7.38 -19.28
C LYS C 419 -31.20 -8.07 -20.27
N ALA C 420 -31.06 -7.47 -21.44
CA ALA C 420 -30.17 -8.04 -22.45
C ALA C 420 -28.71 -7.95 -22.02
N MET C 421 -28.27 -6.80 -21.49
CA MET C 421 -26.90 -6.65 -21.00
C MET C 421 -26.58 -7.63 -19.85
N ASP C 422 -27.54 -7.82 -18.95
CA ASP C 422 -27.39 -8.77 -17.85
C ASP C 422 -27.23 -10.23 -18.36
N ALA C 423 -27.92 -10.65 -19.42
CA ALA C 423 -27.79 -12.02 -19.93
C ALA C 423 -26.46 -12.29 -20.66
N THR C 424 -25.64 -11.29 -20.92
CA THR C 424 -24.32 -11.51 -21.45
C THR C 424 -23.34 -11.97 -20.36
N ILE C 425 -23.69 -11.79 -19.09
CA ILE C 425 -22.73 -12.14 -18.01
C ILE C 425 -22.29 -13.63 -17.97
N ILE C 426 -23.11 -14.53 -18.52
CA ILE C 426 -22.75 -15.94 -18.64
C ILE C 426 -21.42 -16.13 -19.37
N GLY C 427 -21.09 -15.23 -20.29
CA GLY C 427 -19.84 -15.30 -21.06
C GLY C 427 -18.69 -14.48 -20.50
N LEU C 428 -18.91 -13.78 -19.38
CA LEU C 428 -17.99 -12.79 -18.88
C LEU C 428 -17.87 -12.87 -17.37
N GLY C 429 -17.94 -14.07 -16.81
CA GLY C 429 -17.71 -14.26 -15.37
C GLY C 429 -18.81 -14.93 -14.63
N GLY C 430 -19.97 -15.04 -15.25
CA GLY C 430 -21.11 -15.60 -14.61
C GLY C 430 -21.09 -17.13 -14.57
N GLY C 431 -20.34 -17.76 -15.45
CA GLY C 431 -20.37 -19.23 -15.59
C GLY C 431 -19.45 -19.97 -14.63
N HIS C 432 -19.62 -19.71 -13.33
CA HIS C 432 -18.75 -20.28 -12.27
C HIS C 432 -18.93 -21.78 -12.17
N GLY C 433 -20.16 -22.24 -12.38
CA GLY C 433 -20.47 -23.64 -12.42
C GLY C 433 -19.88 -24.40 -13.57
N VAL C 434 -19.93 -23.81 -14.73
CA VAL C 434 -19.18 -24.39 -15.84
C VAL C 434 -17.70 -24.57 -15.49
N GLU C 435 -17.11 -23.54 -14.88
CA GLU C 435 -15.66 -23.52 -14.63
C GLU C 435 -15.24 -24.61 -13.63
N LEU C 436 -16.08 -24.87 -12.66
CA LEU C 436 -15.70 -25.71 -11.50
C LEU C 436 -16.44 -27.02 -11.28
N ASN C 437 -17.59 -27.22 -11.90
CA ASN C 437 -18.44 -28.37 -11.56
C ASN C 437 -18.09 -29.62 -12.36
N GLN C 438 -16.82 -29.99 -12.40
CA GLN C 438 -16.42 -31.24 -13.04
C GLN C 438 -17.00 -32.42 -12.25
N ARG C 439 -17.52 -33.42 -12.96
CA ARG C 439 -18.14 -34.60 -12.36
C ARG C 439 -17.59 -35.80 -13.13
N TYR C 440 -16.59 -36.47 -12.62
CA TYR C 440 -15.93 -37.56 -13.32
C TYR C 440 -16.61 -38.90 -13.06
N VAL C 441 -16.75 -39.70 -14.10
CA VAL C 441 -17.22 -41.09 -14.00
C VAL C 441 -16.24 -41.94 -14.80
N SER C 442 -15.51 -42.84 -14.16
CA SER C 442 -14.45 -43.59 -14.84
C SER C 442 -13.99 -44.67 -13.91
N ARG C 443 -13.04 -45.49 -14.36
CA ARG C 443 -12.46 -46.48 -13.46
C ARG C 443 -11.41 -45.91 -12.51
N ALA C 444 -11.06 -44.63 -12.70
CA ALA C 444 -10.21 -44.00 -11.75
C ALA C 444 -10.98 -43.24 -10.68
N VAL C 445 -12.26 -43.51 -10.54
CA VAL C 445 -13.09 -43.00 -9.46
C VAL C 445 -13.92 -44.19 -8.93
N PHE C 446 -13.76 -44.52 -7.64
CA PHE C 446 -14.42 -45.63 -7.02
C PHE C 446 -15.71 -45.16 -6.31
N PRO C 447 -16.87 -45.51 -6.86
CA PRO C 447 -18.10 -45.01 -6.29
C PRO C 447 -18.35 -45.49 -4.87
N ASP C 448 -19.06 -44.72 -4.08
CA ASP C 448 -19.31 -45.08 -2.72
C ASP C 448 -20.73 -45.59 -2.54
N GLY C 449 -21.49 -45.76 -3.63
CA GLY C 449 -22.84 -46.36 -3.51
C GLY C 449 -23.92 -45.33 -3.32
N THR C 450 -23.54 -44.08 -3.24
CA THR C 450 -24.50 -43.01 -3.02
C THR C 450 -25.04 -42.57 -4.40
N PRO C 451 -26.34 -42.15 -4.49
CA PRO C 451 -26.85 -41.56 -5.69
C PRO C 451 -26.26 -40.14 -5.99
N ASP C 452 -26.22 -39.75 -7.26
CA ASP C 452 -25.76 -38.37 -7.67
C ASP C 452 -26.74 -37.39 -7.07
N PRO C 453 -26.27 -36.44 -6.21
CA PRO C 453 -27.21 -35.52 -5.58
C PRO C 453 -27.69 -34.38 -6.50
N GLY C 454 -27.16 -34.30 -7.73
CA GLY C 454 -27.46 -33.20 -8.63
C GLY C 454 -27.07 -31.84 -8.06
N PHE C 455 -27.77 -30.81 -8.49
CA PHE C 455 -27.42 -29.45 -8.20
C PHE C 455 -28.67 -28.71 -7.70
N VAL C 456 -28.55 -28.05 -6.55
CA VAL C 456 -29.62 -27.27 -5.97
C VAL C 456 -29.95 -26.06 -6.88
N ARG C 457 -28.94 -25.29 -7.27
CA ARG C 457 -29.11 -24.22 -8.24
C ARG C 457 -28.48 -24.53 -9.60
N ASP C 458 -28.73 -23.68 -10.57
CA ASP C 458 -28.29 -23.87 -11.96
C ASP C 458 -26.79 -24.22 -12.04
N GLN C 459 -26.46 -25.30 -12.73
CA GLN C 459 -25.11 -25.89 -12.64
C GLN C 459 -24.10 -25.19 -13.52
N GLU C 460 -24.58 -24.32 -14.40
CA GLU C 460 -23.74 -23.48 -15.20
C GLU C 460 -23.28 -22.21 -14.46
N PHE C 461 -24.21 -21.56 -13.78
CA PHE C 461 -23.96 -20.32 -13.07
C PHE C 461 -23.28 -20.56 -11.72
N PHE C 462 -23.65 -21.62 -11.04
CA PHE C 462 -23.26 -21.79 -9.65
C PHE C 462 -22.42 -23.05 -9.39
N TYR C 463 -21.27 -22.84 -8.72
CA TYR C 463 -20.48 -23.96 -8.21
C TYR C 463 -21.21 -24.65 -7.07
N GLN C 464 -21.20 -25.97 -7.04
CA GLN C 464 -21.72 -26.68 -5.88
C GLN C 464 -20.67 -27.63 -5.41
N ALA C 465 -20.23 -27.43 -4.18
CA ALA C 465 -19.22 -28.31 -3.61
C ALA C 465 -19.76 -29.70 -3.37
N SER C 466 -18.93 -30.71 -3.61
CA SER C 466 -19.31 -32.05 -3.29
C SER C 466 -18.05 -32.84 -2.85
N THR C 467 -18.23 -33.80 -1.93
CA THR C 467 -17.14 -34.71 -1.60
C THR C 467 -17.43 -36.14 -2.12
N ARG C 468 -18.47 -36.31 -2.92
CA ARG C 468 -18.77 -37.60 -3.55
C ARG C 468 -17.65 -37.94 -4.55
N PRO C 469 -17.26 -39.22 -4.65
CA PRO C 469 -16.19 -39.49 -5.58
C PRO C 469 -16.51 -39.00 -6.97
N GLY C 470 -15.50 -38.41 -7.62
CA GLY C 470 -15.68 -37.82 -8.96
C GLY C 470 -15.82 -36.33 -8.98
N ALA C 471 -16.05 -35.73 -7.81
CA ALA C 471 -15.99 -34.29 -7.67
C ALA C 471 -14.59 -33.84 -7.14
N HIS C 472 -14.27 -32.60 -7.43
CA HIS C 472 -13.02 -31.93 -6.94
C HIS C 472 -13.09 -31.76 -5.45
N LEU C 473 -11.98 -32.01 -4.76
CA LEU C 473 -11.93 -31.75 -3.32
C LEU C 473 -12.37 -30.30 -3.03
N PRO C 474 -13.33 -30.11 -2.14
CA PRO C 474 -13.67 -28.74 -1.77
C PRO C 474 -12.56 -28.01 -1.00
N HIS C 475 -12.46 -26.71 -1.26
CA HIS C 475 -11.61 -25.82 -0.50
C HIS C 475 -12.31 -25.32 0.80
N VAL C 476 -11.60 -25.43 1.93
CA VAL C 476 -11.90 -24.68 3.17
C VAL C 476 -10.57 -24.35 3.79
N TRP C 477 -10.57 -23.42 4.71
CA TRP C 477 -9.35 -23.05 5.46
C TRP C 477 -9.22 -23.90 6.72
N LEU C 478 -8.04 -24.44 6.90
CA LEU C 478 -7.56 -25.10 8.13
C LEU C 478 -6.40 -24.25 8.62
N THR C 479 -5.82 -24.59 9.77
CA THR C 479 -4.56 -23.98 10.11
C THR C 479 -3.44 -25.01 10.29
N GLU C 480 -2.20 -24.55 10.08
CA GLU C 480 -0.97 -25.29 10.36
C GLU C 480 -0.11 -24.25 11.12
N ASN C 481 0.20 -24.51 12.39
CA ASN C 481 0.91 -23.53 13.24
C ASN C 481 0.26 -22.17 13.23
N GLN C 482 -1.04 -22.19 13.36
CA GLN C 482 -1.87 -20.99 13.38
C GLN C 482 -1.87 -20.18 12.08
N ARG C 483 -1.15 -20.62 11.04
CA ARG C 483 -1.23 -20.02 9.70
C ARG C 483 -2.32 -20.71 8.87
N ARG C 484 -3.18 -19.94 8.20
CA ARG C 484 -4.20 -20.51 7.35
C ARG C 484 -3.59 -21.34 6.22
N ILE C 485 -4.19 -22.48 5.92
CA ILE C 485 -3.77 -23.34 4.82
C ILE C 485 -5.04 -23.96 4.23
N SER C 486 -5.12 -24.09 2.91
CA SER C 486 -6.29 -24.72 2.30
C SER C 486 -6.22 -26.24 2.39
N THR C 487 -7.37 -26.90 2.39
CA THR C 487 -7.44 -28.35 2.19
C THR C 487 -6.66 -28.77 0.95
N LEU C 488 -6.70 -27.98 -0.11
CA LEU C 488 -5.98 -28.32 -1.31
C LEU C 488 -4.44 -28.37 -1.09
N ASP C 489 -3.94 -27.52 -0.17
CA ASP C 489 -2.54 -27.49 0.12
C ASP C 489 -2.02 -28.75 0.86
N LEU C 490 -2.92 -29.54 1.45
CA LEU C 490 -2.58 -30.79 2.05
C LEU C 490 -2.34 -31.90 1.02
N CYS C 491 -2.82 -31.68 -0.21
CA CYS C 491 -2.96 -32.76 -1.21
C CYS C 491 -2.18 -32.39 -2.44
N GLY C 492 -2.31 -33.15 -3.54
CA GLY C 492 -1.52 -32.88 -4.75
C GLY C 492 -0.09 -33.36 -4.65
N LYS C 493 0.86 -32.54 -5.12
CA LYS C 493 2.29 -32.89 -5.16
C LYS C 493 2.56 -34.24 -5.78
N GLY C 494 1.83 -34.58 -6.81
CA GLY C 494 2.03 -35.85 -7.51
C GLY C 494 1.64 -37.13 -6.78
N ARG C 495 0.91 -37.06 -5.65
CA ARG C 495 0.62 -38.24 -4.89
C ARG C 495 -0.80 -38.27 -4.37
N PHE C 496 -1.24 -39.43 -3.91
CA PHE C 496 -2.55 -39.59 -3.25
C PHE C 496 -2.50 -39.11 -1.81
N THR C 497 -3.57 -38.51 -1.34
CA THR C 497 -3.67 -38.11 0.03
C THR C 497 -4.99 -38.62 0.63
N LEU C 498 -4.97 -39.04 1.90
CA LEU C 498 -6.16 -39.47 2.62
C LEU C 498 -6.39 -38.51 3.77
N LEU C 499 -7.56 -37.86 3.78
CA LEU C 499 -7.94 -36.93 4.86
C LEU C 499 -8.98 -37.51 5.80
N THR C 500 -8.75 -37.35 7.11
CA THR C 500 -9.67 -37.81 8.16
C THR C 500 -9.58 -36.92 9.40
N GLY C 501 -10.29 -37.29 10.45
CA GLY C 501 -10.25 -36.59 11.73
C GLY C 501 -9.80 -37.53 12.79
N LEU C 502 -9.84 -37.03 14.03
CA LEU C 502 -9.17 -37.73 15.13
C LEU C 502 -9.74 -39.09 15.39
N SER C 503 -11.06 -39.23 15.27
CA SER C 503 -11.70 -40.55 15.52
C SER C 503 -11.47 -41.50 14.35
N GLY C 504 -10.81 -40.99 13.30
CA GLY C 504 -10.38 -41.81 12.19
C GLY C 504 -8.89 -42.19 12.24
N ALA C 505 -8.28 -42.20 13.44
CA ALA C 505 -6.87 -42.61 13.58
C ALA C 505 -6.51 -43.96 12.96
N ALA C 506 -7.45 -44.91 12.89
CA ALA C 506 -7.13 -46.23 12.29
C ALA C 506 -6.78 -46.12 10.79
N TRP C 507 -7.16 -45.02 10.14
CA TRP C 507 -6.80 -44.85 8.75
C TRP C 507 -5.31 -44.81 8.52
N LYS C 508 -4.54 -44.34 9.49
CA LYS C 508 -3.07 -44.18 9.29
C LYS C 508 -2.41 -45.56 9.12
N HIS C 509 -2.78 -46.50 9.97
CA HIS C 509 -2.29 -47.89 9.85
C HIS C 509 -2.83 -48.64 8.60
N GLU C 510 -4.09 -48.45 8.29
CA GLU C 510 -4.62 -49.02 7.07
C GLU C 510 -3.90 -48.50 5.81
N ALA C 511 -3.72 -47.19 5.74
CA ALA C 511 -3.04 -46.60 4.56
C ALA C 511 -1.62 -47.11 4.44
N GLU C 512 -0.92 -47.24 5.57
CA GLU C 512 0.44 -47.80 5.56
C GLU C 512 0.53 -49.20 4.94
N GLN C 513 -0.40 -50.06 5.29
CA GLN C 513 -0.53 -51.41 4.74
C GLN C 513 -0.77 -51.45 3.24
N VAL C 514 -1.69 -50.61 2.76
CA VAL C 514 -1.97 -50.52 1.34
C VAL C 514 -0.77 -49.99 0.59
N SER C 515 -0.17 -48.96 1.15
CA SER C 515 0.98 -48.29 0.55
C SER C 515 2.19 -49.32 0.32
N GLN C 516 2.48 -50.05 1.38
CA GLN C 516 3.47 -51.07 1.42
C GLN C 516 3.12 -52.20 0.43
N SER C 517 1.91 -52.69 0.49
CA SER C 517 1.46 -53.72 -0.40
C SER C 517 1.48 -53.36 -1.90
N LEU C 518 1.11 -52.14 -2.28
CA LEU C 518 1.06 -51.76 -3.69
C LEU C 518 2.22 -50.98 -4.19
N GLY C 519 3.12 -50.61 -3.29
CA GLY C 519 4.29 -49.84 -3.70
C GLY C 519 3.96 -48.42 -4.17
N ILE C 520 3.10 -47.74 -3.45
CA ILE C 520 2.68 -46.40 -3.85
C ILE C 520 2.54 -45.55 -2.60
N GLU C 521 2.95 -44.30 -2.70
CA GLU C 521 2.80 -43.33 -1.59
C GLU C 521 1.31 -42.94 -1.33
N LEU C 522 0.91 -43.04 -0.07
CA LEU C 522 -0.41 -42.58 0.42
C LEU C 522 -0.18 -41.72 1.63
N LYS C 523 -0.28 -40.40 1.50
CA LYS C 523 -0.02 -39.49 2.61
C LYS C 523 -1.30 -39.39 3.37
N VAL C 524 -1.24 -39.54 4.68
CA VAL C 524 -2.43 -39.46 5.50
C VAL C 524 -2.37 -38.20 6.34
N CYS C 525 -3.49 -37.48 6.39
CA CYS C 525 -3.59 -36.25 7.21
C CYS C 525 -4.77 -36.43 8.17
N VAL C 526 -4.48 -36.44 9.48
CA VAL C 526 -5.45 -36.57 10.53
C VAL C 526 -5.64 -35.13 11.07
N ILE C 527 -6.77 -34.56 10.70
CA ILE C 527 -7.13 -33.16 10.97
C ILE C 527 -7.88 -33.05 12.29
N GLY C 528 -7.36 -32.22 13.21
CA GLY C 528 -7.97 -32.05 14.49
C GLY C 528 -7.17 -31.23 15.53
N PRO C 529 -7.72 -31.05 16.71
CA PRO C 529 -7.01 -30.26 17.75
C PRO C 529 -5.76 -30.99 18.24
N GLY C 530 -4.66 -30.24 18.31
CA GLY C 530 -3.41 -30.77 18.69
C GLY C 530 -2.63 -31.39 17.56
N GLN C 531 -3.16 -31.44 16.32
CA GLN C 531 -2.52 -32.14 15.23
C GLN C 531 -1.73 -31.19 14.37
N GLU C 532 -0.99 -31.69 13.41
CA GLU C 532 -0.27 -30.83 12.44
C GLU C 532 -1.23 -29.86 11.73
N PHE C 533 -2.39 -30.39 11.34
CA PHE C 533 -3.44 -29.59 10.68
C PHE C 533 -4.70 -29.57 11.55
N VAL C 534 -5.23 -28.38 11.75
CA VAL C 534 -6.29 -28.12 12.73
C VAL C 534 -7.50 -27.52 12.03
N ASP C 535 -8.71 -28.03 12.35
CA ASP C 535 -9.98 -27.49 11.85
C ASP C 535 -10.41 -26.29 12.66
N THR C 536 -9.56 -25.29 12.64
CA THR C 536 -9.66 -24.12 13.52
C THR C 536 -10.96 -23.33 13.37
N TYR C 537 -11.55 -23.33 12.17
CA TYR C 537 -12.79 -22.59 11.91
C TYR C 537 -14.00 -23.50 11.87
N GLY C 538 -13.79 -24.82 12.04
CA GLY C 538 -14.88 -25.76 11.90
C GLY C 538 -15.37 -26.03 10.48
N GLU C 539 -14.68 -25.49 9.49
CA GLU C 539 -15.15 -25.53 8.12
C GLU C 539 -15.00 -26.90 7.54
N TYR C 540 -13.99 -27.66 7.95
CA TYR C 540 -13.83 -29.03 7.41
C TYR C 540 -15.02 -29.95 7.83
N ALA C 541 -15.35 -29.96 9.11
CA ALA C 541 -16.53 -30.73 9.58
C ALA C 541 -17.78 -30.30 8.80
N LYS C 542 -17.89 -29.03 8.46
CA LYS C 542 -19.10 -28.56 7.83
C LYS C 542 -19.17 -28.98 6.36
N ILE C 543 -18.06 -29.10 5.67
CA ILE C 543 -18.04 -29.36 4.25
C ILE C 543 -17.89 -30.85 3.91
N SER C 544 -17.42 -31.68 4.86
CA SER C 544 -16.91 -33.00 4.44
C SER C 544 -18.02 -33.98 4.07
N GLU C 545 -19.22 -33.76 4.58
CA GLU C 545 -20.44 -34.61 4.33
C GLU C 545 -20.39 -36.00 4.97
N ILE C 546 -19.40 -36.25 5.81
CA ILE C 546 -19.26 -37.52 6.49
C ILE C 546 -18.91 -37.25 7.95
N GLY C 547 -19.02 -38.28 8.80
CA GLY C 547 -18.64 -38.16 10.19
C GLY C 547 -17.11 -38.01 10.27
N GLU C 548 -16.67 -37.70 11.48
CA GLU C 548 -15.34 -37.37 11.74
C GLU C 548 -14.42 -38.52 11.45
N SER C 549 -14.90 -39.75 11.57
CA SER C 549 -14.02 -40.90 11.38
C SER C 549 -14.02 -41.37 9.93
N GLY C 550 -14.80 -40.75 9.10
CA GLY C 550 -14.75 -41.06 7.67
C GLY C 550 -13.46 -40.55 7.02
N ALA C 551 -13.25 -40.92 5.75
CA ALA C 551 -12.05 -40.55 5.01
C ALA C 551 -12.35 -40.23 3.56
N LEU C 552 -11.63 -39.23 3.03
CA LEU C 552 -11.59 -38.88 1.61
C LEU C 552 -10.21 -39.17 1.05
N LEU C 553 -10.16 -39.97 -0.01
CA LEU C 553 -8.95 -40.23 -0.75
C LEU C 553 -8.92 -39.34 -1.93
N VAL C 554 -7.87 -38.55 -2.01
CA VAL C 554 -7.72 -37.46 -2.99
C VAL C 554 -6.60 -37.78 -3.97
N ARG C 555 -6.91 -37.81 -5.25
CA ARG C 555 -5.94 -38.09 -6.32
C ARG C 555 -4.93 -36.92 -6.48
N PRO C 556 -3.80 -37.12 -7.19
CA PRO C 556 -2.85 -36.05 -7.43
C PRO C 556 -3.42 -34.85 -8.13
N ASP C 557 -4.55 -35.03 -8.88
CA ASP C 557 -5.16 -33.91 -9.57
C ASP C 557 -6.26 -33.29 -8.77
N MET C 558 -6.35 -33.67 -7.51
CA MET C 558 -7.21 -33.06 -6.55
C MET C 558 -8.69 -33.54 -6.65
N PHE C 559 -8.99 -34.57 -7.45
CA PHE C 559 -10.31 -35.18 -7.47
C PHE C 559 -10.45 -36.27 -6.43
N ILE C 560 -11.59 -36.34 -5.80
CA ILE C 560 -11.91 -37.39 -4.80
C ILE C 560 -12.18 -38.72 -5.54
N ALA C 561 -11.42 -39.74 -5.17
CA ALA C 561 -11.50 -41.06 -5.78
C ALA C 561 -12.21 -42.09 -4.90
N PHE C 562 -12.40 -41.79 -3.64
CA PHE C 562 -12.95 -42.77 -2.66
C PHE C 562 -13.38 -42.01 -1.43
N ARG C 563 -14.53 -42.38 -0.90
CA ARG C 563 -15.07 -41.81 0.29
C ARG C 563 -15.61 -42.90 1.18
N ALA C 564 -15.24 -42.87 2.41
CA ALA C 564 -15.70 -43.84 3.41
C ALA C 564 -16.43 -43.08 4.48
N LYS C 565 -17.59 -43.58 4.87
CA LYS C 565 -18.45 -42.94 5.91
C LYS C 565 -17.88 -43.00 7.32
N ASP C 566 -17.07 -44.01 7.64
CA ASP C 566 -16.59 -44.19 9.01
C ASP C 566 -15.39 -45.09 9.01
N ALA C 567 -14.82 -45.35 10.17
CA ALA C 567 -13.60 -46.16 10.27
C ALA C 567 -13.90 -47.54 10.88
N SER C 568 -15.07 -48.10 10.59
CA SER C 568 -15.40 -49.47 10.97
C SER C 568 -14.50 -50.41 10.18
N ARG C 569 -14.41 -51.65 10.62
CA ARG C 569 -13.60 -52.67 9.92
C ARG C 569 -14.07 -52.84 8.44
N GLU C 570 -15.36 -52.84 8.17
CA GLU C 570 -15.83 -52.94 6.78
C GLU C 570 -15.36 -51.70 5.96
N GLY C 571 -15.48 -50.50 6.54
CA GLY C 571 -15.02 -49.28 5.91
C GLY C 571 -13.52 -49.29 5.63
N LEU C 572 -12.71 -49.63 6.63
CA LEU C 572 -11.26 -49.73 6.46
C LEU C 572 -10.82 -50.75 5.41
N GLU C 573 -11.44 -51.94 5.39
CA GLU C 573 -11.12 -52.97 4.36
C GLU C 573 -11.40 -52.49 2.92
N GLN C 574 -12.29 -51.52 2.74
CA GLN C 574 -12.56 -51.09 1.37
C GLN C 574 -11.42 -50.24 0.71
N LEU C 575 -10.54 -49.67 1.54
CA LEU C 575 -9.49 -48.82 0.99
C LEU C 575 -8.64 -49.58 0.00
N ASN C 576 -8.23 -50.77 0.38
CA ASN C 576 -7.33 -51.53 -0.47
C ASN C 576 -8.03 -51.91 -1.77
N VAL C 577 -9.30 -52.24 -1.71
CA VAL C 577 -10.01 -52.57 -2.95
C VAL C 577 -10.20 -51.34 -3.85
N ALA C 578 -10.55 -50.20 -3.27
CA ALA C 578 -10.64 -48.97 -4.06
C ALA C 578 -9.31 -48.60 -4.77
N VAL C 579 -8.22 -48.59 -4.03
CA VAL C 579 -6.93 -48.20 -4.61
C VAL C 579 -6.45 -49.18 -5.70
N LYS C 580 -6.64 -50.47 -5.49
CA LYS C 580 -6.33 -51.43 -6.56
C LYS C 580 -7.15 -51.15 -7.78
N SER C 581 -8.43 -50.88 -7.60
CA SER C 581 -9.37 -50.61 -8.72
C SER C 581 -8.99 -49.37 -9.51
N ILE C 582 -8.67 -48.32 -8.78
CA ILE C 582 -8.20 -47.07 -9.39
C ILE C 582 -6.92 -47.24 -10.20
N LEU C 583 -5.98 -47.99 -9.68
CA LEU C 583 -4.74 -48.31 -10.39
C LEU C 583 -4.83 -49.39 -11.50
N GLY C 584 -6.01 -49.96 -11.71
CA GLY C 584 -6.20 -51.09 -12.65
C GLY C 584 -5.49 -52.38 -12.24
N ARG C 585 -5.29 -52.65 -10.92
CA ARG C 585 -4.53 -53.81 -10.38
C ARG C 585 -5.32 -54.82 -9.49
N ALA D 5 -12.41 31.34 41.39
CA ALA D 5 -11.54 30.19 40.96
C ALA D 5 -10.07 30.38 41.25
N GLU D 6 -9.36 29.28 41.47
CA GLU D 6 -7.94 29.29 41.80
C GLU D 6 -7.25 28.21 40.94
N THR D 7 -6.08 28.51 40.41
CA THR D 7 -5.32 27.51 39.65
C THR D 7 -3.84 27.87 39.79
N ASP D 8 -2.93 27.00 39.36
CA ASP D 8 -1.51 27.32 39.34
C ASP D 8 -1.18 28.28 38.19
N VAL D 9 -1.66 27.97 36.98
CA VAL D 9 -1.38 28.79 35.80
C VAL D 9 -2.64 29.09 35.01
N LEU D 10 -2.83 30.35 34.65
CA LEU D 10 -3.90 30.74 33.82
C LEU D 10 -3.36 30.97 32.45
N ILE D 11 -3.98 30.34 31.43
CA ILE D 11 -3.45 30.39 30.08
C ILE D 11 -4.44 31.10 29.26
N VAL D 12 -4.07 32.27 28.77
CA VAL D 12 -5.00 33.04 28.02
C VAL D 12 -4.75 32.73 26.56
N GLY D 13 -5.66 31.98 25.96
CA GLY D 13 -5.61 31.65 24.56
C GLY D 13 -5.47 30.16 24.37
N ALA D 14 -6.16 29.64 23.35
CA ALA D 14 -6.16 28.21 23.09
C ALA D 14 -5.80 27.89 21.63
N GLY D 15 -4.99 28.74 21.05
CA GLY D 15 -4.28 28.34 19.83
C GLY D 15 -3.18 27.38 20.13
N PRO D 16 -2.29 27.18 19.15
CA PRO D 16 -1.17 26.26 19.29
C PRO D 16 -0.34 26.48 20.55
N ALA D 17 0.01 27.72 20.85
CA ALA D 17 0.87 28.01 22.01
C ALA D 17 0.18 27.68 23.31
N GLY D 18 -1.04 28.19 23.48
CA GLY D 18 -1.76 27.95 24.71
C GLY D 18 -2.18 26.51 24.91
N ALA D 19 -2.66 25.87 23.86
CA ALA D 19 -3.08 24.50 23.98
C ALA D 19 -1.93 23.55 24.26
N MET D 20 -0.78 23.81 23.64
CA MET D 20 0.42 23.05 23.96
C MET D 20 0.92 23.28 25.40
N SER D 21 0.87 24.51 25.88
CA SER D 21 1.21 24.80 27.28
C SER D 21 0.28 24.04 28.21
N ALA D 22 -1.01 24.07 27.95
CA ALA D 22 -1.97 23.32 28.81
C ALA D 22 -1.73 21.83 28.82
N THR D 23 -1.45 21.26 27.65
CA THR D 23 -1.16 19.81 27.56
C THR D 23 0.08 19.46 28.37
N LEU D 24 1.13 20.25 28.19
CA LEU D 24 2.41 19.94 28.83
C LEU D 24 2.25 20.13 30.35
N LEU D 25 1.69 21.24 30.77
CA LEU D 25 1.53 21.48 32.19
C LEU D 25 0.65 20.37 32.87
N ALA D 26 -0.44 19.99 32.24
CA ALA D 26 -1.23 18.87 32.72
C ALA D 26 -0.43 17.57 32.80
N SER D 27 0.37 17.27 31.78
CA SER D 27 1.19 16.06 31.81
C SER D 27 2.23 16.11 32.96
N LEU D 28 2.66 17.29 33.34
CA LEU D 28 3.65 17.45 34.42
C LEU D 28 3.00 17.53 35.81
N GLY D 29 1.68 17.39 35.91
CA GLY D 29 0.99 17.46 37.21
C GLY D 29 0.70 18.89 37.68
N ILE D 30 0.61 19.85 36.76
CA ILE D 30 0.32 21.20 37.15
C ILE D 30 -1.13 21.55 36.79
N ARG D 31 -1.84 22.26 37.68
CA ARG D 31 -3.19 22.69 37.48
C ARG D 31 -3.23 23.91 36.63
N SER D 32 -4.04 23.91 35.59
CA SER D 32 -4.12 25.06 34.70
C SER D 32 -5.53 25.27 34.23
N LEU D 33 -5.84 26.51 33.94
CA LEU D 33 -7.11 26.89 33.34
C LEU D 33 -6.79 27.58 32.04
N MET D 34 -7.23 26.99 30.92
CA MET D 34 -6.97 27.59 29.63
C MET D 34 -8.25 28.14 29.10
N ILE D 35 -8.25 29.41 28.66
CA ILE D 35 -9.46 30.05 28.20
C ILE D 35 -9.31 30.51 26.80
N ASN D 36 -10.46 30.62 26.13
CA ASN D 36 -10.54 31.16 24.76
C ASN D 36 -11.84 31.98 24.65
N ARG D 37 -11.75 33.15 24.05
CA ARG D 37 -12.87 34.09 23.83
C ARG D 37 -13.96 33.46 22.96
N TRP D 38 -13.58 32.67 21.96
CA TRP D 38 -14.53 32.23 20.91
C TRP D 38 -15.12 30.88 21.27
N ARG D 39 -16.11 30.49 20.48
CA ARG D 39 -16.91 29.30 20.69
C ARG D 39 -16.13 28.04 20.32
N SER D 40 -15.23 28.14 19.34
CA SER D 40 -14.57 26.97 18.76
C SER D 40 -13.09 27.18 18.59
N THR D 41 -12.44 26.11 18.16
CA THR D 41 -11.08 26.21 17.63
C THR D 41 -11.12 26.94 16.28
N SER D 42 -9.95 27.32 15.81
CA SER D 42 -9.85 28.22 14.67
C SER D 42 -10.45 27.52 13.45
N PRO D 43 -11.37 28.18 12.73
CA PRO D 43 -11.98 27.54 11.57
C PRO D 43 -11.24 27.69 10.24
N GLY D 44 -10.39 28.67 10.10
CA GLY D 44 -9.99 29.09 8.76
C GLY D 44 -8.91 28.22 8.15
N PRO D 45 -8.67 28.40 6.83
CA PRO D 45 -7.35 27.99 6.37
C PRO D 45 -6.39 29.01 7.01
N ARG D 46 -5.40 28.50 7.75
CA ARG D 46 -4.34 29.30 8.27
C ARG D 46 -3.12 28.40 8.07
N SER D 47 -2.41 28.07 9.15
CA SER D 47 -1.22 27.29 9.01
C SER D 47 -1.47 25.88 8.42
N HIS D 48 -0.45 25.37 7.76
CA HIS D 48 -0.49 24.01 7.38
C HIS D 48 0.88 23.33 7.33
N ILE D 49 2.00 24.05 7.34
CA ILE D 49 3.32 23.46 7.32
C ILE D 49 3.79 23.20 8.74
N ILE D 50 3.92 21.92 9.12
CA ILE D 50 4.41 21.53 10.46
C ILE D 50 5.82 21.02 10.29
N ASN D 51 6.79 21.61 11.02
CA ASN D 51 8.19 21.27 10.85
C ASN D 51 8.63 20.19 11.86
N GLN D 52 9.86 19.77 11.74
CA GLN D 52 10.36 18.63 12.49
C GLN D 52 10.39 18.86 14.00
N ARG D 53 10.68 20.09 14.43
CA ARG D 53 10.70 20.36 15.87
C ARG D 53 9.32 20.18 16.46
N THR D 54 8.29 20.65 15.77
CA THR D 54 6.94 20.47 16.26
C THR D 54 6.55 18.98 16.28
N MET D 55 6.87 18.27 15.20
CA MET D 55 6.58 16.85 15.15
C MET D 55 7.35 16.06 16.27
N GLU D 56 8.57 16.48 16.59
CA GLU D 56 9.30 15.90 17.73
C GLU D 56 8.62 16.12 19.05
N ILE D 57 8.05 17.27 19.25
CA ILE D 57 7.29 17.57 20.45
C ILE D 57 6.06 16.66 20.56
N LEU D 58 5.30 16.57 19.48
CA LEU D 58 4.17 15.68 19.43
C LEU D 58 4.63 14.27 19.68
N ARG D 59 5.79 13.89 19.15
CA ARG D 59 6.29 12.53 19.40
C ARG D 59 6.53 12.30 20.89
N ASP D 60 7.11 13.29 21.55
CA ASP D 60 7.48 13.16 22.98
C ASP D 60 6.24 12.97 23.83
N ILE D 61 5.17 13.64 23.50
CA ILE D 61 3.97 13.51 24.24
C ILE D 61 2.97 12.48 23.69
N GLY D 62 3.28 11.77 22.61
CA GLY D 62 2.46 10.62 22.20
C GLY D 62 1.37 10.98 21.22
N LEU D 63 1.46 12.16 20.58
CA LEU D 63 0.51 12.55 19.54
C LEU D 63 1.05 12.53 18.10
N GLU D 64 2.28 12.09 17.86
CA GLU D 64 2.85 12.16 16.51
C GLU D 64 2.06 11.24 15.52
N GLU D 65 1.69 10.03 15.97
CA GLU D 65 0.95 9.11 15.09
C GLU D 65 -0.44 9.65 14.77
N SER D 66 -1.13 10.29 15.72
CA SER D 66 -2.42 10.91 15.42
C SER D 66 -2.26 12.05 14.44
N ALA D 67 -1.23 12.88 14.63
CA ALA D 67 -0.97 13.98 13.69
C ALA D 67 -0.77 13.46 12.24
N LYS D 68 0.03 12.42 12.10
CA LYS D 68 0.32 11.83 10.82
C LYS D 68 -0.91 11.29 10.14
N SER D 69 -1.79 10.64 10.88
CA SER D 69 -3.04 10.14 10.28
C SER D 69 -3.94 11.26 9.73
N LEU D 70 -3.91 12.44 10.34
CA LEU D 70 -4.65 13.61 9.83
C LEU D 70 -3.95 14.37 8.69
N ALA D 71 -2.64 14.18 8.53
CA ALA D 71 -1.82 15.02 7.68
C ALA D 71 -1.58 14.41 6.31
N VAL D 72 -1.02 15.23 5.42
CA VAL D 72 -0.45 14.77 4.15
C VAL D 72 1.09 14.65 4.30
N PRO D 73 1.64 13.47 3.98
CA PRO D 73 3.07 13.36 4.17
C PRO D 73 3.85 14.20 3.18
N LYS D 74 5.10 14.35 3.53
CA LYS D 74 6.07 15.17 2.79
C LYS D 74 6.22 14.86 1.26
N GLU D 75 6.15 13.58 0.87
CA GLU D 75 6.19 13.20 -0.56
C GLU D 75 5.14 13.90 -1.44
N TYR D 76 4.07 14.46 -0.85
CA TYR D 76 3.05 15.19 -1.61
C TYR D 76 3.11 16.71 -1.45
N MET D 77 4.24 17.23 -0.97
CA MET D 77 4.38 18.69 -0.73
C MET D 77 5.39 19.39 -1.69
N GLY D 78 6.18 18.62 -2.43
CA GLY D 78 7.34 19.15 -3.17
C GLY D 78 7.15 19.99 -4.43
N GLU D 79 6.01 19.84 -5.13
CA GLU D 79 5.91 20.42 -6.47
C GLU D 79 5.42 21.87 -6.44
N HIS D 80 6.31 22.84 -6.29
CA HIS D 80 5.89 24.23 -6.42
C HIS D 80 6.05 24.71 -7.87
N VAL D 81 4.99 25.31 -8.40
CA VAL D 81 4.88 25.70 -9.80
C VAL D 81 4.80 27.19 -9.94
N TYR D 82 5.62 27.78 -10.79
CA TYR D 82 5.60 29.24 -11.04
C TYR D 82 4.99 29.45 -12.41
N ALA D 83 3.96 30.28 -12.47
CA ALA D 83 3.17 30.43 -13.70
C ALA D 83 2.46 31.76 -13.76
N THR D 84 1.84 32.05 -14.90
CA THR D 84 1.10 33.27 -15.09
C THR D 84 -0.30 33.04 -14.56
N SER D 85 -0.80 31.84 -14.72
CA SER D 85 -2.09 31.45 -14.21
C SER D 85 -2.12 29.94 -14.37
N LEU D 86 -3.12 29.29 -13.80
CA LEU D 86 -3.21 27.83 -13.83
C LEU D 86 -3.28 27.24 -15.25
N ALA D 87 -3.97 27.93 -16.15
CA ALA D 87 -4.13 27.48 -17.53
C ALA D 87 -3.07 28.09 -18.44
N GLY D 88 -2.40 29.16 -18.00
CA GLY D 88 -1.34 29.78 -18.79
C GLY D 88 -0.04 28.99 -18.90
N GLU D 89 1.05 29.69 -19.22
CA GLU D 89 2.34 29.06 -19.43
C GLU D 89 3.02 28.92 -18.08
N GLU D 90 3.71 27.79 -17.92
CA GLU D 90 4.49 27.51 -16.72
C GLU D 90 5.92 28.06 -16.90
N PHE D 91 6.37 28.90 -15.98
CA PHE D 91 7.76 29.37 -16.02
C PHE D 91 8.75 28.22 -15.64
N GLY D 92 8.36 27.37 -14.70
CA GLY D 92 9.19 26.30 -14.16
C GLY D 92 8.75 25.91 -12.74
N ARG D 93 9.44 24.95 -12.18
CA ARG D 93 9.11 24.38 -10.87
C ARG D 93 10.34 24.33 -10.04
N ILE D 94 10.10 24.18 -8.74
CA ILE D 94 11.12 24.26 -7.71
C ILE D 94 10.77 23.13 -6.70
N PRO D 95 11.78 22.42 -6.17
CA PRO D 95 11.53 21.35 -5.20
C PRO D 95 11.36 21.97 -3.81
N ALA D 96 10.13 22.24 -3.45
CA ALA D 96 9.80 22.84 -2.12
C ALA D 96 9.78 21.77 -1.00
N TRP D 97 9.82 22.26 0.22
CA TRP D 97 9.71 21.38 1.43
C TRP D 97 10.69 20.18 1.36
N ALA D 98 11.92 20.49 1.00
CA ALA D 98 13.06 19.54 1.08
C ALA D 98 12.80 18.27 0.27
N SER D 99 12.17 18.44 -0.90
CA SER D 99 11.81 17.29 -1.77
C SER D 99 12.97 16.90 -2.72
N HIS D 100 13.93 17.76 -2.97
CA HIS D 100 15.11 17.40 -3.73
C HIS D 100 15.86 16.30 -2.97
N PRO D 101 16.43 15.28 -3.68
CA PRO D 101 16.98 14.15 -2.93
C PRO D 101 18.05 14.52 -1.88
N GLN D 102 18.90 15.50 -2.17
CA GLN D 102 19.91 15.93 -1.17
C GLN D 102 19.30 16.62 0.03
N ALA D 103 18.34 17.49 -0.22
CA ALA D 103 17.61 18.20 0.84
C ALA D 103 16.82 17.19 1.68
N HIS D 104 16.29 16.17 1.03
CA HIS D 104 15.59 15.13 1.74
C HIS D 104 16.50 14.30 2.68
N ALA D 105 17.69 13.99 2.21
CA ALA D 105 18.66 13.29 3.03
C ALA D 105 19.02 14.11 4.30
N GLU D 106 19.27 15.41 4.12
CA GLU D 106 19.64 16.32 5.18
C GLU D 106 18.48 16.36 6.18
N HIS D 107 17.30 16.28 5.67
CA HIS D 107 16.10 16.28 6.47
C HIS D 107 15.93 14.99 7.35
N GLU D 108 16.12 13.83 6.72
CA GLU D 108 16.07 12.57 7.41
C GLU D 108 17.16 12.46 8.48
N LEU D 109 18.37 12.94 8.20
CA LEU D 109 19.46 12.80 9.11
C LEU D 109 19.26 13.65 10.40
N ALA D 110 18.47 14.72 10.31
CA ALA D 110 18.35 15.68 11.35
C ALA D 110 17.40 15.28 12.50
N SER D 111 16.42 14.41 12.23
CA SER D 111 15.33 14.16 13.14
C SER D 111 14.68 12.82 12.82
N PRO D 112 14.05 12.17 13.81
CA PRO D 112 13.19 11.05 13.48
C PRO D 112 11.89 11.48 12.80
N SER D 113 11.53 12.75 12.89
CA SER D 113 10.31 13.30 12.37
C SER D 113 10.50 13.98 11.04
N ARG D 114 9.37 14.28 10.38
CA ARG D 114 9.33 14.82 9.01
C ARG D 114 8.31 15.94 8.88
N TYR D 115 8.55 16.84 7.93
CA TYR D 115 7.57 17.80 7.52
C TYR D 115 6.25 17.06 7.31
N CYS D 116 5.15 17.71 7.61
CA CYS D 116 3.90 17.29 7.05
C CYS D 116 2.93 18.43 6.87
N ASP D 117 1.90 18.19 6.07
CA ASP D 117 0.93 19.22 5.78
C ASP D 117 -0.32 18.92 6.57
N LEU D 118 -0.57 19.68 7.61
CA LEU D 118 -1.64 19.40 8.54
C LEU D 118 -2.31 20.72 8.86
N PRO D 119 -3.49 20.95 8.29
CA PRO D 119 -4.15 22.22 8.54
C PRO D 119 -4.35 22.53 10.01
N GLN D 120 -4.17 23.79 10.36
CA GLN D 120 -4.35 24.24 11.76
C GLN D 120 -5.78 23.88 12.25
N LEU D 121 -6.74 23.89 11.33
CA LEU D 121 -8.13 23.42 11.57
C LEU D 121 -8.20 22.07 12.28
N TYR D 122 -7.33 21.13 11.96
CA TYR D 122 -7.24 19.85 12.69
C TYR D 122 -6.22 19.83 13.82
N PHE D 123 -5.14 20.57 13.69
CA PHE D 123 -4.11 20.57 14.70
C PHE D 123 -4.69 21.04 16.03
N GLU D 124 -5.44 22.14 16.02
CA GLU D 124 -5.94 22.75 17.29
C GLU D 124 -6.85 21.84 18.11
N PRO D 125 -7.91 21.27 17.52
CA PRO D 125 -8.72 20.36 18.35
C PRO D 125 -7.98 19.15 18.87
N MET D 126 -7.04 18.59 18.10
CA MET D 126 -6.34 17.46 18.58
C MET D 126 -5.60 17.83 19.90
N VAL D 127 -4.93 18.98 19.96
CA VAL D 127 -4.15 19.36 21.15
C VAL D 127 -5.05 19.85 22.27
N VAL D 128 -6.10 20.60 21.94
CA VAL D 128 -7.05 21.02 22.96
C VAL D 128 -7.74 19.83 23.64
N SER D 129 -8.16 18.77 22.92
CA SER D 129 -8.74 17.60 23.60
C SER D 129 -7.77 16.84 24.47
N GLU D 130 -6.55 16.71 24.01
CA GLU D 130 -5.49 16.12 24.81
C GLU D 130 -5.22 16.88 26.13
N ALA D 131 -5.21 18.19 26.07
CA ALA D 131 -5.03 19.01 27.29
C ALA D 131 -6.11 18.67 28.34
N ALA D 132 -7.37 18.66 27.92
CA ALA D 132 -8.48 18.31 28.84
C ALA D 132 -8.37 16.89 29.34
N LEU D 133 -8.08 15.95 28.44
CA LEU D 133 -7.90 14.58 28.88
C LEU D 133 -6.80 14.39 29.93
N ARG D 134 -5.75 15.17 29.82
CA ARG D 134 -4.61 14.99 30.72
C ARG D 134 -4.73 15.80 32.00
N GLY D 135 -5.71 16.68 32.08
CA GLY D 135 -6.02 17.29 33.40
C GLY D 135 -6.19 18.79 33.40
N ALA D 136 -5.99 19.46 32.26
CA ALA D 136 -6.22 20.91 32.19
C ALA D 136 -7.71 21.24 32.21
N ASP D 137 -8.11 22.28 32.91
CA ASP D 137 -9.46 22.83 32.77
C ASP D 137 -9.51 23.71 31.56
N VAL D 138 -10.50 23.52 30.68
CA VAL D 138 -10.52 24.23 29.43
C VAL D 138 -11.86 24.88 29.33
N ARG D 139 -11.87 26.18 29.02
CA ARG D 139 -13.10 26.93 29.08
C ARG D 139 -13.14 27.95 27.95
N PHE D 140 -14.01 27.71 26.99
CA PHE D 140 -14.17 28.57 25.84
C PHE D 140 -15.31 29.57 26.14
N LEU D 141 -15.57 30.47 25.21
CA LEU D 141 -16.50 31.58 25.40
C LEU D 141 -16.24 32.38 26.66
N THR D 142 -14.96 32.53 27.00
CA THR D 142 -14.47 33.19 28.21
C THR D 142 -13.31 34.11 27.81
N GLU D 143 -13.44 35.38 28.16
CA GLU D 143 -12.52 36.41 27.77
C GLU D 143 -11.75 37.01 28.97
N TYR D 144 -10.44 37.15 28.77
CA TYR D 144 -9.58 37.83 29.71
C TYR D 144 -9.76 39.32 29.50
N LEU D 145 -10.08 40.03 30.58
CA LEU D 145 -10.23 41.51 30.60
C LEU D 145 -9.05 42.28 31.22
N GLY D 146 -8.31 41.67 32.14
CA GLY D 146 -7.16 42.34 32.72
C GLY D 146 -6.75 41.57 33.94
N HIS D 147 -5.64 41.97 34.57
CA HIS D 147 -5.22 41.36 35.81
C HIS D 147 -4.44 42.36 36.66
N VAL D 148 -4.24 42.02 37.92
CA VAL D 148 -3.32 42.74 38.80
C VAL D 148 -2.41 41.71 39.39
N GLU D 149 -1.18 42.10 39.57
CA GLU D 149 -0.15 41.23 40.10
C GLU D 149 0.32 41.72 41.45
N ASP D 150 0.63 40.79 42.36
CA ASP D 150 1.25 41.10 43.64
C ASP D 150 2.39 40.14 43.84
N GLN D 151 2.99 40.13 45.01
CA GLN D 151 4.24 39.39 45.14
C GLN D 151 4.04 37.86 45.26
N ASP D 152 2.82 37.43 45.59
CA ASP D 152 2.51 36.00 45.71
C ASP D 152 1.72 35.41 44.52
N GLY D 153 1.33 36.22 43.54
CA GLY D 153 0.42 35.77 42.50
C GLY D 153 -0.22 36.82 41.67
N VAL D 154 -1.22 36.41 40.93
CA VAL D 154 -1.90 37.25 39.96
C VAL D 154 -3.38 36.99 40.08
N THR D 155 -4.18 38.03 39.88
CA THR D 155 -5.64 37.96 39.96
C THR D 155 -6.17 38.55 38.66
N ALA D 156 -6.88 37.73 37.87
CA ALA D 156 -7.40 38.16 36.57
C ALA D 156 -8.90 38.26 36.57
N ARG D 157 -9.44 39.17 35.78
CA ARG D 157 -10.88 39.31 35.60
C ARG D 157 -11.29 38.72 34.24
N LEU D 158 -12.27 37.83 34.27
CA LEU D 158 -12.77 37.15 33.06
C LEU D 158 -14.24 37.48 32.87
N LEU D 159 -14.65 37.55 31.61
CA LEU D 159 -16.02 37.72 31.20
C LEU D 159 -16.49 36.44 30.56
N ASP D 160 -17.54 35.86 31.12
CA ASP D 160 -18.16 34.62 30.56
C ASP D 160 -19.27 35.00 29.56
N HIS D 161 -19.05 34.67 28.29
CA HIS D 161 -19.99 35.00 27.25
C HIS D 161 -21.20 34.04 27.15
N VAL D 162 -21.28 32.98 27.94
CA VAL D 162 -22.49 32.17 28.00
C VAL D 162 -23.43 32.77 29.04
N SER D 163 -22.95 32.91 30.27
CA SER D 163 -23.73 33.45 31.39
C SER D 163 -23.76 34.99 31.49
N GLY D 164 -22.85 35.68 30.83
CA GLY D 164 -22.69 37.13 30.95
C GLY D 164 -21.99 37.57 32.24
N ALA D 165 -21.71 36.63 33.12
CA ALA D 165 -21.05 36.90 34.38
C ALA D 165 -19.57 37.22 34.23
N GLU D 166 -19.10 38.09 35.12
CA GLU D 166 -17.68 38.33 35.30
C GLU D 166 -17.28 37.60 36.56
N TYR D 167 -16.08 37.04 36.60
CA TYR D 167 -15.51 36.45 37.79
C TYR D 167 -13.99 36.60 37.78
N GLU D 168 -13.38 36.29 38.91
CA GLU D 168 -11.95 36.42 39.09
C GLU D 168 -11.35 35.09 39.20
N VAL D 169 -10.11 34.99 38.73
CA VAL D 169 -9.30 33.83 38.91
C VAL D 169 -7.99 34.21 39.53
N ARG D 170 -7.58 33.45 40.52
CA ARG D 170 -6.31 33.66 41.20
C ARG D 170 -5.32 32.60 40.72
N ALA D 171 -4.12 33.00 40.30
CA ALA D 171 -3.09 32.04 39.82
C ALA D 171 -1.72 32.42 40.31
N LYS D 172 -0.79 31.48 40.31
CA LYS D 172 0.62 31.82 40.50
C LYS D 172 1.28 32.51 39.27
N TYR D 173 0.91 32.09 38.05
CA TYR D 173 1.46 32.64 36.82
C TYR D 173 0.37 32.80 35.75
N ILE D 174 0.55 33.74 34.81
CA ILE D 174 -0.30 33.87 33.66
C ILE D 174 0.58 33.67 32.44
N ILE D 175 0.12 32.82 31.50
CA ILE D 175 0.71 32.71 30.15
C ILE D 175 -0.15 33.54 29.19
N GLY D 176 0.45 34.54 28.56
CA GLY D 176 -0.12 35.29 27.50
C GLY D 176 0.09 34.57 26.16
N ALA D 177 -0.88 33.77 25.75
CA ALA D 177 -0.82 33.06 24.47
C ALA D 177 -1.95 33.53 23.63
N ASP D 178 -2.15 34.84 23.68
CA ASP D 178 -3.36 35.43 23.22
C ASP D 178 -3.24 36.14 21.87
N GLY D 179 -2.20 35.80 21.11
CA GLY D 179 -2.15 36.16 19.70
C GLY D 179 -1.58 37.53 19.39
N ALA D 180 -1.71 37.90 18.11
CA ALA D 180 -0.99 39.01 17.54
C ALA D 180 -1.41 40.40 18.08
N HIS D 181 -2.54 40.52 18.75
CA HIS D 181 -2.88 41.80 19.42
C HIS D 181 -2.98 41.61 20.92
N SER D 182 -2.09 40.79 21.48
CA SER D 182 -2.16 40.33 22.86
C SER D 182 -2.43 41.46 23.86
N LEU D 183 -3.57 41.38 24.54
CA LEU D 183 -3.87 42.27 25.68
C LEU D 183 -2.99 41.97 26.86
N VAL D 184 -2.63 40.70 27.04
CA VAL D 184 -1.73 40.32 28.09
C VAL D 184 -0.36 41.03 27.94
N ALA D 185 0.22 41.04 26.77
CA ALA D 185 1.54 41.63 26.54
C ALA D 185 1.47 43.17 26.75
N GLN D 186 0.36 43.75 26.32
CA GLN D 186 0.12 45.18 26.49
C GLN D 186 0.04 45.51 27.98
N ASN D 187 -0.75 44.75 28.74
CA ASN D 187 -0.76 44.90 30.20
C ASN D 187 0.56 44.62 30.93
N ALA D 188 1.39 43.73 30.43
CA ALA D 188 2.66 43.43 31.09
C ALA D 188 3.70 44.47 30.70
N GLY D 189 3.32 45.36 29.77
CA GLY D 189 4.20 46.41 29.30
C GLY D 189 5.40 45.92 28.52
N LEU D 190 5.27 44.81 27.77
CA LEU D 190 6.45 44.34 27.01
C LEU D 190 6.86 45.33 25.88
N PRO D 191 8.17 45.57 25.70
CA PRO D 191 8.69 46.39 24.61
C PRO D 191 8.86 45.59 23.31
N PHE D 192 8.42 46.20 22.23
CA PHE D 192 8.48 45.64 20.88
C PHE D 192 9.44 46.47 20.00
N GLU D 193 10.13 45.83 19.07
CA GLU D 193 10.89 46.49 18.01
C GLU D 193 10.49 45.87 16.67
N GLY D 194 10.98 46.46 15.58
CA GLY D 194 10.56 46.14 14.19
C GLY D 194 9.50 47.11 13.65
N GLN D 195 9.52 47.39 12.34
CA GLN D 195 8.63 48.39 11.69
C GLN D 195 7.24 48.57 12.34
N SER D 203 -3.10 40.58 3.08
CA SER D 203 -3.52 39.27 2.59
C SER D 203 -5.03 39.12 2.63
N ILE D 204 -5.64 38.79 1.49
CA ILE D 204 -7.02 38.29 1.42
C ILE D 204 -7.01 36.78 1.03
N ASN D 205 -7.46 35.89 1.93
CA ASN D 205 -7.61 34.45 1.63
C ASN D 205 -9.02 34.11 1.12
N ILE D 206 -9.13 33.55 -0.09
CA ILE D 206 -10.42 33.24 -0.71
C ILE D 206 -10.62 31.76 -0.95
N GLU D 207 -11.50 31.13 -0.18
CA GLU D 207 -11.90 29.76 -0.47
C GLU D 207 -12.88 29.78 -1.64
N PHE D 208 -12.88 28.68 -2.41
CA PHE D 208 -13.84 28.46 -3.49
C PHE D 208 -13.85 27.00 -3.92
N SER D 209 -14.88 26.61 -4.66
CA SER D 209 -14.96 25.24 -5.18
C SER D 209 -15.06 25.31 -6.70
N ALA D 210 -14.49 24.30 -7.35
CA ALA D 210 -14.41 24.24 -8.83
C ALA D 210 -13.75 22.96 -9.27
N ASP D 211 -14.10 22.50 -10.47
CA ASP D 211 -13.45 21.38 -11.10
C ASP D 211 -12.41 21.99 -11.98
N LEU D 212 -11.13 21.86 -11.60
CA LEU D 212 -10.04 22.45 -12.36
C LEU D 212 -9.13 21.37 -12.98
N ASP D 222 1.40 20.77 -6.45
CA ASP D 222 0.90 20.97 -5.04
C ASP D 222 0.68 22.43 -4.69
N MET D 223 1.49 23.36 -5.22
CA MET D 223 1.29 24.79 -4.92
C MET D 223 1.66 25.64 -6.14
N TYR D 224 0.84 26.64 -6.46
CA TYR D 224 1.03 27.52 -7.61
C TYR D 224 1.29 28.92 -7.16
N TRP D 225 2.38 29.49 -7.64
CA TRP D 225 2.71 30.91 -7.45
C TRP D 225 2.41 31.60 -8.79
N MET D 226 1.45 32.52 -8.77
CA MET D 226 0.99 33.16 -10.01
C MET D 226 1.56 34.55 -10.08
N PHE D 227 2.29 34.84 -11.14
CA PHE D 227 2.87 36.14 -11.32
C PHE D 227 1.94 36.92 -12.26
N ARG D 228 1.05 37.74 -11.70
CA ARG D 228 -0.11 38.21 -12.52
C ARG D 228 0.08 39.56 -13.21
N GLY D 237 1.54 41.76 -6.46
CA GLY D 237 2.00 41.10 -7.69
C GLY D 237 1.82 39.56 -7.77
N VAL D 238 2.15 38.87 -6.68
CA VAL D 238 2.16 37.41 -6.65
C VAL D 238 0.93 36.88 -5.92
N ALA D 239 0.28 35.88 -6.51
CA ALA D 239 -0.84 35.21 -5.88
C ALA D 239 -0.48 33.74 -5.71
N ALA D 240 -1.09 33.09 -4.73
CA ALA D 240 -0.85 31.68 -4.48
C ALA D 240 -2.16 30.92 -4.61
N LEU D 241 -2.07 29.70 -5.05
CA LEU D 241 -3.20 28.89 -5.21
C LEU D 241 -2.83 27.53 -4.75
N ARG D 242 -3.72 26.91 -3.97
CA ARG D 242 -3.56 25.48 -3.68
C ARG D 242 -4.83 24.72 -3.37
N MET D 243 -4.74 23.41 -3.50
CA MET D 243 -5.65 22.41 -2.91
C MET D 243 -6.71 22.01 -3.90
N ASN D 248 -12.04 19.28 -5.33
CA ASN D 248 -13.19 20.20 -5.27
C ASN D 248 -12.87 21.57 -4.59
N LYS D 249 -12.28 21.54 -3.37
CA LYS D 249 -12.10 22.75 -2.53
C LYS D 249 -10.71 23.40 -2.77
N TRP D 250 -10.67 24.72 -2.93
CA TRP D 250 -9.44 25.47 -3.27
C TRP D 250 -9.33 26.71 -2.42
N ILE D 251 -8.09 27.20 -2.24
CA ILE D 251 -7.80 28.49 -1.61
C ILE D 251 -6.87 29.27 -2.54
N CYS D 252 -7.12 30.56 -2.71
CA CYS D 252 -6.10 31.43 -3.23
C CYS D 252 -5.86 32.63 -2.32
N VAL D 253 -4.63 33.14 -2.35
CA VAL D 253 -4.18 34.21 -1.47
C VAL D 253 -3.65 35.40 -2.24
N GLU D 268 -17.96 40.33 -2.97
CA GLU D 268 -18.02 38.86 -3.04
C GLU D 268 -18.32 38.33 -4.46
N GLU D 269 -18.82 39.21 -5.35
CA GLU D 269 -18.84 38.92 -6.79
C GLU D 269 -17.58 39.48 -7.45
N ALA D 270 -16.90 40.39 -6.76
CA ALA D 270 -15.56 40.84 -7.13
C ALA D 270 -14.54 39.67 -7.09
N LYS D 271 -14.84 38.63 -6.31
CA LYS D 271 -14.14 37.34 -6.42
C LYS D 271 -14.36 36.65 -7.80
N LYS D 272 -14.11 37.40 -8.89
CA LYS D 272 -13.56 36.87 -10.13
C LYS D 272 -12.07 37.29 -10.18
N ILE D 273 -11.48 37.54 -8.99
CA ILE D 273 -10.03 37.41 -8.81
C ILE D 273 -9.67 35.93 -9.10
N ILE D 274 -10.57 35.02 -8.71
CA ILE D 274 -10.41 33.59 -8.98
C ILE D 274 -10.28 33.29 -10.48
N HIS D 275 -11.15 33.88 -11.30
CA HIS D 275 -10.87 33.99 -12.74
C HIS D 275 -9.62 34.89 -12.81
N GLU D 276 -8.78 34.73 -13.82
CA GLU D 276 -7.49 35.46 -13.79
C GLU D 276 -6.40 34.55 -13.20
N ILE D 277 -6.61 34.10 -11.96
CA ILE D 277 -5.71 33.14 -11.31
C ILE D 277 -5.84 31.74 -11.92
N ILE D 278 -7.07 31.31 -12.22
CA ILE D 278 -7.31 29.99 -12.80
C ILE D 278 -6.76 29.81 -14.24
N GLY D 279 -6.60 30.82 -15.06
CA GLY D 279 -7.46 31.97 -15.21
C GLY D 279 -8.20 31.68 -16.52
N THR D 280 -9.48 31.36 -16.41
CA THR D 280 -10.45 31.47 -17.50
C THR D 280 -11.74 31.85 -16.80
N ASP D 281 -12.83 31.91 -17.57
CA ASP D 281 -14.17 31.93 -16.97
C ASP D 281 -15.08 30.86 -17.58
N GLU D 282 -14.52 29.98 -18.42
CA GLU D 282 -15.27 28.86 -18.96
C GLU D 282 -15.52 27.74 -17.92
N ILE D 283 -15.12 27.94 -16.66
CA ILE D 283 -15.45 27.03 -15.56
C ILE D 283 -16.18 27.83 -14.50
N PRO D 284 -17.14 27.18 -13.82
CA PRO D 284 -17.91 27.87 -12.79
C PRO D 284 -17.38 27.66 -11.36
N VAL D 287 -17.38 30.61 -4.62
CA VAL D 287 -16.82 31.98 -4.60
C VAL D 287 -16.64 32.65 -3.22
N GLY D 288 -16.84 31.90 -2.12
CA GLY D 288 -16.47 32.34 -0.73
C GLY D 288 -16.38 31.08 0.11
N PRO D 289 -15.98 31.17 1.41
CA PRO D 289 -15.69 32.27 2.36
C PRO D 289 -14.38 33.05 2.15
N ILE D 290 -14.42 34.33 2.50
CA ILE D 290 -13.33 35.29 2.32
C ILE D 290 -12.85 35.75 3.71
N SER D 291 -11.53 35.92 3.88
CA SER D 291 -10.99 36.36 5.17
C SER D 291 -9.73 37.15 4.99
N THR D 292 -9.44 38.02 5.96
CA THR D 292 -8.27 38.90 5.90
C THR D 292 -7.35 38.74 7.10
N TRP D 293 -6.07 38.98 6.86
CA TRP D 293 -5.05 39.03 7.91
C TRP D 293 -4.24 40.30 7.73
N THR D 294 -4.31 41.19 8.71
CA THR D 294 -3.40 42.32 8.79
C THR D 294 -2.30 41.78 9.67
N ILE D 295 -1.05 41.97 9.28
CA ILE D 295 0.07 41.63 10.15
C ILE D 295 0.98 42.85 10.19
N ASN D 296 1.26 43.36 11.38
CA ASN D 296 2.33 44.33 11.47
C ASN D 296 3.54 43.72 12.22
N GLN D 297 4.57 43.48 11.42
CA GLN D 297 5.87 42.89 11.76
C GLN D 297 6.53 43.49 13.00
N GLN D 298 6.61 42.69 14.05
CA GLN D 298 7.10 43.15 15.31
C GLN D 298 7.47 41.97 16.16
N TYR D 299 8.50 42.13 16.96
CA TYR D 299 8.90 41.16 17.90
C TYR D 299 9.10 41.81 19.28
N ALA D 300 8.72 41.08 20.33
CA ALA D 300 9.01 41.47 21.69
C ALA D 300 10.46 41.26 21.99
N VAL D 301 11.03 42.32 22.56
CA VAL D 301 12.39 42.34 22.93
C VAL D 301 12.54 41.58 24.23
N ARG D 302 11.51 41.58 25.03
CA ARG D 302 11.52 40.78 26.28
C ARG D 302 10.15 40.12 26.30
N ASN D 303 10.08 38.87 26.76
CA ASN D 303 8.81 38.11 26.74
C ASN D 303 8.17 37.83 28.10
N THR D 304 8.78 38.39 29.15
CA THR D 304 8.41 38.09 30.52
C THR D 304 8.36 39.39 31.34
N SER D 305 7.40 39.51 32.23
CA SER D 305 7.36 40.59 33.21
C SER D 305 6.78 40.00 34.46
N GLY D 306 7.60 39.89 35.50
CA GLY D 306 7.20 39.32 36.78
C GLY D 306 6.62 37.91 36.63
N ARG D 307 5.34 37.79 36.92
CA ARG D 307 4.68 36.47 36.86
C ARG D 307 3.96 36.21 35.52
N VAL D 308 4.16 37.08 34.51
CA VAL D 308 3.50 36.99 33.23
C VAL D 308 4.53 36.58 32.16
N PHE D 309 4.21 35.53 31.42
CA PHE D 309 5.03 35.01 30.34
C PHE D 309 4.18 35.03 29.05
N CYS D 310 4.64 35.74 28.03
CA CYS D 310 3.98 35.76 26.77
C CYS D 310 4.70 34.87 25.77
N MET D 311 3.92 34.32 24.85
CA MET D 311 4.45 33.30 23.88
C MET D 311 3.65 33.31 22.59
N GLY D 312 4.26 32.79 21.55
CA GLY D 312 3.54 32.67 20.28
C GLY D 312 3.44 33.99 19.53
N ASP D 313 2.36 34.17 18.80
CA ASP D 313 2.17 35.41 18.03
C ASP D 313 2.17 36.66 18.95
N ALA D 314 1.89 36.48 20.24
CA ALA D 314 1.93 37.60 21.18
C ALA D 314 3.32 38.24 21.27
N VAL D 315 4.37 37.47 20.99
CA VAL D 315 5.75 37.95 21.03
C VAL D 315 6.45 37.96 19.66
N HIS D 316 5.85 37.37 18.66
CA HIS D 316 6.45 37.41 17.32
C HIS D 316 5.34 37.46 16.27
N ARG D 317 5.22 38.60 15.62
CA ARG D 317 4.21 38.85 14.59
C ARG D 317 4.92 39.10 13.27
N HIS D 318 4.60 38.33 12.23
CA HIS D 318 5.37 38.38 11.00
C HIS D 318 4.56 37.83 9.83
N THR D 319 5.05 38.04 8.61
CA THR D 319 4.36 37.45 7.44
C THR D 319 4.54 35.94 7.40
N PRO D 320 3.62 35.23 6.74
CA PRO D 320 3.61 33.76 6.74
C PRO D 320 4.69 33.01 5.94
N MET D 321 5.65 33.72 5.39
CA MET D 321 6.68 33.08 4.57
C MET D 321 7.60 32.17 5.39
N GLY D 322 7.61 30.86 5.08
CA GLY D 322 8.55 29.94 5.70
C GLY D 322 7.88 28.96 6.67
N GLY D 323 6.60 29.15 6.98
CA GLY D 323 5.89 28.26 7.91
C GLY D 323 6.57 28.22 9.31
N LEU D 324 7.02 29.37 9.78
CA LEU D 324 7.72 29.46 11.04
C LEU D 324 6.86 29.81 12.29
N GLY D 325 5.64 30.36 12.10
CA GLY D 325 4.83 30.88 13.20
C GLY D 325 4.24 29.88 14.21
N LEU D 326 3.40 28.97 13.75
CA LEU D 326 2.85 27.93 14.58
C LEU D 326 4.00 27.10 15.17
N ASN D 327 4.98 26.76 14.35
CA ASN D 327 6.07 25.91 14.83
C ASN D 327 6.89 26.55 15.95
N THR D 328 7.22 27.81 15.76
CA THR D 328 7.96 28.56 16.77
C THR D 328 7.11 28.75 18.03
N SER D 329 5.79 28.93 17.86
CA SER D 329 4.88 29.14 18.98
C SER D 329 4.79 27.87 19.85
N VAL D 330 4.75 26.71 19.21
CA VAL D 330 4.70 25.46 19.98
C VAL D 330 6.01 25.24 20.71
N GLN D 331 7.11 25.61 20.07
CA GLN D 331 8.39 25.47 20.71
C GLN D 331 8.62 26.44 21.93
N ASP D 332 7.99 27.60 21.90
CA ASP D 332 7.99 28.54 23.06
C ASP D 332 7.34 27.84 24.25
N ALA D 333 6.21 27.18 24.02
CA ALA D 333 5.53 26.44 25.08
C ALA D 333 6.36 25.33 25.67
N TYR D 334 6.99 24.55 24.79
CA TYR D 334 7.81 23.46 25.23
C TYR D 334 9.06 23.92 26.04
N ASN D 335 9.57 25.10 25.72
CA ASN D 335 10.63 25.69 26.53
C ASN D 335 10.17 26.00 27.99
N LEU D 336 8.98 26.55 28.10
CA LEU D 336 8.49 27.11 29.36
C LEU D 336 7.93 26.10 30.32
N ALA D 337 7.17 25.12 29.80
CA ALA D 337 6.32 24.32 30.70
C ALA D 337 7.09 23.54 31.77
N TRP D 338 8.09 22.81 31.38
CA TRP D 338 8.88 22.06 32.34
C TRP D 338 9.53 22.97 33.42
N LYS D 339 9.90 24.20 33.04
CA LYS D 339 10.49 25.18 33.97
C LYS D 339 9.45 25.62 35.00
N LEU D 340 8.27 26.01 34.54
CA LEU D 340 7.20 26.32 35.42
C LEU D 340 6.91 25.18 36.37
N ALA D 341 6.91 23.95 35.87
CA ALA D 341 6.57 22.83 36.73
C ALA D 341 7.59 22.63 37.88
N LEU D 342 8.87 22.70 37.56
CA LEU D 342 9.91 22.59 38.57
C LEU D 342 9.82 23.72 39.62
N VAL D 343 9.59 24.95 39.19
CA VAL D 343 9.47 26.05 40.10
C VAL D 343 8.26 25.85 41.05
N LEU D 344 7.11 25.53 40.49
CA LEU D 344 5.90 25.30 41.28
C LEU D 344 6.00 24.12 42.22
N LYS D 345 6.76 23.11 41.86
CA LYS D 345 6.98 21.99 42.74
C LYS D 345 8.14 22.20 43.76
N GLY D 346 8.81 23.34 43.74
CA GLY D 346 9.86 23.64 44.70
C GLY D 346 11.17 22.92 44.39
N GLN D 347 11.35 22.40 43.18
CA GLN D 347 12.58 21.70 42.83
C GLN D 347 13.59 22.63 42.09
N ALA D 348 13.13 23.78 41.63
CA ALA D 348 13.97 24.79 41.08
C ALA D 348 13.61 26.12 41.70
N ALA D 349 14.58 27.03 41.75
CA ALA D 349 14.31 28.40 42.15
C ALA D 349 13.62 29.19 41.04
N PRO D 350 12.90 30.23 41.41
CA PRO D 350 12.24 31.10 40.44
C PRO D 350 13.15 31.68 39.38
N THR D 351 14.45 31.82 39.65
CA THR D 351 15.36 32.32 38.60
C THR D 351 15.46 31.39 37.36
N LEU D 352 15.14 30.11 37.50
CA LEU D 352 15.08 29.22 36.31
C LEU D 352 14.19 29.84 35.24
N LEU D 353 13.14 30.54 35.65
CA LEU D 353 12.24 31.17 34.70
C LEU D 353 12.84 32.31 33.86
N ASP D 354 13.95 32.92 34.33
CA ASP D 354 14.68 33.95 33.54
C ASP D 354 15.23 33.37 32.21
N SER D 355 15.54 32.08 32.18
CA SER D 355 16.06 31.45 30.97
C SER D 355 15.03 31.43 29.79
N TYR D 356 13.73 31.62 30.08
CA TYR D 356 12.70 31.62 29.02
C TYR D 356 12.95 32.84 28.12
N ASP D 357 13.11 34.01 28.71
CA ASP D 357 13.46 35.21 27.90
C ASP D 357 14.85 35.09 27.20
N ALA D 358 15.85 34.59 27.92
CA ALA D 358 17.19 34.48 27.38
C ALA D 358 17.29 33.51 26.19
N GLU D 359 16.50 32.43 26.21
CA GLU D 359 16.51 31.43 25.14
C GLU D 359 15.53 31.69 24.01
N ARG D 360 14.34 32.18 24.34
CA ARG D 360 13.29 32.33 23.33
C ARG D 360 13.22 33.72 22.65
N SER D 361 13.68 34.78 23.32
CA SER D 361 13.63 36.13 22.70
C SER D 361 14.51 36.27 21.43
N PRO D 362 15.70 35.63 21.41
CA PRO D 362 16.48 35.71 20.19
C PRO D 362 15.80 35.00 19.05
N VAL D 363 15.02 33.94 19.33
CA VAL D 363 14.31 33.24 18.27
C VAL D 363 13.18 34.11 17.73
N ALA D 364 12.45 34.81 18.61
CA ALA D 364 11.40 35.73 18.20
C ALA D 364 11.89 36.76 17.17
N LYS D 365 13.06 37.37 17.43
CA LYS D 365 13.59 38.37 16.52
C LYS D 365 14.05 37.70 15.20
N GLN D 366 14.65 36.56 15.33
CA GLN D 366 15.21 35.85 14.22
C GLN D 366 14.11 35.51 13.20
N ILE D 367 12.99 34.95 13.65
CA ILE D 367 11.98 34.51 12.70
C ILE D 367 11.25 35.70 12.07
N VAL D 368 11.04 36.75 12.82
CA VAL D 368 10.39 37.94 12.26
C VAL D 368 11.23 38.52 11.09
N GLU D 369 12.53 38.69 11.30
CA GLU D 369 13.44 39.22 10.29
C GLU D 369 13.55 38.29 9.11
N ARG D 370 13.55 36.99 9.39
CA ARG D 370 13.68 35.97 8.31
C ARG D 370 12.42 35.94 7.46
N ALA D 371 11.25 35.91 8.07
CA ALA D 371 10.02 35.84 7.27
C ALA D 371 9.93 37.08 6.29
N PHE D 372 10.27 38.24 6.84
CA PHE D 372 10.27 39.47 6.07
C PHE D 372 11.27 39.40 4.92
N LYS D 373 12.50 39.02 5.20
CA LYS D 373 13.51 38.97 4.17
C LYS D 373 13.09 38.05 3.00
N SER D 374 12.48 36.88 3.29
CA SER D 374 11.97 35.95 2.23
C SER D 374 10.94 36.56 1.23
N LEU D 375 10.14 37.54 1.67
CA LEU D 375 9.29 38.32 0.76
C LEU D 375 10.03 39.04 -0.34
N SER D 376 11.21 39.55 -0.02
CA SER D 376 11.98 40.23 -1.02
C SER D 376 12.48 39.32 -2.15
N THR D 377 12.29 37.99 -2.07
CA THR D 377 12.74 37.11 -3.16
C THR D 377 11.78 36.98 -4.33
N PHE D 378 10.53 37.44 -4.20
CA PHE D 378 9.59 37.37 -5.30
C PHE D 378 9.72 38.43 -6.44
N PRO D 379 9.92 39.70 -6.12
CA PRO D 379 10.06 40.73 -7.17
C PRO D 379 11.14 40.50 -8.23
N PRO D 380 12.32 39.97 -7.85
CA PRO D 380 13.31 39.62 -8.87
C PRO D 380 12.86 38.68 -10.00
N VAL D 381 11.77 37.95 -9.78
CA VAL D 381 11.20 37.16 -10.82
C VAL D 381 10.64 38.08 -11.96
N PHE D 382 9.84 39.10 -11.58
CA PHE D 382 9.33 40.06 -12.56
C PHE D 382 10.51 40.74 -13.24
N GLU D 383 11.53 41.16 -12.45
CA GLU D 383 12.72 41.76 -13.01
C GLU D 383 13.49 40.89 -14.03
N ALA D 384 13.56 39.60 -13.79
CA ALA D 384 14.22 38.70 -14.76
C ALA D 384 13.46 38.62 -16.07
N LEU D 385 12.13 38.71 -15.99
CA LEU D 385 11.31 38.76 -17.19
C LEU D 385 11.31 40.14 -17.88
N SER D 386 12.05 41.09 -17.33
CA SER D 386 12.07 42.49 -17.77
C SER D 386 10.72 43.16 -17.71
N LEU D 387 9.96 42.80 -16.71
CA LEU D 387 8.62 43.33 -16.49
C LEU D 387 8.72 44.33 -15.34
N PRO D 388 7.79 45.32 -15.30
CA PRO D 388 7.60 46.12 -14.09
C PRO D 388 6.79 45.33 -13.06
N PRO D 389 6.78 45.79 -11.80
CA PRO D 389 6.15 45.04 -10.70
C PRO D 389 4.66 44.69 -10.90
N ALA D 390 3.95 45.49 -11.70
CA ALA D 390 2.57 45.16 -12.07
C ALA D 390 2.35 45.25 -13.58
N PRO D 391 2.70 44.20 -14.29
CA PRO D 391 2.63 44.33 -15.74
C PRO D 391 1.17 44.24 -16.31
N THR D 392 0.94 44.78 -17.52
CA THR D 392 -0.35 44.53 -18.25
C THR D 392 -0.39 43.13 -18.86
N GLU D 393 -1.57 42.68 -19.26
CA GLU D 393 -1.68 41.40 -19.96
C GLU D 393 -0.85 41.39 -21.27
N SER D 394 -0.78 42.53 -21.96
CA SER D 394 0.06 42.65 -23.14
C SER D 394 1.58 42.55 -22.84
N GLU D 395 2.03 43.28 -21.83
CA GLU D 395 3.43 43.26 -21.39
C GLU D 395 3.90 41.85 -20.96
N MET D 396 3.05 41.13 -20.23
CA MET D 396 3.34 39.77 -19.85
C MET D 396 3.39 38.88 -21.09
N ALA D 397 2.46 39.04 -22.03
CA ALA D 397 2.42 38.18 -23.25
C ALA D 397 3.74 38.34 -23.99
N GLU D 398 4.26 39.58 -24.07
CA GLU D 398 5.52 39.88 -24.74
C GLU D 398 6.72 39.23 -24.00
N ALA D 399 6.73 39.31 -22.68
CA ALA D 399 7.75 38.60 -21.84
C ALA D 399 7.81 37.10 -22.09
N LEU D 400 6.66 36.46 -22.23
CA LEU D 400 6.57 35.04 -22.57
C LEU D 400 7.14 34.70 -23.95
N VAL D 401 6.90 35.54 -24.96
CA VAL D 401 7.46 35.29 -26.30
C VAL D 401 8.95 35.51 -26.28
N ARG D 402 9.42 36.55 -25.59
CA ARG D 402 10.86 36.76 -25.43
C ARG D 402 11.60 35.64 -24.65
N LEU D 403 10.87 35.01 -23.74
CA LEU D 403 11.44 33.96 -22.92
C LEU D 403 11.70 32.74 -23.75
N LYS D 404 11.02 32.58 -24.90
CA LYS D 404 11.26 31.46 -25.83
C LYS D 404 12.11 31.75 -27.07
N ASP D 405 12.68 32.92 -27.08
CA ASP D 405 13.49 33.39 -28.17
C ASP D 405 14.71 32.46 -28.36
N ALA D 406 14.94 32.01 -29.58
CA ALA D 406 16.06 31.09 -29.88
C ALA D 406 17.36 31.85 -30.14
N SER D 407 17.61 32.91 -29.38
CA SER D 407 18.85 33.68 -29.43
C SER D 407 19.66 33.58 -28.14
N GLU D 408 20.87 34.15 -28.13
CA GLU D 408 21.67 34.26 -26.93
C GLU D 408 20.98 35.16 -25.94
N GLU D 409 20.21 36.11 -26.42
CA GLU D 409 19.50 37.00 -25.47
C GLU D 409 18.39 36.22 -24.73
N GLY D 410 17.70 35.37 -25.46
CA GLY D 410 16.71 34.48 -24.86
C GLY D 410 17.33 33.56 -23.81
N ALA D 411 18.49 32.99 -24.12
CA ALA D 411 19.17 32.10 -23.18
C ALA D 411 19.56 32.83 -21.91
N LYS D 412 19.93 34.08 -22.03
CA LYS D 412 20.19 34.92 -20.85
C LYS D 412 18.96 35.14 -19.98
N ARG D 413 17.83 35.32 -20.62
CA ARG D 413 16.57 35.48 -19.87
C ARG D 413 16.13 34.21 -19.19
N ARG D 414 16.29 33.09 -19.88
CA ARG D 414 15.90 31.81 -19.29
C ARG D 414 16.79 31.54 -18.04
N ALA D 415 18.05 31.86 -18.13
CA ALA D 415 19.00 31.65 -17.00
C ALA D 415 18.70 32.63 -15.89
N ALA D 416 18.36 33.89 -16.21
CA ALA D 416 18.02 34.83 -15.14
C ALA D 416 16.73 34.47 -14.41
N LEU D 417 15.74 33.98 -15.15
CA LEU D 417 14.50 33.55 -14.53
C LEU D 417 14.68 32.36 -13.59
N ARG D 418 15.47 31.37 -14.03
CA ARG D 418 15.81 30.21 -13.18
C ARG D 418 16.49 30.67 -11.88
N LYS D 419 17.40 31.60 -12.01
CA LYS D 419 18.15 32.07 -10.84
C LYS D 419 17.24 32.77 -9.84
N ALA D 420 16.33 33.56 -10.36
CA ALA D 420 15.36 34.23 -9.48
C ALA D 420 14.37 33.26 -8.84
N MET D 421 13.85 32.30 -9.61
CA MET D 421 12.97 31.27 -9.03
C MET D 421 13.72 30.45 -7.92
N ASP D 422 14.97 30.04 -8.20
CA ASP D 422 15.74 29.26 -7.22
C ASP D 422 15.95 30.02 -5.87
N ALA D 423 16.17 31.32 -5.92
CA ALA D 423 16.34 32.11 -4.68
C ALA D 423 15.07 32.26 -3.80
N THR D 424 13.90 31.85 -4.30
CA THR D 424 12.70 31.85 -3.47
C THR D 424 12.67 30.66 -2.51
N ILE D 425 13.49 29.64 -2.76
CA ILE D 425 13.44 28.42 -1.97
C ILE D 425 13.70 28.63 -0.44
N ILE D 426 14.46 29.66 -0.08
CA ILE D 426 14.71 29.97 1.35
C ILE D 426 13.40 30.13 2.14
N GLY D 427 12.33 30.53 1.48
CA GLY D 427 11.00 30.72 2.14
C GLY D 427 10.06 29.56 1.98
N LEU D 428 10.51 28.48 1.30
CA LEU D 428 9.63 27.38 0.90
C LEU D 428 10.31 26.03 1.13
N GLY D 429 11.15 25.93 2.17
CA GLY D 429 11.72 24.63 2.55
C GLY D 429 13.20 24.60 2.63
N GLY D 430 13.85 25.61 2.06
CA GLY D 430 15.27 25.69 2.05
C GLY D 430 15.90 26.09 3.39
N GLY D 431 15.14 26.76 4.26
CA GLY D 431 15.68 27.27 5.54
C GLY D 431 15.75 26.26 6.71
N HIS D 432 16.44 25.15 6.49
CA HIS D 432 16.48 24.04 7.47
C HIS D 432 17.29 24.43 8.69
N GLY D 433 18.34 25.23 8.46
CA GLY D 433 19.14 25.80 9.51
C GLY D 433 18.41 26.79 10.40
N VAL D 434 17.65 27.67 9.80
CA VAL D 434 16.77 28.50 10.60
C VAL D 434 15.83 27.66 11.48
N GLU D 435 15.26 26.60 10.90
CA GLU D 435 14.26 25.78 11.64
C GLU D 435 14.87 25.05 12.88
N LEU D 436 16.10 24.60 12.74
CA LEU D 436 16.73 23.68 13.71
C LEU D 436 17.94 24.15 14.50
N ASN D 437 18.63 25.23 14.07
CA ASN D 437 19.94 25.57 14.66
C ASN D 437 19.80 26.44 15.90
N GLN D 438 18.96 26.05 16.84
CA GLN D 438 18.79 26.85 18.06
C GLN D 438 20.08 26.76 18.86
N ARG D 439 20.53 27.89 19.42
CA ARG D 439 21.78 27.94 20.18
C ARG D 439 21.50 28.73 21.45
N TYR D 440 21.24 28.05 22.56
CA TYR D 440 20.81 28.69 23.77
C TYR D 440 22.02 29.09 24.61
N VAL D 441 21.93 30.27 25.18
CA VAL D 441 22.93 30.82 26.15
C VAL D 441 22.17 31.38 27.32
N SER D 442 22.31 30.77 28.50
CA SER D 442 21.44 31.14 29.60
C SER D 442 21.97 30.49 30.85
N ARG D 443 21.34 30.74 31.99
CA ARG D 443 21.73 30.05 33.23
C ARG D 443 21.16 28.64 33.30
N ALA D 444 20.32 28.27 32.33
CA ALA D 444 19.84 26.92 32.25
C ALA D 444 20.62 26.06 31.30
N VAL D 445 21.82 26.52 30.93
CA VAL D 445 22.74 25.78 30.14
C VAL D 445 24.10 25.98 30.80
N PHE D 446 24.74 24.89 31.20
CA PHE D 446 26.02 24.93 31.86
C PHE D 446 27.16 24.71 30.84
N PRO D 447 27.98 25.77 30.57
CA PRO D 447 29.04 25.62 29.55
C PRO D 447 30.11 24.62 29.93
N ASP D 448 30.74 24.00 28.95
CA ASP D 448 31.76 23.02 29.22
C ASP D 448 33.13 23.58 28.94
N GLY D 449 33.27 24.89 28.70
CA GLY D 449 34.60 25.50 28.53
C GLY D 449 35.08 25.51 27.10
N THR D 450 34.32 24.88 26.22
CA THR D 450 34.72 24.76 24.83
C THR D 450 34.29 26.04 24.09
N PRO D 451 35.07 26.47 23.07
CA PRO D 451 34.63 27.59 22.23
C PRO D 451 33.49 27.18 21.28
N ASP D 452 32.67 28.15 20.87
CA ASP D 452 31.59 27.91 19.91
C ASP D 452 32.24 27.49 18.60
N PRO D 453 31.90 26.31 18.06
CA PRO D 453 32.55 25.88 16.84
C PRO D 453 31.98 26.56 15.57
N GLY D 454 30.96 27.39 15.70
CA GLY D 454 30.28 27.99 14.57
C GLY D 454 29.71 26.96 13.61
N PHE D 455 29.61 27.34 12.35
CA PHE D 455 28.91 26.57 11.34
C PHE D 455 29.82 26.41 10.12
N VAL D 456 30.00 25.18 9.64
CA VAL D 456 30.80 24.92 8.46
C VAL D 456 30.11 25.53 7.23
N ARG D 457 28.81 25.32 7.06
CA ARG D 457 28.06 25.85 5.95
C ARG D 457 27.08 26.85 6.44
N ASP D 458 26.45 27.54 5.51
CA ASP D 458 25.46 28.59 5.84
C ASP D 458 24.42 28.15 6.88
N GLN D 459 24.30 28.92 7.96
CA GLN D 459 23.54 28.48 9.14
C GLN D 459 22.04 28.67 9.01
N GLU D 460 21.60 29.36 7.95
CA GLU D 460 20.20 29.48 7.60
C GLU D 460 19.68 28.33 6.74
N PHE D 461 20.45 27.93 5.76
CA PHE D 461 20.10 26.84 4.83
C PHE D 461 20.36 25.47 5.46
N PHE D 462 21.42 25.34 6.26
CA PHE D 462 21.84 24.03 6.68
C PHE D 462 21.84 23.84 8.20
N TYR D 463 21.23 22.72 8.63
CA TYR D 463 21.32 22.25 10.03
C TYR D 463 22.74 21.75 10.30
N GLN D 464 23.28 22.08 11.46
CA GLN D 464 24.49 21.48 11.90
C GLN D 464 24.26 20.90 13.28
N ALA D 465 24.43 19.59 13.39
CA ALA D 465 24.32 18.91 14.69
C ALA D 465 25.42 19.34 15.62
N SER D 466 25.09 19.49 16.89
CA SER D 466 26.11 19.75 17.90
C SER D 466 25.67 19.07 19.23
N THR D 467 26.63 18.59 20.00
CA THR D 467 26.35 18.15 21.38
C THR D 467 26.90 19.16 22.46
N ARG D 468 27.37 20.33 22.03
CA ARG D 468 27.82 21.35 22.97
C ARG D 468 26.62 21.87 23.77
N PRO D 469 26.81 22.19 25.07
CA PRO D 469 25.65 22.62 25.74
C PRO D 469 24.99 23.83 25.05
N GLY D 470 23.67 23.84 25.03
CA GLY D 470 22.89 24.90 24.37
C GLY D 470 22.38 24.54 23.00
N ALA D 471 22.91 23.46 22.42
CA ALA D 471 22.37 22.87 21.22
C ALA D 471 21.35 21.72 21.54
N HIS D 472 20.45 21.49 20.60
CA HIS D 472 19.44 20.37 20.66
C HIS D 472 20.17 19.05 20.57
N LEU D 473 19.76 18.07 21.39
CA LEU D 473 20.32 16.72 21.29
C LEU D 473 20.20 16.24 19.81
N PRO D 474 21.28 15.76 19.23
CA PRO D 474 21.18 15.19 17.91
C PRO D 474 20.41 13.89 17.87
N HIS D 475 19.70 13.71 16.76
CA HIS D 475 19.06 12.45 16.45
C HIS D 475 20.05 11.50 15.80
N VAL D 476 20.09 10.25 16.28
CA VAL D 476 20.63 9.08 15.56
C VAL D 476 19.79 7.86 16.02
N TRP D 477 19.85 6.81 15.24
CA TRP D 477 19.10 5.60 15.54
C TRP D 477 19.96 4.69 16.41
N LEU D 478 19.32 4.19 17.49
CA LEU D 478 19.85 3.13 18.35
C LEU D 478 18.86 1.97 18.18
N THR D 479 19.08 0.88 18.89
CA THR D 479 17.98 -0.13 19.02
C THR D 479 17.68 -0.48 20.46
N GLU D 480 16.43 -0.91 20.67
CA GLU D 480 15.91 -1.42 21.95
C GLU D 480 15.18 -2.70 21.52
N ASN D 481 15.68 -3.86 21.98
CA ASN D 481 15.16 -5.17 21.51
C ASN D 481 15.14 -5.30 19.99
N GLN D 482 16.23 -4.87 19.38
CA GLN D 482 16.37 -4.92 17.93
C GLN D 482 15.43 -3.99 17.13
N ARG D 483 14.53 -3.25 17.80
CA ARG D 483 13.67 -2.23 17.17
C ARG D 483 14.41 -0.87 17.18
N ARG D 484 14.44 -0.16 16.05
CA ARG D 484 15.03 1.18 15.96
C ARG D 484 14.34 2.15 16.91
N ILE D 485 15.12 2.94 17.62
CA ILE D 485 14.60 3.98 18.52
C ILE D 485 15.54 5.16 18.39
N SER D 486 14.99 6.36 18.43
CA SER D 486 15.86 7.57 18.32
C SER D 486 16.46 7.90 19.67
N THR D 487 17.63 8.55 19.66
CA THR D 487 18.16 9.17 20.86
C THR D 487 17.14 10.05 21.54
N LEU D 488 16.31 10.73 20.75
CA LEU D 488 15.29 11.58 21.34
C LEU D 488 14.24 10.79 22.19
N ASP D 489 13.98 9.56 21.77
CA ASP D 489 13.01 8.72 22.45
C ASP D 489 13.50 8.22 23.81
N LEU D 490 14.78 8.31 24.07
CA LEU D 490 15.35 8.04 25.38
C LEU D 490 15.12 9.16 26.41
N CYS D 491 14.77 10.36 25.93
CA CYS D 491 14.84 11.57 26.73
C CYS D 491 13.45 12.22 26.73
N GLY D 492 13.31 13.44 27.27
CA GLY D 492 12.03 14.09 27.34
C GLY D 492 11.15 13.57 28.46
N LYS D 493 9.87 13.41 28.20
CA LYS D 493 8.89 12.96 29.22
C LYS D 493 8.98 13.77 30.51
N GLY D 494 9.19 15.06 30.39
CA GLY D 494 9.15 15.94 31.53
C GLY D 494 10.31 15.80 32.51
N ARG D 495 11.40 15.14 32.13
CA ARG D 495 12.46 14.95 33.07
C ARG D 495 13.83 15.03 32.39
N PHE D 496 14.88 15.13 33.22
CA PHE D 496 16.22 15.17 32.76
C PHE D 496 16.72 13.80 32.45
N THR D 497 17.63 13.66 31.48
CA THR D 497 18.19 12.36 31.14
C THR D 497 19.65 12.50 30.92
N LEU D 498 20.44 11.50 31.33
CA LEU D 498 21.85 11.47 31.15
C LEU D 498 22.24 10.30 30.32
N LEU D 499 22.94 10.55 29.22
CA LEU D 499 23.35 9.52 28.28
C LEU D 499 24.82 9.26 28.32
N THR D 500 25.19 7.99 28.32
CA THR D 500 26.62 7.55 28.37
C THR D 500 26.78 6.15 27.79
N GLY D 501 28.00 5.66 27.76
CA GLY D 501 28.31 4.34 27.29
C GLY D 501 28.91 3.50 28.42
N LEU D 502 29.36 2.29 28.06
CA LEU D 502 29.61 1.23 29.07
C LEU D 502 30.75 1.60 29.98
N SER D 503 31.77 2.25 29.44
CA SER D 503 32.89 2.76 30.29
C SER D 503 32.50 3.95 31.16
N GLY D 504 31.28 4.49 30.97
CA GLY D 504 30.76 5.53 31.81
C GLY D 504 29.79 5.03 32.87
N ALA D 505 29.89 3.76 33.28
CA ALA D 505 28.98 3.23 34.31
C ALA D 505 28.94 4.03 35.60
N ALA D 506 30.01 4.75 35.94
CA ALA D 506 30.05 5.51 37.19
C ALA D 506 29.02 6.63 37.19
N TRP D 507 28.53 7.02 36.01
CA TRP D 507 27.50 8.04 35.95
C TRP D 507 26.25 7.62 36.62
N LYS D 508 25.92 6.33 36.63
CA LYS D 508 24.67 5.88 37.24
C LYS D 508 24.63 6.22 38.72
N HIS D 509 25.69 5.89 39.44
CA HIS D 509 25.78 6.20 40.90
C HIS D 509 25.87 7.71 41.18
N GLU D 510 26.62 8.43 40.37
CA GLU D 510 26.68 9.88 40.52
C GLU D 510 25.30 10.52 40.31
N ALA D 511 24.59 10.11 39.28
CA ALA D 511 23.25 10.67 39.04
C ALA D 511 22.29 10.35 40.16
N GLU D 512 22.36 9.13 40.69
CA GLU D 512 21.52 8.77 41.84
C GLU D 512 21.70 9.74 43.03
N GLN D 513 22.96 10.06 43.32
CA GLN D 513 23.30 10.96 44.45
C GLN D 513 22.71 12.32 44.24
N VAL D 514 22.85 12.84 43.01
CA VAL D 514 22.38 14.19 42.73
C VAL D 514 20.88 14.20 42.79
N SER D 515 20.27 13.16 42.23
CA SER D 515 18.83 13.01 42.24
C SER D 515 18.20 13.00 43.65
N GLN D 516 18.79 12.18 44.49
CA GLN D 516 18.42 12.02 45.89
C GLN D 516 18.61 13.34 46.62
N SER D 517 19.77 13.94 46.45
CA SER D 517 20.08 15.20 47.13
C SER D 517 19.20 16.37 46.73
N LEU D 518 18.86 16.49 45.46
CA LEU D 518 18.11 17.63 44.99
C LEU D 518 16.63 17.37 44.86
N GLY D 519 16.23 16.12 44.98
CA GLY D 519 14.80 15.80 44.93
C GLY D 519 14.27 15.92 43.54
N ILE D 520 15.03 15.46 42.56
CA ILE D 520 14.63 15.58 41.17
C ILE D 520 14.97 14.28 40.44
N GLU D 521 14.12 13.89 39.49
CA GLU D 521 14.42 12.70 38.66
C GLU D 521 15.53 12.95 37.62
N LEU D 522 16.48 12.03 37.56
CA LEU D 522 17.51 12.01 36.59
C LEU D 522 17.58 10.60 36.02
N LYS D 523 17.06 10.36 34.80
CA LYS D 523 17.11 9.01 34.17
C LYS D 523 18.46 8.88 33.57
N VAL D 524 19.13 7.77 33.82
CA VAL D 524 20.41 7.51 33.22
C VAL D 524 20.28 6.36 32.22
N CYS D 525 20.81 6.56 31.00
CA CYS D 525 20.81 5.53 29.96
C CYS D 525 22.25 5.22 29.64
N VAL D 526 22.66 3.97 29.89
CA VAL D 526 23.96 3.45 29.55
C VAL D 526 23.78 2.66 28.26
N ILE D 527 24.28 3.27 27.17
CA ILE D 527 24.13 2.77 25.81
C ILE D 527 25.31 1.87 25.45
N GLY D 528 25.02 0.64 25.06
CA GLY D 528 26.06 -0.26 24.63
C GLY D 528 25.61 -1.71 24.40
N PRO D 529 26.53 -2.56 23.98
CA PRO D 529 26.16 -3.97 23.74
C PRO D 529 25.70 -4.68 25.04
N GLY D 530 24.60 -5.42 24.93
CA GLY D 530 24.01 -6.11 26.05
C GLY D 530 23.09 -5.26 26.89
N GLN D 531 22.95 -3.97 26.59
CA GLN D 531 22.18 -3.05 27.44
C GLN D 531 20.78 -2.91 26.96
N GLU D 532 19.96 -2.18 27.70
CA GLU D 532 18.59 -1.88 27.25
C GLU D 532 18.61 -1.16 25.87
N PHE D 533 19.56 -0.23 25.68
CA PHE D 533 19.72 0.54 24.46
C PHE D 533 21.09 0.27 23.90
N VAL D 534 21.14 -0.09 22.62
CA VAL D 534 22.34 -0.53 21.95
C VAL D 534 22.67 0.39 20.80
N ASP D 535 23.97 0.68 20.62
CA ASP D 535 24.49 1.51 19.50
C ASP D 535 24.73 0.63 18.27
N THR D 536 23.67 0.04 17.80
CA THR D 536 23.70 -1.02 16.79
C THR D 536 24.35 -0.63 15.49
N TYR D 537 24.21 0.63 15.09
CA TYR D 537 24.73 1.14 13.82
C TYR D 537 26.03 1.93 14.05
N GLY D 538 26.47 2.09 15.29
CA GLY D 538 27.62 2.93 15.58
C GLY D 538 27.40 4.43 15.50
N GLU D 539 26.15 4.87 15.30
CA GLU D 539 25.88 6.25 15.01
C GLU D 539 26.01 7.13 16.28
N TYR D 540 25.78 6.56 17.48
CA TYR D 540 25.93 7.34 18.69
C TYR D 540 27.39 7.72 18.89
N ALA D 541 28.27 6.74 18.83
CA ALA D 541 29.72 7.06 18.96
C ALA D 541 30.13 8.11 17.95
N LYS D 542 29.58 8.04 16.75
CA LYS D 542 30.01 8.95 15.69
C LYS D 542 29.51 10.39 15.94
N ILE D 543 28.33 10.54 16.54
CA ILE D 543 27.72 11.86 16.69
C ILE D 543 28.03 12.53 18.03
N SER D 544 28.53 11.77 19.04
CA SER D 544 28.46 12.32 20.40
C SER D 544 29.51 13.40 20.65
N GLU D 545 30.60 13.35 19.91
CA GLU D 545 31.75 14.28 20.01
C GLU D 545 32.57 14.09 21.30
N ILE D 546 32.28 13.05 22.05
CA ILE D 546 33.05 12.75 23.31
C ILE D 546 33.38 11.26 23.36
N GLY D 547 34.27 10.88 24.25
CA GLY D 547 34.63 9.49 24.41
C GLY D 547 33.47 8.74 25.01
N GLU D 548 33.61 7.42 25.02
CA GLU D 548 32.55 6.54 25.41
C GLU D 548 32.15 6.82 26.86
N SER D 549 33.10 7.19 27.70
CA SER D 549 32.78 7.35 29.12
C SER D 549 32.23 8.74 29.42
N GLY D 550 32.16 9.62 28.42
CA GLY D 550 31.56 10.93 28.65
C GLY D 550 30.06 10.85 28.82
N ALA D 551 29.45 11.98 29.15
CA ALA D 551 28.01 12.03 29.34
C ALA D 551 27.43 13.31 28.80
N LEU D 552 26.20 13.20 28.34
CA LEU D 552 25.35 14.37 27.98
C LEU D 552 24.13 14.38 28.85
N LEU D 553 23.88 15.53 29.50
CA LEU D 553 22.70 15.73 30.24
C LEU D 553 21.74 16.48 29.39
N VAL D 554 20.54 15.90 29.22
CA VAL D 554 19.52 16.42 28.34
C VAL D 554 18.33 16.92 29.14
N ARG D 555 17.94 18.17 28.92
CA ARG D 555 16.76 18.75 29.56
C ARG D 555 15.44 18.12 29.06
N PRO D 556 14.32 18.35 29.78
CA PRO D 556 13.02 17.96 29.32
C PRO D 556 12.60 18.48 27.96
N ASP D 557 13.16 19.62 27.50
CA ASP D 557 12.85 20.13 26.15
C ASP D 557 13.81 19.66 25.11
N MET D 558 14.67 18.71 25.47
CA MET D 558 15.57 18.05 24.54
C MET D 558 16.85 18.84 24.23
N PHE D 559 17.10 19.95 24.92
CA PHE D 559 18.38 20.67 24.78
C PHE D 559 19.45 20.12 25.73
N ILE D 560 20.70 20.07 25.26
CA ILE D 560 21.84 19.63 26.08
C ILE D 560 22.21 20.75 27.08
N ALA D 561 22.30 20.40 28.37
CA ALA D 561 22.59 21.37 29.42
C ALA D 561 23.96 21.20 29.99
N PHE D 562 24.59 20.07 29.69
CA PHE D 562 25.87 19.74 30.32
C PHE D 562 26.50 18.65 29.53
N ARG D 563 27.80 18.77 29.34
CA ARG D 563 28.54 17.77 28.64
C ARG D 563 29.81 17.52 29.43
N ALA D 564 30.16 16.27 29.59
CA ALA D 564 31.39 15.87 30.26
C ALA D 564 32.16 15.00 29.31
N LYS D 565 33.46 15.26 29.22
CA LYS D 565 34.38 14.49 28.33
C LYS D 565 34.61 13.07 28.73
N ASP D 566 34.58 12.79 30.02
CA ASP D 566 34.95 11.40 30.49
C ASP D 566 34.34 11.20 31.86
N ALA D 567 34.57 10.04 32.45
CA ALA D 567 34.03 9.75 33.77
C ALA D 567 35.15 9.76 34.85
N SER D 568 36.15 10.63 34.69
CA SER D 568 37.14 10.86 35.76
C SER D 568 36.47 11.46 36.96
N ARG D 569 37.14 11.39 38.11
CA ARG D 569 36.58 11.95 39.33
C ARG D 569 36.24 13.44 39.16
N GLU D 570 37.11 14.21 38.52
CA GLU D 570 36.87 15.64 38.31
C GLU D 570 35.61 15.81 37.43
N GLY D 571 35.49 15.01 36.38
CA GLY D 571 34.29 15.02 35.52
C GLY D 571 33.01 14.71 36.27
N LEU D 572 33.00 13.62 37.04
CA LEU D 572 31.83 13.21 37.81
C LEU D 572 31.40 14.27 38.82
N GLU D 573 32.37 14.89 39.52
CA GLU D 573 32.06 15.90 40.54
C GLU D 573 31.37 17.12 39.90
N GLN D 574 31.56 17.33 38.59
CA GLN D 574 30.92 18.54 37.96
C GLN D 574 29.39 18.39 37.79
N LEU D 575 28.88 17.15 37.82
CA LEU D 575 27.46 16.95 37.54
C LEU D 575 26.65 17.70 38.53
N ASN D 576 26.98 17.51 39.79
CA ASN D 576 26.17 18.11 40.85
C ASN D 576 26.20 19.62 40.80
N VAL D 577 27.37 20.19 40.49
CA VAL D 577 27.44 21.62 40.34
C VAL D 577 26.69 22.14 39.10
N ALA D 578 26.76 21.46 37.99
CA ALA D 578 25.91 21.86 36.82
C ALA D 578 24.45 21.81 37.12
N VAL D 579 23.96 20.70 37.68
CA VAL D 579 22.50 20.58 37.95
C VAL D 579 21.99 21.61 38.94
N LYS D 580 22.77 21.87 39.98
CA LYS D 580 22.41 22.97 40.91
C LYS D 580 22.34 24.30 40.22
N SER D 581 23.32 24.59 39.38
CA SER D 581 23.36 25.86 38.62
C SER D 581 22.19 26.01 37.67
N ILE D 582 21.88 24.94 36.97
CA ILE D 582 20.68 24.94 36.09
C ILE D 582 19.37 25.18 36.82
N LEU D 583 19.21 24.58 37.99
CA LEU D 583 18.06 24.77 38.85
C LEU D 583 18.06 26.05 39.71
N GLY D 584 19.09 26.88 39.59
CA GLY D 584 19.21 28.06 40.44
C GLY D 584 19.39 27.80 41.94
N ARG D 585 20.03 26.67 42.33
CA ARG D 585 20.14 26.19 43.74
C ARG D 585 21.58 26.00 44.33
#